data_4OGR
#
_entry.id   4OGR
#
_cell.length_a   184.908
_cell.length_b   184.908
_cell.length_c   360.399
_cell.angle_alpha   90.000
_cell.angle_beta   90.000
_cell.angle_gamma   120.000
#
_symmetry.space_group_name_H-M   'P 65 2 2'
#
loop_
_entity.id
_entity.type
_entity.pdbx_description
1 polymer 'Cyclin-dependent kinase 9'
2 polymer Cyclin-T1
3 polymer 'AF4/FMR2 family member 4'
4 polymer 'Protein Tat'
5 non-polymer ADENOSINE
6 non-polymer 'ZINC ION'
7 water water
#
loop_
_entity_poly.entity_id
_entity_poly.type
_entity_poly.pdbx_seq_one_letter_code
_entity_poly.pdbx_strand_id
1 'polypeptide(L)'
;GHMAKQYDSVECPFCDEVSKYEKLAKIGQGTFGEVFKARHRKTGQKVALKKVLMENEKEGFPITALREIKILQLLKHENV
VNLIEICRTKASPYNRCKGSIYLVFDFCEHDLAGLLSNVLVKFTLSEIKRVMQMLLNGLYYIHRNKILHRDMKAANVLIT
RDGVLKLADFGLARAFSLAKNSQPNRY(TPO)NRVVTLWYRPPELLLGERDYGPPIDLWGAGCIMAEMWTRSPIMQGNTE
QHQLALISQLCGSITPEVWPNVDNYELYEKLELVKGQKRKVKDRLKAYVRDPYALDLIDKLLVLDPAQRIDSDDALNHDF
FWSDPMPSDLKGMLST
;
A,E,I
2 'polypeptide(L)'
;MEGERKNNNKRWYFTREQLENSPSRRFGVDPDKELSYRQQAANLLQDMGQRLNVSQLTINTAIVYMHRFYMIQSFTQFPG
NSVAPAALFLAAKVEEQPKKLEHVIKVAHTCLHPQESLPDTRSEAYLQQVQDLVILESIILQTLGFELTIDHPHTHVVKC
TQLVRASKDLAQTSYFMATNSLHLTTFSLQYTPPVVACVCIHLACKWSNWEIPVSTDGKHWWEYVDATVTLELLDELTHE
FLQILEKTPNRLKRIWNWRACEAA
;
B,F,K
3 'polypeptide(L)' SNANREDRNVLRMKERERRNQEIQQGEDAFPPSSPLFAEPYKVTSKEDKLSSRIQSMLGNYDEMKDFIGDRSIPK C,G,L
4 'polypeptide(L)' (ACE)MEPVDPRLEPWKHPGSQPKTACTNCYCKKCCFHCQVCFITKALGISYGRKKRRQRRR D,H,M
#
loop_
_chem_comp.id
_chem_comp.type
_chem_comp.name
_chem_comp.formula
ACE non-polymer 'ACETYL GROUP' 'C2 H4 O'
ADN non-polymer ADENOSINE 'C10 H13 N5 O4'
ZN non-polymer 'ZINC ION' 'Zn 2'
#
# COMPACT_ATOMS: atom_id res chain seq x y z
N VAL A 10 2.27 -37.61 -5.64
CA VAL A 10 1.34 -36.55 -5.27
C VAL A 10 1.74 -35.23 -5.91
N GLU A 11 1.26 -35.01 -7.14
CA GLU A 11 1.62 -33.84 -7.94
C GLU A 11 1.38 -32.52 -7.21
N CYS A 12 2.22 -31.54 -7.54
CA CYS A 12 2.15 -30.22 -6.89
C CYS A 12 2.99 -29.21 -7.67
N PRO A 13 2.53 -28.83 -8.87
CA PRO A 13 3.29 -28.00 -9.81
C PRO A 13 3.46 -26.54 -9.41
N PHE A 14 2.57 -26.01 -8.57
CA PHE A 14 2.58 -24.58 -8.25
C PHE A 14 3.06 -24.30 -6.83
N CYS A 15 4.04 -25.08 -6.39
CA CYS A 15 4.61 -24.89 -5.06
C CYS A 15 6.01 -25.51 -5.02
N ASP A 16 7.00 -24.70 -5.33
CA ASP A 16 8.38 -25.16 -5.42
C ASP A 16 8.90 -25.59 -4.05
N GLU A 17 9.88 -26.48 -4.05
CA GLU A 17 10.51 -26.91 -2.81
C GLU A 17 11.45 -25.82 -2.29
N VAL A 18 11.46 -25.64 -0.98
CA VAL A 18 12.29 -24.63 -0.34
C VAL A 18 13.78 -24.96 -0.48
N SER A 19 14.07 -26.18 -0.92
CA SER A 19 15.45 -26.63 -1.15
C SER A 19 16.26 -25.68 -2.02
N LYS A 20 15.56 -24.94 -2.88
CA LYS A 20 16.23 -24.01 -3.79
C LYS A 20 16.96 -22.92 -3.02
N TYR A 21 16.60 -22.73 -1.76
CA TYR A 21 17.25 -21.76 -0.89
C TYR A 21 18.11 -22.49 0.14
N GLU A 22 19.20 -21.83 0.55
CA GLU A 22 20.05 -22.34 1.61
C GLU A 22 19.92 -21.46 2.85
N LYS A 23 19.45 -22.04 3.96
CA LYS A 23 19.33 -21.28 5.20
C LYS A 23 20.71 -20.87 5.69
N LEU A 24 20.83 -19.63 6.15
CA LEU A 24 22.10 -19.10 6.62
C LEU A 24 22.08 -18.87 8.12
N ALA A 25 20.94 -18.40 8.64
CA ALA A 25 20.83 -18.13 10.06
C ALA A 25 19.39 -17.86 10.49
N LYS A 26 19.12 -18.02 11.78
CA LYS A 26 17.84 -17.64 12.36
C LYS A 26 17.86 -16.13 12.54
N ILE A 27 16.70 -15.49 12.39
CA ILE A 27 16.64 -14.03 12.49
C ILE A 27 15.36 -13.55 13.19
N GLY A 28 14.93 -14.29 14.21
CA GLY A 28 13.79 -13.89 15.03
C GLY A 28 12.56 -14.76 14.89
N GLN A 29 11.58 -14.48 15.75
CA GLN A 29 10.32 -15.21 15.79
C GLN A 29 9.16 -14.35 15.27
N GLY A 30 8.43 -14.88 14.29
CA GLY A 30 7.35 -14.13 13.67
C GLY A 30 6.00 -14.34 14.36
N THR A 31 4.95 -13.80 13.75
CA THR A 31 3.59 -13.92 14.29
C THR A 31 3.19 -15.37 14.49
N PHE A 32 3.68 -16.25 13.61
CA PHE A 32 3.27 -17.65 13.61
C PHE A 32 4.39 -18.60 13.22
N GLY A 33 5.63 -18.13 13.28
CA GLY A 33 6.73 -18.95 12.81
C GLY A 33 8.14 -18.55 13.23
N GLU A 34 9.10 -19.33 12.75
CA GLU A 34 10.50 -18.98 12.83
C GLU A 34 10.89 -18.32 11.52
N VAL A 35 11.83 -17.38 11.58
CA VAL A 35 12.26 -16.66 10.39
C VAL A 35 13.75 -16.91 10.18
N PHE A 36 14.11 -17.22 8.94
CA PHE A 36 15.51 -17.50 8.59
C PHE A 36 15.96 -16.62 7.44
N LYS A 37 17.22 -16.18 7.50
CA LYS A 37 17.85 -15.60 6.33
C LYS A 37 18.41 -16.74 5.46
N ALA A 38 18.18 -16.65 4.16
CA ALA A 38 18.66 -17.67 3.23
C ALA A 38 19.05 -17.04 1.90
N ARG A 39 19.88 -17.74 1.13
CA ARG A 39 20.27 -17.25 -0.20
C ARG A 39 19.97 -18.32 -1.22
N HIS A 40 19.49 -17.90 -2.39
CA HIS A 40 19.24 -18.82 -3.48
C HIS A 40 20.53 -19.49 -3.89
N ARG A 41 20.49 -20.82 -3.99
CA ARG A 41 21.69 -21.63 -4.18
C ARG A 41 22.47 -21.31 -5.46
N LYS A 42 21.75 -20.97 -6.52
CA LYS A 42 22.39 -20.74 -7.81
C LYS A 42 22.68 -19.26 -8.10
N THR A 43 21.79 -18.37 -7.70
CA THR A 43 21.91 -16.94 -8.02
C THR A 43 22.44 -16.12 -6.85
N GLY A 44 22.33 -16.66 -5.64
CA GLY A 44 22.80 -15.98 -4.45
C GLY A 44 21.83 -14.95 -3.92
N GLN A 45 20.65 -14.87 -4.55
CA GLN A 45 19.62 -13.93 -4.11
C GLN A 45 19.20 -14.22 -2.68
N LYS A 46 19.23 -13.21 -1.83
CA LYS A 46 18.84 -13.35 -0.43
C LYS A 46 17.33 -13.25 -0.25
N VAL A 47 16.80 -14.06 0.65
CA VAL A 47 15.37 -14.04 0.99
C VAL A 47 15.21 -14.27 2.48
N ALA A 48 14.00 -14.01 2.98
CA ALA A 48 13.64 -14.37 4.35
C ALA A 48 12.57 -15.46 4.31
N LEU A 49 12.90 -16.62 4.87
CA LEU A 49 11.96 -17.73 4.96
C LEU A 49 11.24 -17.69 6.29
N LYS A 50 9.94 -17.44 6.24
CA LYS A 50 9.11 -17.43 7.44
C LYS A 50 8.32 -18.74 7.46
N LYS A 51 8.69 -19.61 8.39
CA LYS A 51 8.14 -20.97 8.47
C LYS A 51 6.80 -21.03 9.18
N VAL A 52 5.78 -21.53 8.51
CA VAL A 52 4.48 -21.69 9.16
C VAL A 52 4.56 -22.87 10.10
N LEU A 53 4.49 -22.58 11.40
CA LEU A 53 4.64 -23.60 12.43
C LEU A 53 3.30 -24.27 12.70
N MET A 54 3.03 -25.38 12.00
CA MET A 54 1.81 -26.11 12.24
C MET A 54 1.95 -27.03 13.44
N GLU A 55 2.28 -26.43 14.57
CA GLU A 55 2.25 -27.09 15.87
C GLU A 55 0.79 -27.04 16.28
N ASN A 56 0.19 -25.89 15.98
CA ASN A 56 -1.22 -25.65 16.26
C ASN A 56 -2.09 -26.28 15.18
N GLU A 57 -2.14 -27.61 15.19
CA GLU A 57 -3.03 -28.36 14.31
C GLU A 57 -4.43 -28.40 14.89
N LYS A 58 -4.69 -27.54 15.88
CA LYS A 58 -6.00 -27.49 16.51
C LYS A 58 -6.99 -26.83 15.56
N GLU A 59 -6.50 -25.86 14.79
CA GLU A 59 -7.32 -25.19 13.78
C GLU A 59 -6.66 -25.18 12.40
N GLY A 60 -5.82 -26.18 12.15
CA GLY A 60 -5.21 -26.35 10.84
C GLY A 60 -4.31 -25.19 10.48
N PHE A 61 -4.25 -24.87 9.18
CA PHE A 61 -3.42 -23.77 8.72
C PHE A 61 -3.91 -22.46 9.35
N PRO A 62 -2.99 -21.70 9.97
CA PRO A 62 -3.48 -20.54 10.73
C PRO A 62 -4.12 -19.47 9.85
N ILE A 63 -5.33 -19.05 10.21
CA ILE A 63 -6.02 -17.97 9.51
C ILE A 63 -5.13 -16.73 9.51
N THR A 64 -4.32 -16.60 10.56
CA THR A 64 -3.40 -15.49 10.70
C THR A 64 -2.41 -15.46 9.54
N ALA A 65 -1.92 -16.64 9.16
CA ALA A 65 -0.98 -16.75 8.03
C ALA A 65 -1.72 -16.58 6.70
N LEU A 66 -2.95 -17.08 6.64
CA LEU A 66 -3.77 -16.97 5.43
C LEU A 66 -4.01 -15.52 5.07
N ARG A 67 -4.28 -14.69 6.07
CA ARG A 67 -4.50 -13.27 5.86
C ARG A 67 -3.24 -12.60 5.29
N GLU A 68 -2.08 -12.92 5.86
CA GLU A 68 -0.83 -12.33 5.39
C GLU A 68 -0.59 -12.65 3.91
N ILE A 69 -0.81 -13.90 3.54
CA ILE A 69 -0.60 -14.33 2.17
C ILE A 69 -1.56 -13.62 1.22
N LYS A 70 -2.83 -13.59 1.59
CA LYS A 70 -3.85 -12.88 0.81
C LYS A 70 -3.48 -11.42 0.65
N ILE A 71 -3.19 -10.76 1.77
CA ILE A 71 -2.95 -9.32 1.77
C ILE A 71 -1.72 -8.92 0.98
N LEU A 72 -0.63 -9.67 1.12
CA LEU A 72 0.63 -9.30 0.48
C LEU A 72 0.64 -9.63 -1.01
N GLN A 73 -0.28 -10.50 -1.44
CA GLN A 73 -0.45 -10.75 -2.86
C GLN A 73 -1.12 -9.53 -3.48
N LEU A 74 -1.92 -8.83 -2.67
CA LEU A 74 -2.61 -7.61 -3.11
C LEU A 74 -1.67 -6.41 -3.06
N LEU A 75 -1.16 -6.12 -1.86
CA LEU A 75 -0.36 -4.92 -1.63
C LEU A 75 0.99 -4.98 -2.33
N LYS A 76 1.26 -3.94 -3.11
CA LYS A 76 2.56 -3.78 -3.75
C LYS A 76 2.97 -2.31 -3.65
N HIS A 77 3.98 -2.04 -2.84
CA HIS A 77 4.41 -0.68 -2.59
C HIS A 77 5.87 -0.67 -2.15
N GLU A 78 6.55 0.45 -2.36
CA GLU A 78 7.97 0.54 -2.10
C GLU A 78 8.30 0.44 -0.61
N ASN A 79 7.30 0.74 0.23
CA ASN A 79 7.48 0.71 1.67
C ASN A 79 6.70 -0.41 2.34
N VAL A 80 6.29 -1.40 1.55
CA VAL A 80 5.70 -2.62 2.06
C VAL A 80 6.58 -3.80 1.66
N VAL A 81 6.84 -4.69 2.61
CA VAL A 81 7.70 -5.85 2.36
C VAL A 81 7.11 -6.70 1.24
N ASN A 82 7.98 -7.39 0.51
CA ASN A 82 7.55 -8.12 -0.68
C ASN A 82 7.54 -9.62 -0.51
N LEU A 83 6.38 -10.23 -0.76
CA LEU A 83 6.25 -11.68 -0.79
C LEU A 83 6.63 -12.19 -2.17
N ILE A 84 7.56 -13.14 -2.23
CA ILE A 84 8.05 -13.68 -3.49
C ILE A 84 7.22 -14.90 -3.89
N GLU A 85 7.19 -15.89 -3.01
CA GLU A 85 6.49 -17.13 -3.27
C GLU A 85 6.23 -17.88 -1.97
N ILE A 86 5.64 -19.05 -2.09
CA ILE A 86 5.41 -19.93 -0.94
C ILE A 86 5.97 -21.31 -1.27
N CYS A 87 6.80 -21.82 -0.38
CA CYS A 87 7.51 -23.07 -0.62
C CYS A 87 7.15 -24.13 0.41
N ARG A 88 7.47 -25.38 0.08
CA ARG A 88 7.13 -26.53 0.91
C ARG A 88 8.38 -27.36 1.20
N THR A 89 8.21 -28.38 2.03
CA THR A 89 9.26 -29.37 2.28
C THR A 89 8.74 -30.75 1.89
N LYS A 90 9.63 -31.57 1.33
CA LYS A 90 9.29 -32.95 0.97
C LYS A 90 9.00 -33.79 2.22
N GLY A 99 4.11 -32.00 5.57
CA GLY A 99 5.25 -31.12 5.39
C GLY A 99 5.00 -29.72 5.92
N SER A 100 6.07 -28.94 6.05
CA SER A 100 5.98 -27.56 6.51
C SER A 100 5.97 -26.58 5.35
N ILE A 101 5.38 -25.40 5.58
CA ILE A 101 5.27 -24.35 4.57
C ILE A 101 6.18 -23.17 4.92
N TYR A 102 6.80 -22.58 3.91
CA TYR A 102 7.63 -21.40 4.09
C TYR A 102 7.14 -20.23 3.24
N LEU A 103 6.90 -19.10 3.89
CA LEU A 103 6.66 -17.84 3.16
C LEU A 103 8.01 -17.25 2.79
N VAL A 104 8.18 -16.92 1.51
CA VAL A 104 9.46 -16.40 1.00
C VAL A 104 9.36 -14.90 0.69
N PHE A 105 10.09 -14.10 1.47
CA PHE A 105 10.11 -12.65 1.29
C PHE A 105 11.44 -12.17 0.72
N ASP A 106 11.42 -10.99 0.11
CA ASP A 106 12.66 -10.30 -0.20
C ASP A 106 13.37 -9.90 1.09
N PHE A 107 14.66 -10.18 1.17
CA PHE A 107 15.40 -9.95 2.41
C PHE A 107 15.80 -8.48 2.61
N CYS A 108 15.75 -8.03 3.87
CA CYS A 108 16.20 -6.69 4.24
C CYS A 108 17.31 -6.81 5.27
N GLU A 109 18.39 -6.05 5.06
CA GLU A 109 19.57 -6.17 5.89
C GLU A 109 19.30 -5.82 7.35
N HIS A 110 18.47 -4.80 7.60
CA HIS A 110 18.24 -4.28 8.94
C HIS A 110 16.77 -4.26 9.34
N ASP A 111 16.53 -4.22 10.65
CA ASP A 111 15.22 -3.89 11.19
C ASP A 111 15.41 -2.74 12.17
N LEU A 112 14.41 -1.86 12.25
CA LEU A 112 14.56 -0.61 12.99
C LEU A 112 14.88 -0.85 14.45
N ALA A 113 14.26 -1.85 15.05
CA ALA A 113 14.52 -2.16 16.46
C ALA A 113 16.00 -2.46 16.69
N GLY A 114 16.56 -3.30 15.82
CA GLY A 114 17.96 -3.65 15.89
C GLY A 114 18.88 -2.46 15.80
N LEU A 115 18.59 -1.57 14.85
CA LEU A 115 19.39 -0.37 14.63
C LEU A 115 19.37 0.52 15.86
N LEU A 116 18.19 0.69 16.46
CA LEU A 116 18.05 1.57 17.61
C LEU A 116 18.77 1.02 18.83
N SER A 117 18.91 -0.31 18.89
CA SER A 117 19.60 -0.97 19.99
C SER A 117 21.10 -0.95 19.74
N ASN A 118 21.50 -0.86 18.48
CA ASN A 118 22.90 -0.83 18.13
C ASN A 118 23.49 0.52 18.50
N VAL A 119 24.51 0.49 19.33
CA VAL A 119 25.09 1.70 19.89
C VAL A 119 25.93 2.44 18.86
N LEU A 120 26.44 1.71 17.88
CA LEU A 120 27.28 2.29 16.85
C LEU A 120 26.48 3.04 15.79
N VAL A 121 25.16 2.81 15.76
CA VAL A 121 24.29 3.48 14.81
C VAL A 121 23.85 4.83 15.36
N LYS A 122 24.12 5.90 14.60
CA LYS A 122 23.74 7.25 15.00
C LYS A 122 22.88 7.90 13.91
N PHE A 123 21.71 8.39 14.29
CA PHE A 123 20.81 9.07 13.36
C PHE A 123 20.96 10.59 13.42
N THR A 124 21.11 11.21 12.25
CA THR A 124 20.96 12.66 12.15
C THR A 124 19.46 12.96 12.12
N LEU A 125 19.08 14.20 12.44
CA LEU A 125 17.68 14.59 12.40
C LEU A 125 17.11 14.35 11.01
N SER A 126 17.90 14.70 10.01
CA SER A 126 17.51 14.53 8.62
C SER A 126 17.14 13.08 8.30
N GLU A 127 17.90 12.14 8.86
CA GLU A 127 17.69 10.74 8.60
C GLU A 127 16.45 10.21 9.31
N ILE A 128 16.19 10.72 10.51
CA ILE A 128 14.98 10.35 11.24
C ILE A 128 13.75 10.78 10.47
N LYS A 129 13.76 12.02 9.98
CA LYS A 129 12.67 12.53 9.17
C LYS A 129 12.36 11.59 8.01
N ARG A 130 13.41 11.08 7.37
CA ARG A 130 13.25 10.21 6.22
C ARG A 130 12.65 8.87 6.60
N VAL A 131 13.04 8.36 7.76
CA VAL A 131 12.52 7.10 8.25
C VAL A 131 11.03 7.22 8.53
N MET A 132 10.64 8.29 9.22
CA MET A 132 9.24 8.50 9.56
C MET A 132 8.43 8.79 8.31
N GLN A 133 9.06 9.43 7.34
CA GLN A 133 8.39 9.76 6.07
C GLN A 133 8.03 8.48 5.32
N MET A 134 8.99 7.57 5.20
CA MET A 134 8.78 6.29 4.53
C MET A 134 7.76 5.44 5.29
N LEU A 135 7.84 5.48 6.61
CA LEU A 135 6.92 4.72 7.44
C LEU A 135 5.48 5.14 7.22
N LEU A 136 5.23 6.44 7.32
CA LEU A 136 3.89 6.98 7.17
C LEU A 136 3.40 6.88 5.73
N ASN A 137 4.33 6.88 4.79
CA ASN A 137 3.99 6.65 3.39
C ASN A 137 3.46 5.24 3.20
N GLY A 138 4.12 4.28 3.86
CA GLY A 138 3.68 2.91 3.82
C GLY A 138 2.32 2.74 4.48
N LEU A 139 2.16 3.33 5.65
CA LEU A 139 0.89 3.25 6.37
C LEU A 139 -0.22 3.90 5.56
N TYR A 140 0.10 5.00 4.90
CA TYR A 140 -0.86 5.71 4.09
C TYR A 140 -1.36 4.77 2.98
N TYR A 141 -0.46 3.99 2.42
CA TYR A 141 -0.80 3.15 1.28
C TYR A 141 -1.69 1.98 1.69
N ILE A 142 -1.31 1.28 2.75
CA ILE A 142 -2.06 0.10 3.16
C ILE A 142 -3.43 0.48 3.70
N HIS A 143 -3.54 1.67 4.29
CA HIS A 143 -4.80 2.12 4.83
C HIS A 143 -5.79 2.46 3.73
N ARG A 144 -5.31 3.10 2.67
CA ARG A 144 -6.17 3.44 1.54
C ARG A 144 -6.58 2.21 0.75
N ASN A 145 -5.85 1.10 0.95
CA ASN A 145 -6.23 -0.18 0.37
C ASN A 145 -7.02 -1.01 1.37
N LYS A 146 -7.56 -0.35 2.38
CA LYS A 146 -8.42 -0.99 3.37
C LYS A 146 -7.73 -2.14 4.09
N ILE A 147 -6.51 -1.90 4.57
CA ILE A 147 -5.77 -2.88 5.36
C ILE A 147 -5.25 -2.24 6.65
N LEU A 148 -5.49 -2.90 7.78
CA LEU A 148 -4.88 -2.51 9.04
C LEU A 148 -3.67 -3.40 9.31
N HIS A 149 -2.57 -2.81 9.77
CA HIS A 149 -1.38 -3.59 10.08
C HIS A 149 -1.53 -4.29 11.43
N ARG A 150 -1.97 -3.53 12.42
CA ARG A 150 -2.30 -4.05 13.75
C ARG A 150 -1.12 -4.67 14.50
N ASP A 151 0.09 -4.20 14.21
CA ASP A 151 1.27 -4.64 14.95
C ASP A 151 2.46 -3.72 14.68
N MET A 152 2.21 -2.42 14.70
CA MET A 152 3.26 -1.44 14.47
C MET A 152 4.22 -1.42 15.65
N LYS A 153 5.46 -1.79 15.39
CA LYS A 153 6.52 -1.73 16.38
C LYS A 153 7.85 -1.72 15.64
N ALA A 154 8.89 -1.21 16.31
CA ALA A 154 10.19 -1.04 15.68
C ALA A 154 10.68 -2.33 15.02
N ALA A 155 10.42 -3.46 15.66
CA ALA A 155 10.91 -4.75 15.17
C ALA A 155 10.22 -5.20 13.88
N ASN A 156 9.06 -4.62 13.57
CA ASN A 156 8.33 -4.96 12.36
C ASN A 156 8.56 -3.93 11.25
N VAL A 157 9.56 -3.08 11.44
CA VAL A 157 9.96 -2.11 10.43
C VAL A 157 11.34 -2.47 9.91
N LEU A 158 11.41 -2.92 8.66
CA LEU A 158 12.68 -3.32 8.07
C LEU A 158 13.27 -2.20 7.21
N ILE A 159 14.60 -2.21 7.07
CA ILE A 159 15.28 -1.26 6.21
C ILE A 159 16.36 -2.00 5.42
N THR A 160 16.31 -1.85 4.09
CA THR A 160 17.22 -2.54 3.20
C THR A 160 18.61 -1.88 3.22
N ARG A 161 19.56 -2.47 2.50
CA ARG A 161 20.92 -1.93 2.44
C ARG A 161 20.92 -0.54 1.83
N ASP A 162 20.00 -0.29 0.92
CA ASP A 162 19.93 0.98 0.22
C ASP A 162 19.09 2.00 0.96
N GLY A 163 18.76 1.69 2.22
CA GLY A 163 18.06 2.63 3.08
C GLY A 163 16.59 2.81 2.75
N VAL A 164 15.93 1.75 2.29
CA VAL A 164 14.52 1.78 1.97
C VAL A 164 13.71 1.06 3.03
N LEU A 165 12.85 1.80 3.72
CA LEU A 165 12.07 1.25 4.82
C LEU A 165 10.94 0.37 4.30
N LYS A 166 10.69 -0.74 4.99
CA LYS A 166 9.64 -1.69 4.61
C LYS A 166 8.80 -2.11 5.82
N LEU A 167 7.50 -1.87 5.75
CA LEU A 167 6.59 -2.42 6.75
C LEU A 167 6.54 -3.94 6.55
N ALA A 168 6.54 -4.70 7.64
CA ALA A 168 6.66 -6.14 7.53
C ALA A 168 5.86 -6.88 8.61
N ASP A 169 5.80 -8.20 8.45
CA ASP A 169 5.04 -9.07 9.34
C ASP A 169 3.57 -8.69 9.37
N PHE A 170 2.87 -9.00 8.29
CA PHE A 170 1.44 -8.74 8.17
C PHE A 170 0.61 -9.91 8.73
N GLY A 171 1.25 -10.75 9.55
CA GLY A 171 0.57 -11.87 10.15
C GLY A 171 -0.61 -11.45 11.01
N LEU A 172 -0.57 -10.22 11.51
CA LEU A 172 -1.61 -9.69 12.37
C LEU A 172 -2.54 -8.74 11.64
N ALA A 173 -2.31 -8.57 10.34
CA ALA A 173 -3.07 -7.63 9.54
C ALA A 173 -4.44 -8.19 9.14
N ARG A 174 -5.34 -7.30 8.71
CA ARG A 174 -6.63 -7.71 8.18
C ARG A 174 -7.25 -6.59 7.35
N ALA A 175 -8.29 -6.92 6.60
CA ALA A 175 -9.05 -5.91 5.87
C ALA A 175 -10.06 -5.30 6.82
N PHE A 176 -10.44 -4.05 6.55
CA PHE A 176 -11.44 -3.38 7.37
C PHE A 176 -12.43 -2.63 6.49
N SER A 177 -13.50 -2.15 7.13
CA SER A 177 -14.61 -1.55 6.40
C SER A 177 -14.94 -0.13 6.84
N LEU A 178 -15.56 0.60 5.92
CA LEU A 178 -16.08 1.93 6.18
C LEU A 178 -17.60 1.79 6.22
N ALA A 179 -18.05 0.89 7.09
CA ALA A 179 -19.38 0.31 7.03
C ALA A 179 -20.29 0.76 8.18
N LYS A 180 -21.52 1.22 7.90
CA LYS A 180 -22.02 1.63 6.60
C LYS A 180 -22.95 2.79 6.88
N ASN A 181 -22.59 3.57 7.90
CA ASN A 181 -23.49 4.51 8.56
C ASN A 181 -24.53 3.64 9.29
N SER A 182 -24.13 2.41 9.60
CA SER A 182 -25.04 1.37 10.07
C SER A 182 -24.33 0.39 11.01
N GLN A 183 -24.70 -0.89 10.91
CA GLN A 183 -24.16 -1.95 11.77
C GLN A 183 -22.63 -1.92 11.84
N PRO A 184 -22.07 -1.64 13.03
CA PRO A 184 -20.61 -1.56 13.09
C PRO A 184 -19.90 -2.91 13.15
N ASN A 185 -18.63 -2.90 12.77
CA ASN A 185 -17.79 -4.10 12.78
C ASN A 185 -17.43 -4.55 14.19
N ARG A 186 -17.19 -5.85 14.36
CA ARG A 186 -16.67 -6.38 15.61
C ARG A 186 -15.34 -7.10 15.36
N TYR A 187 -14.31 -6.31 15.07
CA TYR A 187 -12.98 -6.85 14.82
C TYR A 187 -12.40 -7.46 16.09
N TPO A 188 -11.24 -8.10 15.96
CA TPO A 188 -10.55 -8.68 17.12
CB TPO A 188 -9.45 -9.62 16.66
CG2 TPO A 188 -8.75 -10.24 17.88
OG1 TPO A 188 -10.03 -10.67 15.90
P TPO A 188 -9.49 -10.60 14.39
O1P TPO A 188 -8.02 -10.75 14.37
O2P TPO A 188 -10.15 -11.81 13.55
O3P TPO A 188 -9.91 -9.20 13.72
C TPO A 188 -9.99 -7.55 17.97
O TPO A 188 -9.33 -6.65 17.45
H TPO A 188 -10.83 -8.22 15.22
HA TPO A 188 -11.20 -9.18 17.66
HB TPO A 188 -8.73 -9.08 16.06
HG21 TPO A 188 -7.97 -10.91 17.54
HG22 TPO A 188 -9.48 -10.80 18.47
HG23 TPO A 188 -8.31 -9.44 18.49
N ASN A 189 -10.25 -7.59 19.27
CA ASN A 189 -9.86 -6.49 20.15
C ASN A 189 -8.42 -6.57 20.63
N ARG A 190 -8.04 -7.70 21.21
CA ARG A 190 -6.68 -7.88 21.71
C ARG A 190 -5.71 -8.09 20.56
N VAL A 191 -5.34 -7.00 19.90
CA VAL A 191 -4.34 -7.01 18.84
C VAL A 191 -3.34 -5.87 19.08
N VAL A 192 -2.26 -5.88 18.30
CA VAL A 192 -1.15 -4.94 18.47
C VAL A 192 -0.38 -5.29 19.74
N THR A 193 0.94 -5.38 19.62
CA THR A 193 1.81 -5.63 20.76
C THR A 193 1.48 -4.62 21.86
N LEU A 194 1.38 -5.10 23.09
CA LEU A 194 0.84 -4.32 24.20
C LEU A 194 1.46 -2.93 24.33
N TRP A 195 2.79 -2.86 24.19
CA TRP A 195 3.51 -1.61 24.37
C TRP A 195 3.06 -0.56 23.35
N TYR A 196 2.74 -1.00 22.14
CA TYR A 196 2.35 -0.11 21.07
C TYR A 196 0.84 -0.08 20.84
N ARG A 197 0.09 -0.65 21.78
CA ARG A 197 -1.36 -0.74 21.63
C ARG A 197 -2.01 0.58 22.05
N PRO A 198 -2.94 1.10 21.24
CA PRO A 198 -3.59 2.37 21.58
C PRO A 198 -4.64 2.25 22.68
N PRO A 199 -5.08 3.38 23.24
CA PRO A 199 -6.06 3.40 24.34
C PRO A 199 -7.39 2.72 24.01
N GLU A 200 -7.96 3.01 22.84
CA GLU A 200 -9.29 2.51 22.50
C GLU A 200 -9.34 0.99 22.52
N LEU A 201 -8.27 0.34 22.09
CA LEU A 201 -8.20 -1.12 22.12
C LEU A 201 -8.17 -1.64 23.55
N LEU A 202 -7.49 -0.91 24.43
CA LEU A 202 -7.38 -1.32 25.82
C LEU A 202 -8.71 -1.13 26.54
N LEU A 203 -9.54 -0.23 26.01
CA LEU A 203 -10.88 0.00 26.54
C LEU A 203 -11.92 -0.91 25.86
N GLY A 204 -11.44 -1.81 25.01
CA GLY A 204 -12.28 -2.85 24.45
C GLY A 204 -12.96 -2.52 23.14
N GLU A 205 -12.47 -1.50 22.44
CA GLU A 205 -13.03 -1.13 21.14
C GLU A 205 -12.86 -2.27 20.14
N ARG A 206 -13.93 -2.56 19.40
CA ARG A 206 -13.89 -3.60 18.36
C ARG A 206 -14.29 -3.03 17.00
N ASP A 207 -14.65 -1.75 16.97
CA ASP A 207 -15.01 -1.05 15.74
C ASP A 207 -14.00 0.05 15.44
N TYR A 208 -12.73 -0.34 15.46
CA TYR A 208 -11.62 0.61 15.26
C TYR A 208 -11.22 0.71 13.79
N GLY A 209 -10.13 1.43 13.53
CA GLY A 209 -9.68 1.65 12.17
C GLY A 209 -8.22 2.03 12.09
N PRO A 210 -7.81 2.68 10.98
CA PRO A 210 -6.42 3.09 10.75
C PRO A 210 -5.72 3.82 11.91
N PRO A 211 -6.45 4.63 12.70
CA PRO A 211 -5.78 5.31 13.81
C PRO A 211 -4.93 4.42 14.74
N ILE A 212 -5.25 3.14 14.88
CA ILE A 212 -4.51 2.30 15.81
C ILE A 212 -3.08 2.11 15.34
N ASP A 213 -2.88 2.14 14.03
CA ASP A 213 -1.56 2.01 13.46
C ASP A 213 -0.76 3.28 13.67
N LEU A 214 -1.45 4.42 13.63
CA LEU A 214 -0.78 5.70 13.77
C LEU A 214 -0.40 6.01 15.21
N TRP A 215 -1.09 5.38 16.16
CA TRP A 215 -0.66 5.42 17.55
C TRP A 215 0.72 4.79 17.65
N GLY A 216 0.87 3.63 17.02
CA GLY A 216 2.13 2.93 16.97
C GLY A 216 3.22 3.75 16.30
N ALA A 217 2.85 4.48 15.25
CA ALA A 217 3.79 5.34 14.53
C ALA A 217 4.35 6.40 15.48
N GLY A 218 3.48 6.94 16.33
CA GLY A 218 3.88 7.88 17.35
C GLY A 218 4.84 7.25 18.34
N CYS A 219 4.50 6.05 18.81
CA CYS A 219 5.36 5.32 19.73
C CYS A 219 6.72 5.05 19.12
N ILE A 220 6.73 4.68 17.84
CA ILE A 220 7.99 4.41 17.15
C ILE A 220 8.77 5.70 16.93
N MET A 221 8.07 6.78 16.63
CA MET A 221 8.75 8.04 16.35
C MET A 221 9.47 8.55 17.59
N ALA A 222 8.85 8.33 18.76
CA ALA A 222 9.49 8.71 20.01
C ALA A 222 10.75 7.87 20.23
N GLU A 223 10.70 6.61 19.81
CA GLU A 223 11.82 5.70 20.01
C GLU A 223 13.04 6.11 19.21
N MET A 224 12.82 6.86 18.14
CA MET A 224 13.92 7.31 17.28
C MET A 224 14.91 8.15 18.07
N TRP A 225 14.44 8.77 19.15
CA TRP A 225 15.27 9.60 20.01
C TRP A 225 15.54 8.98 21.37
N THR A 226 14.58 8.24 21.91
CA THR A 226 14.75 7.63 23.24
C THR A 226 15.54 6.33 23.15
N ARG A 227 15.58 5.73 21.96
CA ARG A 227 16.27 4.47 21.74
C ARG A 227 15.75 3.37 22.66
N SER A 228 14.53 3.55 23.15
CA SER A 228 13.90 2.58 24.03
C SER A 228 12.39 2.83 24.09
N PRO A 229 11.57 1.77 23.93
CA PRO A 229 10.10 1.91 23.96
C PRO A 229 9.60 2.75 25.13
N ILE A 230 8.71 3.70 24.85
CA ILE A 230 8.38 4.74 25.82
C ILE A 230 7.34 4.32 26.86
N MET A 231 6.59 3.26 26.58
CA MET A 231 5.58 2.76 27.51
C MET A 231 5.57 1.23 27.55
N GLN A 232 6.36 0.65 28.45
CA GLN A 232 6.53 -0.79 28.52
C GLN A 232 5.69 -1.44 29.61
N GLY A 233 4.38 -1.52 29.38
CA GLY A 233 3.49 -2.15 30.33
C GLY A 233 3.59 -3.66 30.34
N ASN A 234 3.08 -4.27 31.40
CA ASN A 234 3.10 -5.73 31.57
C ASN A 234 1.70 -6.32 31.52
N THR A 235 0.70 -5.46 31.70
CA THR A 235 -0.69 -5.86 31.58
C THR A 235 -1.46 -4.74 30.88
N GLU A 236 -2.68 -5.02 30.46
CA GLU A 236 -3.49 -4.03 29.76
C GLU A 236 -3.77 -2.83 30.67
N GLN A 237 -3.96 -3.09 31.97
CA GLN A 237 -4.20 -2.01 32.91
C GLN A 237 -2.93 -1.20 33.14
N HIS A 238 -1.81 -1.89 33.30
CA HIS A 238 -0.52 -1.22 33.45
C HIS A 238 -0.23 -0.32 32.26
N GLN A 239 -0.45 -0.84 31.06
CA GLN A 239 -0.22 -0.08 29.85
C GLN A 239 -1.11 1.16 29.83
N LEU A 240 -2.36 0.98 30.26
CA LEU A 240 -3.31 2.09 30.32
C LEU A 240 -2.85 3.14 31.30
N ALA A 241 -2.30 2.68 32.42
CA ALA A 241 -1.78 3.58 33.45
C ALA A 241 -0.63 4.40 32.90
N LEU A 242 0.32 3.73 32.24
CA LEU A 242 1.45 4.41 31.64
C LEU A 242 0.99 5.45 30.62
N ILE A 243 -0.02 5.10 29.83
CA ILE A 243 -0.56 6.02 28.84
C ILE A 243 -1.17 7.24 29.52
N SER A 244 -1.92 6.99 30.59
CA SER A 244 -2.57 8.08 31.33
C SER A 244 -1.53 9.04 31.90
N GLN A 245 -0.47 8.48 32.50
CA GLN A 245 0.61 9.29 33.06
C GLN A 245 1.24 10.18 32.01
N LEU A 246 1.41 9.65 30.81
CA LEU A 246 2.14 10.33 29.75
C LEU A 246 1.25 11.23 28.89
N CYS A 247 0.07 10.74 28.55
CA CYS A 247 -0.80 11.42 27.61
C CYS A 247 -1.90 12.21 28.30
N GLY A 248 -2.00 12.07 29.62
CA GLY A 248 -3.03 12.74 30.39
C GLY A 248 -4.16 11.77 30.73
N SER A 249 -4.98 12.15 31.68
CA SER A 249 -6.04 11.27 32.14
C SER A 249 -7.11 11.11 31.06
N ILE A 250 -7.67 9.90 30.97
CA ILE A 250 -8.71 9.60 30.00
C ILE A 250 -10.05 10.09 30.50
N THR A 251 -10.56 11.15 29.90
CA THR A 251 -11.80 11.77 30.35
C THR A 251 -12.68 12.22 29.18
N PRO A 252 -14.01 12.24 29.37
CA PRO A 252 -14.94 12.71 28.34
C PRO A 252 -14.61 14.11 27.83
N GLU A 253 -13.93 14.90 28.67
CA GLU A 253 -13.59 16.27 28.30
C GLU A 253 -12.58 16.28 27.16
N VAL A 254 -11.67 15.32 27.20
CA VAL A 254 -10.61 15.21 26.20
C VAL A 254 -10.89 14.09 25.19
N TRP A 255 -11.91 13.29 25.48
CA TRP A 255 -12.25 12.13 24.65
C TRP A 255 -13.75 11.86 24.73
N PRO A 256 -14.56 12.65 24.00
CA PRO A 256 -16.02 12.52 24.00
C PRO A 256 -16.52 11.09 23.83
N ASN A 257 -17.50 10.72 24.64
CA ASN A 257 -18.19 9.43 24.53
C ASN A 257 -17.31 8.24 24.94
N VAL A 258 -16.17 8.52 25.58
CA VAL A 258 -15.35 7.45 26.13
C VAL A 258 -16.12 6.80 27.29
N ASP A 259 -17.12 7.52 27.81
CA ASP A 259 -18.01 6.99 28.85
C ASP A 259 -18.64 5.68 28.41
N ASN A 260 -18.96 5.61 27.12
CA ASN A 260 -19.75 4.53 26.58
C ASN A 260 -19.06 3.18 26.60
N TYR A 261 -17.74 3.18 26.79
CA TYR A 261 -17.02 1.92 26.90
C TYR A 261 -17.46 1.21 28.18
N GLU A 262 -17.89 -0.04 28.02
CA GLU A 262 -18.35 -0.84 29.13
C GLU A 262 -17.33 -0.89 30.27
N LEU A 263 -16.05 -0.84 29.92
CA LEU A 263 -14.98 -1.04 30.89
C LEU A 263 -14.36 0.29 31.36
N TYR A 264 -14.93 1.41 30.93
CA TYR A 264 -14.38 2.72 31.28
C TYR A 264 -14.37 2.97 32.80
N GLU A 265 -15.43 2.54 33.48
CA GLU A 265 -15.50 2.65 34.95
C GLU A 265 -15.08 1.35 35.64
N LYS A 266 -15.22 0.24 34.94
CA LYS A 266 -14.86 -1.07 35.48
C LYS A 266 -13.37 -1.19 35.78
N LEU A 267 -12.57 -0.30 35.19
CA LEU A 267 -11.11 -0.34 35.33
C LEU A 267 -10.51 0.67 36.29
N GLU A 268 -11.25 1.72 36.61
CA GLU A 268 -10.80 2.77 37.51
C GLU A 268 -9.52 3.43 36.96
N LEU A 269 -9.68 4.62 36.41
CA LEU A 269 -8.57 5.32 35.78
C LEU A 269 -8.20 6.58 36.57
N VAL A 270 -6.90 6.79 36.76
CA VAL A 270 -6.41 7.95 37.48
C VAL A 270 -6.90 9.22 36.78
N LYS A 271 -7.38 10.18 37.57
CA LYS A 271 -8.10 11.35 37.06
C LYS A 271 -7.26 12.64 37.06
N GLY A 272 -6.22 12.67 37.88
CA GLY A 272 -5.46 13.89 38.06
C GLY A 272 -4.51 14.21 36.93
N GLN A 273 -3.89 13.17 36.36
CA GLN A 273 -2.81 13.31 35.40
C GLN A 273 -3.06 14.35 34.30
N LYS A 274 -2.13 15.28 34.14
CA LYS A 274 -2.13 16.20 33.00
C LYS A 274 -1.29 15.61 31.88
N ARG A 275 -1.40 16.17 30.68
CA ARG A 275 -0.65 15.68 29.53
C ARG A 275 0.82 16.11 29.65
N LYS A 276 1.73 15.14 29.45
CA LYS A 276 3.16 15.38 29.64
C LYS A 276 3.98 14.84 28.47
N VAL A 277 3.35 14.69 27.31
CA VAL A 277 4.01 14.12 26.15
C VAL A 277 5.25 14.92 25.78
N LYS A 278 5.07 16.22 25.54
CA LYS A 278 6.19 17.08 25.20
C LYS A 278 7.14 17.23 26.37
N ASP A 279 6.61 17.36 27.57
CA ASP A 279 7.43 17.53 28.76
C ASP A 279 8.47 16.42 28.89
N ARG A 280 8.03 15.18 28.74
CA ARG A 280 8.93 14.04 28.96
C ARG A 280 9.84 13.76 27.78
N LEU A 281 9.42 14.12 26.58
CA LEU A 281 10.21 13.83 25.39
C LEU A 281 11.07 15.02 24.96
N LYS A 282 10.75 16.20 25.49
CA LYS A 282 11.51 17.42 25.25
C LYS A 282 13.03 17.22 25.32
N ALA A 283 13.50 16.65 26.42
CA ALA A 283 14.93 16.49 26.66
C ALA A 283 15.61 15.56 25.65
N TYR A 284 14.87 14.59 25.14
CA TYR A 284 15.42 13.59 24.22
C TYR A 284 15.30 14.03 22.76
N VAL A 285 14.14 14.56 22.39
CA VAL A 285 13.84 14.88 20.99
C VAL A 285 14.37 16.25 20.57
N ARG A 286 14.14 17.25 21.41
CA ARG A 286 14.61 18.62 21.18
C ARG A 286 13.91 19.35 20.02
N ASP A 287 13.88 18.75 18.84
CA ASP A 287 13.29 19.44 17.68
C ASP A 287 11.83 19.82 17.96
N PRO A 288 11.47 21.10 17.69
CA PRO A 288 10.10 21.53 17.98
C PRO A 288 9.04 20.83 17.13
N TYR A 289 9.24 20.81 15.82
CA TYR A 289 8.29 20.18 14.90
C TYR A 289 8.13 18.70 15.22
N ALA A 290 9.25 18.03 15.49
CA ALA A 290 9.24 16.62 15.84
C ALA A 290 8.32 16.40 17.03
N LEU A 291 8.51 17.20 18.09
CA LEU A 291 7.69 17.09 19.28
C LEU A 291 6.21 17.28 18.97
N ASP A 292 5.91 18.24 18.10
CA ASP A 292 4.53 18.53 17.75
C ASP A 292 3.88 17.34 17.05
N LEU A 293 4.60 16.76 16.09
CA LEU A 293 4.06 15.63 15.33
C LEU A 293 3.84 14.43 16.24
N ILE A 294 4.76 14.17 17.17
CA ILE A 294 4.58 13.09 18.12
C ILE A 294 3.38 13.37 19.00
N ASP A 295 3.17 14.64 19.32
CA ASP A 295 2.07 15.05 20.17
C ASP A 295 0.73 14.76 19.47
N LYS A 296 0.68 14.98 18.16
CA LYS A 296 -0.55 14.77 17.41
C LYS A 296 -0.80 13.28 17.17
N LEU A 297 0.27 12.49 17.20
CA LEU A 297 0.15 11.06 16.94
C LEU A 297 -0.32 10.31 18.17
N LEU A 298 0.04 10.80 19.35
CA LEU A 298 -0.33 10.16 20.60
C LEU A 298 -1.52 10.84 21.27
N VAL A 299 -2.44 11.33 20.44
CA VAL A 299 -3.72 11.84 20.93
C VAL A 299 -4.55 10.64 21.40
N LEU A 300 -5.26 10.82 22.50
CA LEU A 300 -6.02 9.71 23.09
C LEU A 300 -7.20 9.33 22.21
N ASP A 301 -8.05 10.30 21.91
CA ASP A 301 -9.23 10.07 21.09
C ASP A 301 -8.84 9.82 19.65
N PRO A 302 -9.09 8.60 19.14
CA PRO A 302 -8.65 8.30 17.77
C PRO A 302 -9.32 9.20 16.73
N ALA A 303 -10.49 9.73 17.06
CA ALA A 303 -11.20 10.63 16.17
C ALA A 303 -10.45 11.94 16.00
N GLN A 304 -9.60 12.27 16.97
CA GLN A 304 -8.85 13.51 16.96
C GLN A 304 -7.37 13.29 16.66
N ARG A 305 -6.97 12.03 16.65
CA ARG A 305 -5.59 11.66 16.36
C ARG A 305 -5.27 11.96 14.90
N ILE A 306 -4.08 12.48 14.63
CA ILE A 306 -3.70 12.86 13.27
C ILE A 306 -3.68 11.63 12.36
N ASP A 307 -3.95 11.83 11.08
CA ASP A 307 -3.96 10.73 10.11
C ASP A 307 -2.75 10.84 9.16
N SER A 308 -2.45 9.75 8.48
CA SER A 308 -1.27 9.63 7.61
C SER A 308 -1.07 10.83 6.69
N ASP A 309 -2.16 11.28 6.07
CA ASP A 309 -2.06 12.33 5.06
C ASP A 309 -1.69 13.66 5.69
N ASP A 310 -2.35 14.00 6.80
CA ASP A 310 -2.05 15.24 7.51
C ASP A 310 -0.63 15.18 8.09
N ALA A 311 -0.27 14.02 8.61
CA ALA A 311 1.05 13.82 9.18
C ALA A 311 2.14 14.02 8.14
N LEU A 312 1.92 13.50 6.94
CA LEU A 312 2.94 13.56 5.89
C LEU A 312 3.08 14.96 5.30
N ASN A 313 2.10 15.82 5.57
CA ASN A 313 2.16 17.22 5.15
C ASN A 313 2.63 18.15 6.27
N HIS A 314 2.86 17.59 7.45
CA HIS A 314 3.30 18.33 8.62
C HIS A 314 4.66 19.00 8.37
N ASP A 315 4.89 20.15 9.00
CA ASP A 315 6.08 20.96 8.72
C ASP A 315 7.38 20.22 9.01
N PHE A 316 7.29 19.26 9.93
CA PHE A 316 8.41 18.38 10.27
C PHE A 316 9.10 17.80 9.04
N PHE A 317 8.33 17.53 7.98
CA PHE A 317 8.87 16.90 6.78
C PHE A 317 9.25 17.88 5.68
N TRP A 318 8.94 19.15 5.86
CA TRP A 318 9.15 20.14 4.79
C TRP A 318 9.87 21.39 5.30
N SER A 319 10.42 21.28 6.50
CA SER A 319 11.26 22.33 7.07
C SER A 319 12.72 21.85 7.10
N ASP A 320 13.65 22.79 7.19
CA ASP A 320 15.06 22.45 7.27
C ASP A 320 15.38 21.81 8.63
N PRO A 321 16.25 20.79 8.64
CA PRO A 321 16.87 20.15 7.47
C PRO A 321 15.90 19.20 6.80
N MET A 322 15.85 19.23 5.46
CA MET A 322 14.99 18.32 4.73
C MET A 322 15.44 16.88 4.93
N PRO A 323 14.54 15.91 4.74
CA PRO A 323 14.93 14.51 4.89
C PRO A 323 16.03 14.12 3.91
N SER A 324 16.91 13.20 4.32
CA SER A 324 17.98 12.71 3.46
C SER A 324 18.04 11.19 3.46
N ASP A 325 18.76 10.65 2.48
CA ASP A 325 18.83 9.21 2.32
C ASP A 325 19.60 8.57 3.46
N LEU A 326 19.24 7.34 3.80
CA LEU A 326 19.82 6.66 4.95
C LEU A 326 21.17 6.03 4.61
N LYS A 327 21.30 5.56 3.36
CA LYS A 327 22.48 4.84 2.88
C LYS A 327 23.79 5.21 3.59
N GLY A 328 24.00 6.51 3.79
CA GLY A 328 25.16 7.00 4.51
C GLY A 328 25.34 6.39 5.88
N MET A 329 24.40 6.65 6.77
CA MET A 329 24.49 6.21 8.16
C MET A 329 24.56 4.69 8.32
N LEU A 330 23.99 3.95 7.37
CA LEU A 330 23.82 2.51 7.53
C LEU A 330 25.13 1.71 7.39
N SER A 331 26.10 2.27 6.65
CA SER A 331 27.35 1.57 6.38
C SER A 331 28.29 1.54 7.60
N THR A 332 27.80 2.04 8.75
CA THR A 332 28.57 2.02 9.98
C THR A 332 27.87 1.21 11.06
N ASN B 7 0.56 -14.51 -18.61
CA ASN B 7 -0.39 -15.61 -18.75
C ASN B 7 -0.51 -16.42 -17.46
N ASN B 8 -0.75 -15.72 -16.36
CA ASN B 8 -0.97 -16.36 -15.06
C ASN B 8 -2.46 -16.55 -14.80
N ASN B 9 -3.27 -15.76 -15.50
CA ASN B 9 -4.71 -15.93 -15.48
C ASN B 9 -5.11 -17.28 -16.05
N LYS B 10 -4.61 -17.57 -17.25
CA LYS B 10 -4.96 -18.80 -17.96
C LYS B 10 -4.48 -20.06 -17.23
N ARG B 11 -3.85 -19.89 -16.07
CA ARG B 11 -3.46 -21.01 -15.23
C ARG B 11 -4.70 -21.80 -14.80
N TRP B 12 -5.62 -21.11 -14.13
CA TRP B 12 -6.81 -21.75 -13.57
C TRP B 12 -7.98 -21.64 -14.52
N TYR B 13 -7.69 -21.42 -15.79
CA TYR B 13 -8.67 -21.46 -16.85
C TYR B 13 -8.18 -22.41 -17.94
N PHE B 14 -9.08 -23.27 -18.40
CA PHE B 14 -8.68 -24.41 -19.22
C PHE B 14 -9.46 -24.48 -20.52
N THR B 15 -8.85 -25.14 -21.50
CA THR B 15 -9.50 -25.43 -22.76
C THR B 15 -10.25 -26.75 -22.61
N ARG B 16 -11.15 -27.04 -23.55
CA ARG B 16 -11.91 -28.27 -23.50
C ARG B 16 -11.01 -29.49 -23.66
N GLU B 17 -9.91 -29.33 -24.38
CA GLU B 17 -8.93 -30.41 -24.50
C GLU B 17 -8.34 -30.74 -23.14
N GLN B 18 -8.11 -29.70 -22.33
CA GLN B 18 -7.55 -29.88 -21.00
C GLN B 18 -8.56 -30.49 -20.04
N LEU B 19 -9.81 -30.05 -20.14
CA LEU B 19 -10.87 -30.59 -19.31
C LEU B 19 -11.11 -32.06 -19.68
N GLU B 20 -11.07 -32.34 -20.97
CA GLU B 20 -11.24 -33.71 -21.47
C GLU B 20 -10.11 -34.60 -20.97
N ASN B 21 -8.91 -34.04 -20.88
CA ASN B 21 -7.74 -34.78 -20.38
C ASN B 21 -7.47 -34.44 -18.93
N SER B 22 -8.46 -34.69 -18.08
CA SER B 22 -8.34 -34.41 -16.65
C SER B 22 -7.43 -35.42 -15.98
N PRO B 23 -6.90 -35.08 -14.79
CA PRO B 23 -6.14 -36.08 -14.03
C PRO B 23 -6.98 -37.32 -13.73
N SER B 24 -8.30 -37.16 -13.72
CA SER B 24 -9.20 -38.28 -13.47
C SER B 24 -9.40 -39.11 -14.73
N ARG B 25 -9.40 -38.45 -15.89
CA ARG B 25 -9.48 -39.16 -17.16
C ARG B 25 -8.25 -40.03 -17.32
N ARG B 26 -7.13 -39.50 -16.84
CA ARG B 26 -5.84 -40.17 -16.86
C ARG B 26 -5.90 -41.51 -16.14
N PHE B 27 -6.78 -41.60 -15.15
CA PHE B 27 -6.93 -42.81 -14.34
C PHE B 27 -8.20 -43.57 -14.72
N GLY B 28 -8.72 -43.28 -15.92
CA GLY B 28 -9.89 -43.97 -16.42
C GLY B 28 -11.16 -43.63 -15.65
N VAL B 29 -11.62 -42.39 -15.81
CA VAL B 29 -12.88 -41.95 -15.23
C VAL B 29 -13.68 -41.21 -16.30
N ASP B 30 -14.84 -41.75 -16.66
CA ASP B 30 -15.66 -41.19 -17.72
C ASP B 30 -15.95 -39.70 -17.48
N PRO B 31 -15.96 -38.90 -18.55
CA PRO B 31 -16.30 -37.47 -18.45
C PRO B 31 -17.57 -37.20 -17.66
N ASP B 32 -18.66 -37.87 -18.01
CA ASP B 32 -19.92 -37.70 -17.30
C ASP B 32 -19.81 -38.14 -15.84
N LYS B 33 -18.96 -39.13 -15.59
CA LYS B 33 -18.82 -39.64 -14.23
C LYS B 33 -17.97 -38.71 -13.38
N GLU B 34 -16.96 -38.08 -14.00
CA GLU B 34 -16.16 -37.10 -13.28
C GLU B 34 -17.01 -35.89 -12.97
N LEU B 35 -17.76 -35.43 -13.96
CA LEU B 35 -18.64 -34.27 -13.79
C LEU B 35 -19.63 -34.56 -12.67
N SER B 36 -20.07 -35.81 -12.57
CA SER B 36 -20.95 -36.23 -11.50
C SER B 36 -20.27 -36.07 -10.14
N TYR B 37 -19.04 -36.56 -10.03
CA TYR B 37 -18.26 -36.48 -8.80
C TYR B 37 -18.11 -35.02 -8.35
N ARG B 38 -17.97 -34.11 -9.31
CA ARG B 38 -17.86 -32.69 -9.00
C ARG B 38 -19.16 -32.16 -8.39
N GLN B 39 -20.28 -32.51 -9.04
CA GLN B 39 -21.59 -32.07 -8.61
C GLN B 39 -21.92 -32.57 -7.21
N GLN B 40 -21.54 -33.81 -6.92
CA GLN B 40 -21.78 -34.39 -5.61
C GLN B 40 -20.98 -33.64 -4.54
N ALA B 41 -19.72 -33.36 -4.85
CA ALA B 41 -18.87 -32.59 -3.94
C ALA B 41 -19.46 -31.21 -3.68
N ALA B 42 -19.94 -30.57 -4.75
CA ALA B 42 -20.58 -29.28 -4.63
C ALA B 42 -21.80 -29.36 -3.72
N ASN B 43 -22.61 -30.39 -3.94
CA ASN B 43 -23.80 -30.60 -3.12
C ASN B 43 -23.42 -30.83 -1.67
N LEU B 44 -22.37 -31.61 -1.46
CA LEU B 44 -21.89 -31.90 -0.10
C LEU B 44 -21.38 -30.63 0.56
N LEU B 45 -20.64 -29.82 -0.20
CA LEU B 45 -20.13 -28.56 0.31
C LEU B 45 -21.28 -27.66 0.72
N GLN B 46 -22.31 -27.62 -0.12
CA GLN B 46 -23.48 -26.78 0.14
C GLN B 46 -24.22 -27.23 1.39
N ASP B 47 -24.37 -28.54 1.55
CA ASP B 47 -25.08 -29.09 2.70
C ASP B 47 -24.34 -28.74 3.98
N MET B 48 -23.07 -29.17 4.07
CA MET B 48 -22.22 -28.87 5.22
C MET B 48 -22.19 -27.38 5.54
N GLY B 49 -22.03 -26.56 4.52
CA GLY B 49 -21.97 -25.12 4.68
C GLY B 49 -23.23 -24.58 5.33
N GLN B 50 -24.37 -25.13 4.92
CA GLN B 50 -25.65 -24.68 5.45
C GLN B 50 -25.84 -25.13 6.90
N ARG B 51 -25.25 -26.27 7.26
CA ARG B 51 -25.34 -26.75 8.63
C ARG B 51 -24.43 -25.91 9.52
N LEU B 52 -23.26 -25.59 9.00
CA LEU B 52 -22.31 -24.73 9.72
C LEU B 52 -22.83 -23.31 9.77
N ASN B 53 -23.73 -22.98 8.87
CA ASN B 53 -24.29 -21.63 8.76
C ASN B 53 -23.21 -20.61 8.38
N VAL B 54 -22.45 -20.93 7.34
CA VAL B 54 -21.50 -19.99 6.76
C VAL B 54 -22.19 -19.25 5.63
N SER B 55 -21.55 -18.18 5.15
CA SER B 55 -22.09 -17.42 4.03
C SER B 55 -22.10 -18.26 2.77
N GLN B 56 -22.97 -17.91 1.82
CA GLN B 56 -22.96 -18.57 0.51
C GLN B 56 -21.64 -18.31 -0.18
N LEU B 57 -21.05 -17.15 0.10
CA LEU B 57 -19.75 -16.78 -0.43
C LEU B 57 -18.71 -17.83 -0.06
N THR B 58 -18.74 -18.24 1.21
CA THR B 58 -17.84 -19.29 1.70
C THR B 58 -18.03 -20.58 0.91
N ILE B 59 -19.28 -21.00 0.75
CA ILE B 59 -19.59 -22.22 0.02
C ILE B 59 -19.10 -22.10 -1.41
N ASN B 60 -19.43 -20.97 -2.05
CA ASN B 60 -19.01 -20.74 -3.43
C ASN B 60 -17.50 -20.81 -3.59
N THR B 61 -16.77 -20.21 -2.65
CA THR B 61 -15.32 -20.25 -2.70
C THR B 61 -14.83 -21.69 -2.55
N ALA B 62 -15.43 -22.42 -1.61
CA ALA B 62 -15.09 -23.81 -1.40
C ALA B 62 -15.32 -24.63 -2.67
N ILE B 63 -16.39 -24.31 -3.40
CA ILE B 63 -16.70 -25.06 -4.62
C ILE B 63 -15.66 -24.79 -5.71
N VAL B 64 -15.20 -23.55 -5.82
CA VAL B 64 -14.22 -23.21 -6.84
C VAL B 64 -12.89 -23.88 -6.51
N TYR B 65 -12.54 -23.93 -5.22
CA TYR B 65 -11.35 -24.65 -4.79
C TYR B 65 -11.42 -26.09 -5.28
N MET B 66 -12.55 -26.74 -5.01
CA MET B 66 -12.76 -28.11 -5.40
C MET B 66 -12.59 -28.31 -6.90
N HIS B 67 -13.22 -27.44 -7.69
CA HIS B 67 -13.12 -27.51 -9.14
C HIS B 67 -11.67 -27.41 -9.60
N ARG B 68 -10.92 -26.53 -8.95
CA ARG B 68 -9.53 -26.29 -9.33
C ARG B 68 -8.63 -27.41 -8.81
N PHE B 69 -8.96 -27.92 -7.63
CA PHE B 69 -8.23 -29.03 -7.04
C PHE B 69 -8.16 -30.21 -8.01
N TYR B 70 -9.28 -30.49 -8.66
CA TYR B 70 -9.40 -31.68 -9.51
C TYR B 70 -8.98 -31.42 -10.96
N MET B 71 -8.37 -30.28 -11.21
CA MET B 71 -7.67 -30.06 -12.47
C MET B 71 -6.20 -30.41 -12.31
N ILE B 72 -5.81 -30.78 -11.09
CA ILE B 72 -4.45 -31.19 -10.78
C ILE B 72 -4.45 -32.61 -10.20
N GLN B 73 -5.33 -32.83 -9.23
CA GLN B 73 -5.46 -34.14 -8.60
C GLN B 73 -6.63 -34.93 -9.21
N SER B 74 -6.63 -36.23 -8.95
CA SER B 74 -7.65 -37.13 -9.50
C SER B 74 -8.60 -37.61 -8.43
N PHE B 75 -9.86 -37.85 -8.82
CA PHE B 75 -10.84 -38.37 -7.89
C PHE B 75 -10.46 -39.78 -7.44
N THR B 76 -9.69 -40.47 -8.27
CA THR B 76 -9.14 -41.77 -7.93
C THR B 76 -8.36 -41.70 -6.62
N GLN B 77 -7.51 -40.68 -6.53
CA GLN B 77 -6.57 -40.54 -5.43
C GLN B 77 -7.22 -39.81 -4.25
N PHE B 78 -8.06 -38.83 -4.55
CA PHE B 78 -8.69 -38.00 -3.52
C PHE B 78 -10.21 -38.02 -3.65
N PRO B 79 -10.90 -38.77 -2.78
CA PRO B 79 -12.37 -38.78 -2.84
C PRO B 79 -12.98 -37.41 -2.52
N GLY B 80 -14.06 -37.06 -3.21
CA GLY B 80 -14.75 -35.80 -2.99
C GLY B 80 -15.25 -35.65 -1.57
N ASN B 81 -15.62 -36.76 -0.93
CA ASN B 81 -16.19 -36.71 0.41
C ASN B 81 -15.13 -36.49 1.49
N SER B 82 -13.87 -36.61 1.10
CA SER B 82 -12.76 -36.36 2.02
C SER B 82 -12.19 -34.96 1.77
N VAL B 83 -12.13 -34.58 0.50
CA VAL B 83 -11.63 -33.28 0.10
C VAL B 83 -12.60 -32.16 0.51
N ALA B 84 -13.90 -32.43 0.40
CA ALA B 84 -14.90 -31.38 0.56
C ALA B 84 -14.84 -30.70 1.94
N PRO B 85 -14.80 -31.50 3.02
CA PRO B 85 -14.75 -30.86 4.35
C PRO B 85 -13.49 -30.02 4.55
N ALA B 86 -12.38 -30.44 3.95
CA ALA B 86 -11.14 -29.67 4.05
C ALA B 86 -11.28 -28.35 3.31
N ALA B 87 -11.84 -28.40 2.10
CA ALA B 87 -12.02 -27.21 1.29
C ALA B 87 -12.91 -26.19 1.96
N LEU B 88 -14.02 -26.67 2.54
CA LEU B 88 -14.96 -25.78 3.22
C LEU B 88 -14.33 -25.17 4.47
N PHE B 89 -13.60 -26.00 5.21
CA PHE B 89 -12.89 -25.54 6.40
C PHE B 89 -11.90 -24.44 6.04
N LEU B 90 -11.23 -24.60 4.90
CA LEU B 90 -10.28 -23.60 4.44
C LEU B 90 -11.02 -22.34 3.97
N ALA B 91 -12.04 -22.52 3.16
CA ALA B 91 -12.80 -21.40 2.62
C ALA B 91 -13.40 -20.57 3.74
N ALA B 92 -13.84 -21.23 4.80
CA ALA B 92 -14.45 -20.55 5.94
C ALA B 92 -13.51 -19.51 6.53
N LYS B 93 -12.21 -19.83 6.58
CA LYS B 93 -11.21 -18.90 7.07
C LYS B 93 -10.98 -17.76 6.09
N VAL B 94 -10.75 -18.13 4.84
CA VAL B 94 -10.46 -17.16 3.79
C VAL B 94 -11.55 -16.10 3.67
N GLU B 95 -12.81 -16.53 3.76
CA GLU B 95 -13.94 -15.61 3.64
C GLU B 95 -14.41 -15.09 5.00
N GLU B 96 -13.50 -15.11 5.98
CA GLU B 96 -13.69 -14.42 7.26
C GLU B 96 -14.95 -14.86 8.02
N GLN B 97 -15.27 -16.14 7.95
CA GLN B 97 -16.30 -16.72 8.79
C GLN B 97 -15.86 -18.10 9.24
N PRO B 98 -14.69 -18.16 9.90
CA PRO B 98 -14.03 -19.44 10.24
C PRO B 98 -14.86 -20.28 11.19
N LYS B 99 -14.80 -21.59 11.02
CA LYS B 99 -15.50 -22.51 11.90
C LYS B 99 -14.52 -23.44 12.58
N LYS B 100 -14.79 -23.76 13.84
CA LYS B 100 -13.91 -24.63 14.60
C LYS B 100 -13.80 -25.99 13.93
N LEU B 101 -12.58 -26.53 13.90
CA LEU B 101 -12.30 -27.80 13.27
C LEU B 101 -13.19 -28.92 13.82
N GLU B 102 -13.40 -28.91 15.14
CA GLU B 102 -14.31 -29.84 15.78
C GLU B 102 -15.69 -29.78 15.14
N HIS B 103 -16.19 -28.56 14.93
CA HIS B 103 -17.52 -28.33 14.37
C HIS B 103 -17.67 -28.90 12.97
N VAL B 104 -16.64 -28.72 12.13
CA VAL B 104 -16.68 -29.18 10.76
C VAL B 104 -16.72 -30.72 10.68
N ILE B 105 -15.88 -31.37 11.48
CA ILE B 105 -15.81 -32.83 11.49
C ILE B 105 -17.15 -33.40 11.93
N LYS B 106 -17.78 -32.73 12.88
CA LYS B 106 -19.13 -33.07 13.34
C LYS B 106 -20.15 -33.02 12.21
N VAL B 107 -20.23 -31.88 11.55
CA VAL B 107 -21.17 -31.67 10.45
C VAL B 107 -20.90 -32.64 9.31
N ALA B 108 -19.62 -32.88 9.01
CA ALA B 108 -19.24 -33.78 7.94
C ALA B 108 -19.71 -35.20 8.26
N HIS B 109 -19.56 -35.59 9.52
CA HIS B 109 -19.98 -36.91 9.95
C HIS B 109 -21.48 -37.09 9.79
N THR B 110 -22.24 -36.12 10.28
CA THR B 110 -23.69 -36.12 10.13
C THR B 110 -24.12 -36.34 8.69
N CYS B 111 -23.42 -35.69 7.76
CA CYS B 111 -23.78 -35.75 6.35
C CYS B 111 -23.44 -37.08 5.71
N LEU B 112 -22.27 -37.63 6.05
CA LEU B 112 -21.76 -38.83 5.39
C LEU B 112 -22.07 -40.12 6.14
N HIS B 113 -22.42 -40.00 7.43
CA HIS B 113 -22.75 -41.16 8.24
C HIS B 113 -23.92 -40.85 9.19
N PRO B 114 -25.13 -40.72 8.63
CA PRO B 114 -26.28 -40.42 9.50
C PRO B 114 -26.61 -41.60 10.42
N GLN B 115 -26.10 -42.78 10.06
CA GLN B 115 -26.36 -43.99 10.84
C GLN B 115 -25.41 -44.08 12.03
N GLU B 116 -24.11 -43.94 11.78
CA GLU B 116 -23.11 -44.01 12.84
C GLU B 116 -23.32 -42.93 13.90
N SER B 117 -22.80 -43.20 15.09
CA SER B 117 -22.80 -42.21 16.17
C SER B 117 -21.59 -41.30 16.06
N LEU B 118 -21.75 -40.03 16.44
CA LEU B 118 -20.68 -39.06 16.37
C LEU B 118 -19.50 -39.51 17.23
N PRO B 119 -18.33 -39.77 16.61
CA PRO B 119 -17.21 -40.33 17.37
C PRO B 119 -16.79 -39.48 18.57
N ASP B 120 -16.28 -40.15 19.60
CA ASP B 120 -15.84 -39.47 20.81
C ASP B 120 -14.64 -38.58 20.52
N THR B 121 -14.61 -37.40 21.14
CA THR B 121 -13.55 -36.43 20.91
C THR B 121 -12.19 -36.91 21.43
N ARG B 122 -12.18 -38.02 22.15
CA ARG B 122 -10.94 -38.55 22.73
C ARG B 122 -10.47 -39.77 21.99
N SER B 123 -11.39 -40.41 21.26
CA SER B 123 -11.11 -41.67 20.56
C SER B 123 -9.96 -41.51 19.57
N GLU B 124 -9.19 -42.59 19.42
CA GLU B 124 -8.08 -42.62 18.48
C GLU B 124 -8.60 -42.37 17.06
N ALA B 125 -9.80 -42.87 16.80
CA ALA B 125 -10.42 -42.75 15.48
C ALA B 125 -10.79 -41.30 15.17
N TYR B 126 -11.18 -40.55 16.20
CA TYR B 126 -11.55 -39.15 16.00
C TYR B 126 -10.33 -38.29 15.68
N LEU B 127 -9.25 -38.49 16.43
CA LEU B 127 -8.02 -37.73 16.18
C LEU B 127 -7.45 -38.07 14.82
N GLN B 128 -7.83 -39.23 14.29
CA GLN B 128 -7.39 -39.63 12.95
C GLN B 128 -8.15 -38.81 11.91
N GLN B 129 -9.44 -38.59 12.15
CA GLN B 129 -10.25 -37.75 11.28
C GLN B 129 -9.69 -36.34 11.21
N VAL B 130 -9.25 -35.83 12.37
CA VAL B 130 -8.64 -34.51 12.46
C VAL B 130 -7.36 -34.43 11.63
N GLN B 131 -6.49 -35.43 11.80
CA GLN B 131 -5.22 -35.45 11.08
C GLN B 131 -5.45 -35.45 9.56
N ASP B 132 -6.45 -36.19 9.11
CA ASP B 132 -6.73 -36.27 7.67
C ASP B 132 -7.18 -34.92 7.13
N LEU B 133 -8.08 -34.26 7.86
CA LEU B 133 -8.61 -32.97 7.43
C LEU B 133 -7.51 -31.93 7.35
N VAL B 134 -6.71 -31.84 8.40
CA VAL B 134 -5.63 -30.85 8.44
C VAL B 134 -4.61 -31.12 7.35
N ILE B 135 -4.34 -32.39 7.07
CA ILE B 135 -3.45 -32.76 5.97
C ILE B 135 -4.03 -32.29 4.64
N LEU B 136 -5.26 -32.71 4.34
CA LEU B 136 -5.93 -32.35 3.09
C LEU B 136 -5.94 -30.84 2.86
N GLU B 137 -6.18 -30.08 3.92
CA GLU B 137 -6.14 -28.63 3.85
C GLU B 137 -4.77 -28.19 3.32
N SER B 138 -3.72 -28.79 3.85
CA SER B 138 -2.36 -28.47 3.42
C SER B 138 -2.13 -28.87 1.97
N ILE B 139 -2.75 -29.98 1.56
CA ILE B 139 -2.61 -30.45 0.18
C ILE B 139 -3.41 -29.56 -0.77
N ILE B 140 -4.62 -29.19 -0.37
CA ILE B 140 -5.44 -28.27 -1.16
C ILE B 140 -4.70 -26.94 -1.37
N LEU B 141 -4.11 -26.44 -0.29
CA LEU B 141 -3.40 -25.16 -0.32
C LEU B 141 -2.23 -25.22 -1.31
N GLN B 142 -1.46 -26.29 -1.24
CA GLN B 142 -0.29 -26.45 -2.08
C GLN B 142 -0.69 -26.71 -3.54
N THR B 143 -1.75 -27.48 -3.72
CA THR B 143 -2.25 -27.79 -5.06
C THR B 143 -2.69 -26.50 -5.77
N LEU B 144 -3.29 -25.59 -5.01
CA LEU B 144 -3.80 -24.35 -5.58
C LEU B 144 -2.73 -23.28 -5.70
N GLY B 145 -1.53 -23.58 -5.20
CA GLY B 145 -0.44 -22.61 -5.22
C GLY B 145 -0.74 -21.41 -4.35
N PHE B 146 -1.53 -21.65 -3.30
CA PHE B 146 -1.89 -20.62 -2.33
C PHE B 146 -2.57 -19.42 -2.99
N GLU B 147 -3.18 -19.66 -4.15
CA GLU B 147 -4.01 -18.64 -4.80
C GLU B 147 -5.44 -18.81 -4.28
N LEU B 148 -5.77 -18.04 -3.24
CA LEU B 148 -6.98 -18.27 -2.44
C LEU B 148 -8.07 -17.22 -2.67
N THR B 149 -7.73 -16.17 -3.42
CA THR B 149 -8.68 -15.12 -3.74
C THR B 149 -9.53 -15.46 -4.97
N ILE B 150 -10.81 -15.73 -4.72
CA ILE B 150 -11.73 -16.15 -5.76
C ILE B 150 -12.82 -15.11 -6.03
N ASP B 151 -13.04 -14.82 -7.31
CA ASP B 151 -14.10 -13.94 -7.75
C ASP B 151 -15.27 -14.77 -8.29
N HIS B 152 -16.49 -14.44 -7.88
CA HIS B 152 -17.66 -15.25 -8.24
C HIS B 152 -18.61 -14.49 -9.15
N PRO B 153 -19.43 -15.24 -9.93
CA PRO B 153 -20.42 -14.60 -10.80
C PRO B 153 -21.47 -13.81 -10.03
N HIS B 154 -21.71 -14.20 -8.78
CA HIS B 154 -22.78 -13.61 -7.99
C HIS B 154 -22.55 -12.12 -7.82
N THR B 155 -21.30 -11.74 -7.61
CA THR B 155 -20.94 -10.34 -7.48
C THR B 155 -21.40 -9.53 -8.68
N HIS B 156 -21.07 -10.01 -9.87
CA HIS B 156 -21.39 -9.29 -11.10
C HIS B 156 -22.86 -9.40 -11.44
N VAL B 157 -23.47 -10.53 -11.11
CA VAL B 157 -24.91 -10.72 -11.35
C VAL B 157 -25.72 -9.70 -10.58
N VAL B 158 -25.44 -9.58 -9.27
CA VAL B 158 -26.22 -8.67 -8.43
C VAL B 158 -25.99 -7.23 -8.88
N LYS B 159 -24.74 -6.86 -9.11
CA LYS B 159 -24.40 -5.52 -9.56
C LYS B 159 -25.15 -5.17 -10.85
N CYS B 160 -25.22 -6.13 -11.77
CA CYS B 160 -25.84 -5.90 -13.07
C CYS B 160 -27.36 -5.75 -12.99
N THR B 161 -28.01 -6.56 -12.15
CA THR B 161 -29.45 -6.51 -12.01
C THR B 161 -29.91 -5.16 -11.44
N GLN B 162 -29.07 -4.58 -10.58
CA GLN B 162 -29.36 -3.25 -10.02
C GLN B 162 -29.32 -2.23 -11.14
N LEU B 163 -28.31 -2.34 -11.99
CA LEU B 163 -28.12 -1.39 -13.09
C LEU B 163 -29.31 -1.42 -14.05
N VAL B 164 -29.76 -2.62 -14.42
CA VAL B 164 -30.83 -2.76 -15.40
C VAL B 164 -32.22 -2.69 -14.76
N ARG B 165 -32.27 -2.44 -13.46
CA ARG B 165 -33.54 -2.23 -12.75
C ARG B 165 -34.45 -3.45 -12.84
N ALA B 166 -33.89 -4.61 -12.56
CA ALA B 166 -34.65 -5.86 -12.60
C ALA B 166 -35.56 -5.99 -11.39
N SER B 167 -36.61 -6.78 -11.53
CA SER B 167 -37.53 -7.06 -10.44
C SER B 167 -36.89 -8.03 -9.45
N LYS B 168 -37.49 -8.18 -8.26
CA LYS B 168 -36.95 -9.08 -7.25
C LYS B 168 -36.85 -10.51 -7.77
N ASP B 169 -37.86 -10.95 -8.52
CA ASP B 169 -37.86 -12.31 -9.02
C ASP B 169 -36.73 -12.52 -10.01
N LEU B 170 -36.50 -11.53 -10.88
CA LEU B 170 -35.46 -11.64 -11.88
C LEU B 170 -34.08 -11.58 -11.22
N ALA B 171 -33.97 -10.75 -10.20
CA ALA B 171 -32.74 -10.67 -9.42
C ALA B 171 -32.50 -11.99 -8.71
N GLN B 172 -33.54 -12.50 -8.04
CA GLN B 172 -33.48 -13.79 -7.37
C GLN B 172 -33.06 -14.92 -8.32
N THR B 173 -33.73 -15.00 -9.47
CA THR B 173 -33.50 -16.09 -10.41
C THR B 173 -32.08 -16.03 -10.98
N SER B 174 -31.63 -14.85 -11.37
CA SER B 174 -30.29 -14.69 -11.92
C SER B 174 -29.23 -15.17 -10.93
N TYR B 175 -29.38 -14.72 -9.69
CA TYR B 175 -28.51 -15.14 -8.60
C TYR B 175 -28.60 -16.65 -8.39
N PHE B 176 -29.81 -17.18 -8.47
CA PHE B 176 -30.05 -18.62 -8.31
C PHE B 176 -29.32 -19.42 -9.39
N MET B 177 -29.37 -18.94 -10.62
CA MET B 177 -28.69 -19.61 -11.73
C MET B 177 -27.17 -19.56 -11.54
N ALA B 178 -26.69 -18.52 -10.88
CA ALA B 178 -25.26 -18.38 -10.63
C ALA B 178 -24.77 -19.50 -9.72
N THR B 179 -25.52 -19.76 -8.67
CA THR B 179 -25.22 -20.86 -7.77
C THR B 179 -25.28 -22.20 -8.51
N ASN B 180 -26.31 -22.37 -9.33
CA ASN B 180 -26.47 -23.60 -10.11
C ASN B 180 -25.30 -23.82 -11.06
N SER B 181 -24.74 -22.74 -11.57
CA SER B 181 -23.61 -22.83 -12.50
C SER B 181 -22.41 -23.46 -11.80
N LEU B 182 -22.21 -23.10 -10.54
CA LEU B 182 -21.09 -23.64 -9.76
C LEU B 182 -21.31 -25.09 -9.42
N HIS B 183 -22.57 -25.43 -9.09
CA HIS B 183 -22.92 -26.78 -8.70
C HIS B 183 -22.88 -27.75 -9.88
N LEU B 184 -23.43 -27.34 -11.01
CA LEU B 184 -23.74 -28.27 -12.08
C LEU B 184 -22.74 -28.25 -13.25
N THR B 185 -21.94 -27.20 -13.34
CA THR B 185 -21.05 -27.02 -14.49
C THR B 185 -19.60 -26.77 -14.08
N THR B 186 -18.73 -26.72 -15.08
CA THR B 186 -17.33 -26.38 -14.87
C THR B 186 -16.99 -25.04 -15.52
N PHE B 187 -17.96 -24.14 -15.54
CA PHE B 187 -17.78 -22.81 -16.11
C PHE B 187 -16.71 -22.02 -15.34
N SER B 188 -16.63 -22.26 -14.04
CA SER B 188 -15.62 -21.60 -13.21
C SER B 188 -14.21 -21.90 -13.68
N LEU B 189 -14.07 -22.97 -14.46
CA LEU B 189 -12.76 -23.38 -14.99
C LEU B 189 -12.60 -23.02 -16.47
N GLN B 190 -13.63 -22.43 -17.06
CA GLN B 190 -13.65 -22.14 -18.50
C GLN B 190 -13.81 -20.67 -18.81
N TYR B 191 -14.73 -20.01 -18.13
CA TYR B 191 -15.04 -18.60 -18.39
C TYR B 191 -14.97 -17.77 -17.11
N THR B 192 -14.57 -16.52 -17.25
CA THR B 192 -14.41 -15.62 -16.10
C THR B 192 -15.76 -15.30 -15.48
N PRO B 193 -15.77 -14.94 -14.19
CA PRO B 193 -17.02 -14.69 -13.47
C PRO B 193 -17.97 -13.70 -14.17
N PRO B 194 -17.44 -12.61 -14.74
CA PRO B 194 -18.35 -11.70 -15.46
C PRO B 194 -19.08 -12.37 -16.63
N VAL B 195 -18.37 -13.22 -17.37
CA VAL B 195 -18.99 -13.90 -18.50
C VAL B 195 -20.09 -14.82 -18.00
N VAL B 196 -19.80 -15.57 -16.95
CA VAL B 196 -20.78 -16.51 -16.38
C VAL B 196 -21.98 -15.75 -15.84
N ALA B 197 -21.74 -14.58 -15.26
CA ALA B 197 -22.81 -13.76 -14.73
C ALA B 197 -23.81 -13.40 -15.82
N CYS B 198 -23.31 -13.07 -17.01
CA CYS B 198 -24.18 -12.70 -18.13
C CYS B 198 -25.01 -13.90 -18.56
N VAL B 199 -24.36 -15.05 -18.70
CA VAL B 199 -25.04 -16.27 -19.09
C VAL B 199 -26.21 -16.55 -18.15
N CYS B 200 -25.97 -16.35 -16.86
CA CYS B 200 -27.01 -16.59 -15.85
C CYS B 200 -28.18 -15.62 -16.05
N ILE B 201 -27.88 -14.34 -16.17
CA ILE B 201 -28.90 -13.33 -16.42
C ILE B 201 -29.62 -13.61 -17.73
N HIS B 202 -28.85 -13.94 -18.77
CA HIS B 202 -29.40 -14.23 -20.07
C HIS B 202 -30.40 -15.38 -19.97
N LEU B 203 -30.03 -16.42 -19.23
CA LEU B 203 -30.86 -17.60 -19.07
C LEU B 203 -32.12 -17.28 -18.27
N ALA B 204 -31.96 -16.48 -17.21
CA ALA B 204 -33.11 -16.11 -16.39
C ALA B 204 -34.11 -15.29 -17.20
N CYS B 205 -33.61 -14.49 -18.13
CA CYS B 205 -34.47 -13.64 -18.95
C CYS B 205 -35.26 -14.45 -19.96
N LYS B 206 -34.58 -15.37 -20.64
CA LYS B 206 -35.21 -16.20 -21.65
C LYS B 206 -36.30 -17.08 -21.03
N TRP B 207 -36.06 -17.50 -19.79
CA TRP B 207 -37.04 -18.32 -19.06
C TRP B 207 -38.26 -17.50 -18.65
N SER B 208 -38.00 -16.34 -18.05
CA SER B 208 -39.04 -15.50 -17.46
C SER B 208 -39.78 -14.62 -18.46
N ASN B 209 -39.23 -14.54 -19.67
CA ASN B 209 -39.73 -13.62 -20.71
C ASN B 209 -39.59 -12.16 -20.32
N TRP B 210 -38.85 -11.88 -19.25
CA TRP B 210 -38.39 -10.52 -18.99
C TRP B 210 -37.43 -10.16 -20.10
N GLU B 211 -37.49 -8.92 -20.59
CA GLU B 211 -36.55 -8.45 -21.60
C GLU B 211 -35.85 -7.19 -21.13
N ILE B 212 -34.52 -7.20 -21.21
CA ILE B 212 -33.72 -6.04 -20.87
C ILE B 212 -33.41 -5.26 -22.14
N PRO B 213 -33.86 -3.99 -22.22
CA PRO B 213 -33.63 -3.26 -23.46
C PRO B 213 -32.18 -2.80 -23.61
N VAL B 214 -31.93 -2.02 -24.64
CA VAL B 214 -30.63 -1.40 -24.84
C VAL B 214 -30.58 -0.10 -24.02
N SER B 215 -29.38 0.27 -23.58
CA SER B 215 -29.21 1.44 -22.72
C SER B 215 -29.50 2.74 -23.45
N THR B 216 -29.52 3.83 -22.69
CA THR B 216 -29.73 5.15 -23.26
C THR B 216 -28.61 5.55 -24.22
N ASP B 217 -27.49 4.85 -24.13
CA ASP B 217 -26.34 5.12 -25.00
C ASP B 217 -26.16 4.01 -26.03
N GLY B 218 -27.20 3.22 -26.24
CA GLY B 218 -27.26 2.29 -27.36
C GLY B 218 -26.48 0.99 -27.22
N LYS B 219 -26.11 0.63 -26.00
CA LYS B 219 -25.35 -0.61 -25.75
C LYS B 219 -26.13 -1.65 -24.95
N HIS B 220 -25.97 -2.91 -25.33
CA HIS B 220 -26.58 -4.04 -24.65
C HIS B 220 -26.13 -4.12 -23.20
N TRP B 221 -26.94 -4.76 -22.37
CA TRP B 221 -26.67 -4.79 -20.93
C TRP B 221 -25.35 -5.51 -20.61
N TRP B 222 -25.04 -6.57 -21.34
CA TRP B 222 -23.83 -7.35 -21.05
C TRP B 222 -22.56 -6.54 -21.32
N GLU B 223 -22.67 -5.51 -22.16
CA GLU B 223 -21.53 -4.65 -22.44
C GLU B 223 -21.11 -3.87 -21.20
N TYR B 224 -22.02 -3.75 -20.23
CA TYR B 224 -21.70 -3.07 -18.97
C TYR B 224 -21.20 -4.05 -17.92
N VAL B 225 -21.01 -5.31 -18.33
CA VAL B 225 -20.57 -6.35 -17.41
C VAL B 225 -19.22 -6.91 -17.85
N ASP B 226 -19.07 -7.09 -19.16
CA ASP B 226 -17.82 -7.61 -19.73
C ASP B 226 -17.72 -7.22 -21.21
N ALA B 227 -16.56 -6.72 -21.60
CA ALA B 227 -16.38 -6.16 -22.93
C ALA B 227 -16.14 -7.22 -24.00
N THR B 228 -15.97 -8.47 -23.58
CA THR B 228 -15.69 -9.56 -24.51
C THR B 228 -16.93 -10.39 -24.84
N VAL B 229 -18.00 -10.17 -24.08
CA VAL B 229 -19.23 -10.93 -24.25
C VAL B 229 -20.02 -10.45 -25.46
N THR B 230 -20.59 -11.39 -26.19
CA THR B 230 -21.45 -11.09 -27.33
C THR B 230 -22.65 -12.02 -27.31
N LEU B 231 -23.72 -11.62 -27.97
CA LEU B 231 -24.97 -12.39 -27.97
C LEU B 231 -24.73 -13.80 -28.51
N GLU B 232 -23.80 -13.94 -29.44
CA GLU B 232 -23.48 -15.25 -30.00
C GLU B 232 -22.96 -16.17 -28.91
N LEU B 233 -22.10 -15.63 -28.06
CA LEU B 233 -21.50 -16.41 -26.98
C LEU B 233 -22.53 -16.77 -25.92
N LEU B 234 -23.38 -15.82 -25.58
CA LEU B 234 -24.40 -16.01 -24.56
C LEU B 234 -25.39 -17.11 -24.94
N ASP B 235 -25.92 -17.06 -26.16
CA ASP B 235 -26.82 -18.09 -26.64
C ASP B 235 -26.15 -19.46 -26.56
N GLU B 236 -24.91 -19.53 -27.02
CA GLU B 236 -24.17 -20.78 -27.10
C GLU B 236 -23.88 -21.37 -25.72
N LEU B 237 -23.67 -20.52 -24.73
CA LEU B 237 -23.35 -20.99 -23.38
C LEU B 237 -24.62 -21.32 -22.60
N THR B 238 -25.68 -20.57 -22.85
CA THR B 238 -26.97 -20.88 -22.27
C THR B 238 -27.42 -22.24 -22.77
N HIS B 239 -27.10 -22.50 -24.04
CA HIS B 239 -27.35 -23.79 -24.66
C HIS B 239 -26.65 -24.90 -23.88
N GLU B 240 -25.34 -24.72 -23.68
CA GLU B 240 -24.52 -25.70 -22.98
C GLU B 240 -24.98 -25.88 -21.53
N PHE B 241 -25.48 -24.81 -20.93
CA PHE B 241 -25.94 -24.84 -19.55
C PHE B 241 -27.17 -25.73 -19.46
N LEU B 242 -28.09 -25.53 -20.40
CA LEU B 242 -29.31 -26.33 -20.47
C LEU B 242 -28.99 -27.79 -20.76
N GLN B 243 -27.99 -28.01 -21.61
CA GLN B 243 -27.55 -29.37 -21.94
C GLN B 243 -27.09 -30.12 -20.70
N ILE B 244 -26.39 -29.42 -19.83
CA ILE B 244 -25.93 -29.99 -18.56
C ILE B 244 -27.11 -30.26 -17.63
N LEU B 245 -28.12 -29.41 -17.71
CA LEU B 245 -29.28 -29.53 -16.84
C LEU B 245 -30.09 -30.78 -17.18
N GLU B 246 -30.20 -31.09 -18.47
CA GLU B 246 -30.92 -32.28 -18.91
C GLU B 246 -30.24 -33.56 -18.45
N LYS B 247 -28.92 -33.57 -18.46
CA LYS B 247 -28.15 -34.78 -18.16
C LYS B 247 -28.14 -35.10 -16.66
N THR B 248 -28.67 -34.20 -15.85
CA THR B 248 -28.77 -34.45 -14.42
C THR B 248 -29.70 -35.63 -14.23
N PRO B 249 -29.59 -36.33 -13.10
CA PRO B 249 -30.60 -37.38 -12.90
C PRO B 249 -31.97 -36.71 -12.71
N ASN B 250 -33.04 -37.49 -12.66
CA ASN B 250 -34.39 -36.94 -12.69
C ASN B 250 -34.65 -36.13 -13.97
N ARG B 251 -33.72 -36.22 -14.92
CA ARG B 251 -33.64 -35.35 -16.11
C ARG B 251 -34.72 -34.26 -16.22
N LEU B 252 -34.72 -33.37 -15.24
CA LEU B 252 -35.57 -32.17 -15.22
C LEU B 252 -37.07 -32.44 -14.98
N LYS B 253 -37.50 -33.71 -15.02
CA LYS B 253 -38.92 -34.03 -14.85
C LYS B 253 -39.43 -33.55 -13.49
N ARG B 254 -40.66 -33.03 -13.49
CA ARG B 254 -41.26 -32.43 -12.29
C ARG B 254 -41.81 -33.48 -11.34
N ILE B 255 -40.99 -33.88 -10.37
CA ILE B 255 -41.30 -34.99 -9.47
C ILE B 255 -42.13 -34.65 -8.22
N TRP B 256 -42.57 -33.41 -8.06
CA TRP B 256 -43.34 -33.05 -6.87
C TRP B 256 -44.76 -33.62 -6.96
N ASN B 257 -45.60 -33.38 -5.94
CA ASN B 257 -46.83 -34.16 -5.79
C ASN B 257 -48.15 -33.39 -5.88
N TRP B 258 -48.10 -32.07 -5.82
CA TRP B 258 -49.30 -31.25 -5.85
C TRP B 258 -50.22 -31.65 -4.68
N ARG B 259 -49.60 -31.98 -3.55
CA ARG B 259 -50.29 -32.41 -2.34
C ARG B 259 -49.90 -31.54 -1.16
N ALA B 260 -50.39 -31.89 0.03
CA ALA B 260 -50.05 -31.15 1.24
C ALA B 260 -48.62 -31.53 1.68
N CYS B 261 -48.43 -31.85 2.95
CA CYS B 261 -47.09 -32.22 3.45
C CYS B 261 -47.05 -33.67 3.95
N GLU C 6 10.77 24.51 -6.81
CA GLU C 6 11.91 24.69 -5.92
C GLU C 6 11.45 25.05 -4.51
N ASP C 7 10.29 25.69 -4.40
CA ASP C 7 9.75 26.08 -3.09
C ASP C 7 9.17 24.89 -2.35
N ARG C 8 9.17 24.98 -1.02
CA ARG C 8 8.69 23.88 -0.18
C ARG C 8 7.21 23.58 -0.44
N ASN C 9 6.38 24.63 -0.47
CA ASN C 9 4.96 24.46 -0.70
C ASN C 9 4.69 23.62 -1.95
N VAL C 10 5.45 23.89 -3.00
CA VAL C 10 5.31 23.17 -4.25
C VAL C 10 5.84 21.76 -4.10
N LEU C 11 7.05 21.64 -3.56
CA LEU C 11 7.67 20.35 -3.36
C LEU C 11 6.81 19.48 -2.42
N ARG C 12 6.04 20.15 -1.57
CA ARG C 12 5.18 19.46 -0.62
C ARG C 12 3.93 18.94 -1.34
N MET C 13 3.36 19.80 -2.17
CA MET C 13 2.15 19.47 -2.91
C MET C 13 2.42 18.40 -3.95
N LYS C 14 3.53 18.54 -4.67
CA LYS C 14 3.93 17.57 -5.67
C LYS C 14 4.02 16.18 -5.05
N GLU C 15 4.37 16.13 -3.77
CA GLU C 15 4.51 14.86 -3.05
C GLU C 15 3.16 14.37 -2.53
N ARG C 16 2.26 15.31 -2.22
CA ARG C 16 0.93 14.95 -1.79
C ARG C 16 0.21 14.21 -2.91
N GLU C 17 0.46 14.65 -4.15
CA GLU C 17 -0.22 14.07 -5.30
C GLU C 17 0.41 12.73 -5.72
N ARG C 18 1.74 12.65 -5.64
CA ARG C 18 2.43 11.40 -5.94
C ARG C 18 1.90 10.30 -5.04
N ARG C 19 1.77 10.64 -3.76
CA ARG C 19 1.09 9.80 -2.78
C ARG C 19 -0.24 9.30 -3.32
N ASN C 20 -1.04 10.25 -3.79
CA ASN C 20 -2.43 10.01 -4.13
C ASN C 20 -2.62 9.19 -5.40
N GLN C 21 -1.77 9.43 -6.40
CA GLN C 21 -1.89 8.75 -7.69
C GLN C 21 -1.45 7.29 -7.64
N GLU C 22 -1.15 6.78 -6.46
CA GLU C 22 -0.88 5.36 -6.27
C GLU C 22 -2.14 4.61 -5.83
N ILE C 23 -3.26 5.31 -5.81
CA ILE C 23 -4.53 4.74 -5.37
C ILE C 23 -5.65 5.09 -6.34
N PRO C 35 -29.96 7.12 -14.70
CA PRO C 35 -30.61 5.89 -15.17
C PRO C 35 -30.21 5.55 -16.61
N LEU C 36 -29.52 4.42 -16.77
CA LEU C 36 -29.03 4.00 -18.08
C LEU C 36 -30.02 3.09 -18.81
N PHE C 37 -30.84 2.39 -18.04
CA PHE C 37 -31.73 1.38 -18.59
C PHE C 37 -33.18 1.62 -18.22
N ALA C 38 -34.07 1.34 -19.17
CA ALA C 38 -35.50 1.37 -18.90
C ALA C 38 -35.88 0.15 -18.07
N GLU C 39 -37.04 0.22 -17.44
CA GLU C 39 -37.52 -0.86 -16.61
C GLU C 39 -37.88 -2.06 -17.51
N PRO C 40 -37.32 -3.25 -17.22
CA PRO C 40 -37.53 -4.39 -18.13
C PRO C 40 -39.01 -4.79 -18.24
N TYR C 41 -39.39 -5.29 -19.42
CA TYR C 41 -40.78 -5.58 -19.74
C TYR C 41 -40.97 -7.01 -20.24
N LYS C 42 -42.18 -7.55 -20.08
CA LYS C 42 -42.50 -8.89 -20.57
C LYS C 42 -42.53 -8.92 -22.09
N VAL C 43 -42.22 -10.08 -22.65
CA VAL C 43 -42.24 -10.28 -24.10
C VAL C 43 -42.96 -11.59 -24.44
N THR C 44 -44.15 -11.45 -25.01
CA THR C 44 -44.97 -12.59 -25.36
C THR C 44 -44.50 -13.18 -26.68
N SER C 45 -44.31 -12.31 -27.65
CA SER C 45 -43.78 -12.68 -28.96
C SER C 45 -43.03 -11.48 -29.53
N LYS C 46 -42.06 -11.70 -30.41
CA LYS C 46 -41.74 -13.01 -30.97
C LYS C 46 -40.99 -13.92 -30.00
N GLU C 47 -41.10 -15.22 -30.24
CA GLU C 47 -40.38 -16.23 -29.48
C GLU C 47 -39.19 -16.74 -30.27
N ASP C 48 -38.09 -17.00 -29.57
CA ASP C 48 -36.89 -17.57 -30.18
C ASP C 48 -36.72 -19.01 -29.70
N LYS C 49 -35.90 -19.77 -30.42
CA LYS C 49 -35.73 -21.19 -30.13
C LYS C 49 -35.18 -21.44 -28.73
N LEU C 50 -34.29 -20.55 -28.29
CA LEU C 50 -33.65 -20.69 -26.99
C LEU C 50 -34.69 -20.64 -25.86
N SER C 51 -35.48 -19.57 -25.85
CA SER C 51 -36.54 -19.41 -24.85
C SER C 51 -37.49 -20.61 -24.87
N SER C 52 -38.05 -20.89 -26.05
CA SER C 52 -38.97 -22.00 -26.24
C SER C 52 -38.43 -23.28 -25.61
N ARG C 53 -37.16 -23.57 -25.89
CA ARG C 53 -36.51 -24.72 -25.31
C ARG C 53 -36.58 -24.65 -23.77
N ILE C 54 -35.93 -23.63 -23.20
CA ILE C 54 -35.88 -23.42 -21.75
C ILE C 54 -37.21 -23.65 -21.05
N GLN C 55 -38.27 -23.04 -21.59
CA GLN C 55 -39.59 -23.12 -20.98
C GLN C 55 -40.13 -24.55 -21.00
N SER C 56 -39.80 -25.29 -22.05
CA SER C 56 -40.22 -26.69 -22.18
C SER C 56 -39.54 -27.58 -21.15
N MET C 57 -38.38 -27.16 -20.69
CA MET C 57 -37.53 -27.95 -19.79
C MET C 57 -37.65 -27.56 -18.32
N LEU C 58 -37.64 -26.26 -18.03
CA LEU C 58 -37.77 -25.78 -16.66
C LEU C 58 -39.23 -25.54 -16.30
N GLY C 59 -40.08 -25.46 -17.31
CA GLY C 59 -41.51 -25.29 -17.12
C GLY C 59 -41.93 -23.83 -17.20
N ASN C 60 -42.96 -23.48 -16.45
CA ASN C 60 -43.50 -22.12 -16.48
C ASN C 60 -42.89 -21.30 -15.35
N TYR C 61 -42.22 -20.21 -15.73
CA TYR C 61 -41.46 -19.41 -14.77
C TYR C 61 -42.32 -18.86 -13.64
N ASP C 62 -43.49 -18.31 -13.97
CA ASP C 62 -44.30 -17.63 -12.98
C ASP C 62 -44.81 -18.61 -11.92
N GLU C 63 -44.91 -19.88 -12.30
CA GLU C 63 -45.31 -20.92 -11.35
C GLU C 63 -44.20 -21.21 -10.33
N MET C 64 -42.98 -20.77 -10.64
CA MET C 64 -41.80 -21.11 -9.84
C MET C 64 -41.21 -19.90 -9.12
N LYS C 65 -41.40 -18.72 -9.70
CA LYS C 65 -40.69 -17.51 -9.27
C LYS C 65 -40.82 -17.22 -7.76
N ASP C 66 -41.96 -17.60 -7.18
CA ASP C 66 -42.19 -17.34 -5.77
C ASP C 66 -41.62 -18.44 -4.87
N PHE C 67 -40.94 -19.40 -5.48
CA PHE C 67 -40.30 -20.48 -4.73
C PHE C 67 -38.78 -20.29 -4.72
N ILE C 68 -38.30 -19.59 -5.76
CA ILE C 68 -36.90 -19.20 -5.83
C ILE C 68 -36.70 -17.87 -5.11
N GLY C 69 -36.10 -17.93 -3.92
CA GLY C 69 -35.78 -16.73 -3.15
C GLY C 69 -36.61 -16.60 -1.91
N ASP C 70 -36.76 -15.37 -1.41
CA ASP C 70 -37.55 -15.10 -0.22
C ASP C 70 -38.71 -14.18 -0.54
N ARG C 71 -39.73 -14.25 0.29
CA ARG C 71 -40.96 -13.47 0.09
C ARG C 71 -40.92 -12.15 0.86
N VAL D 10 52.60 -55.11 4.45
CA VAL D 10 52.52 -53.68 4.72
C VAL D 10 51.09 -53.18 4.48
N GLU D 11 50.27 -53.29 5.52
CA GLU D 11 48.84 -52.99 5.44
C GLU D 11 48.54 -51.61 4.86
N CYS D 12 47.45 -51.51 4.10
CA CYS D 12 47.05 -50.26 3.48
C CYS D 12 45.63 -50.33 2.90
N PRO D 13 44.62 -50.47 3.78
CA PRO D 13 43.23 -50.69 3.35
C PRO D 13 42.53 -49.45 2.79
N PHE D 14 42.98 -48.26 3.18
CA PHE D 14 42.26 -47.03 2.84
C PHE D 14 42.99 -46.19 1.80
N CYS D 15 43.67 -46.86 0.88
CA CYS D 15 44.38 -46.17 -0.19
C CYS D 15 44.60 -47.12 -1.35
N ASP D 16 43.64 -47.14 -2.27
CA ASP D 16 43.67 -48.07 -3.40
C ASP D 16 44.84 -47.78 -4.33
N GLU D 17 45.25 -48.82 -5.06
CA GLU D 17 46.31 -48.68 -6.04
C GLU D 17 45.74 -47.93 -7.24
N VAL D 18 46.55 -47.06 -7.84
CA VAL D 18 46.11 -46.29 -8.98
C VAL D 18 45.83 -47.19 -10.19
N SER D 19 46.26 -48.45 -10.07
CA SER D 19 46.02 -49.47 -11.09
C SER D 19 44.56 -49.60 -11.47
N LYS D 20 43.66 -49.28 -10.55
CA LYS D 20 42.23 -49.40 -10.80
C LYS D 20 41.75 -48.51 -11.94
N TYR D 21 42.54 -47.51 -12.30
CA TYR D 21 42.24 -46.62 -13.40
C TYR D 21 43.12 -46.89 -14.62
N GLU D 22 42.56 -46.64 -15.81
CA GLU D 22 43.30 -46.79 -17.06
C GLU D 22 43.57 -45.41 -17.65
N LYS D 23 44.84 -45.05 -17.72
CA LYS D 23 45.25 -43.75 -18.25
C LYS D 23 44.94 -43.65 -19.73
N LEU D 24 44.37 -42.52 -20.15
CA LEU D 24 43.93 -42.32 -21.54
C LEU D 24 44.67 -41.22 -22.30
N ALA D 25 45.03 -40.13 -21.63
CA ALA D 25 45.69 -39.02 -22.29
C ALA D 25 46.28 -37.99 -21.32
N LYS D 26 47.24 -37.21 -21.81
CA LYS D 26 47.85 -36.14 -21.03
C LYS D 26 47.05 -34.83 -20.96
N ILE D 27 47.13 -34.17 -19.81
CA ILE D 27 46.52 -32.86 -19.59
C ILE D 27 47.43 -32.09 -18.65
N GLY D 28 47.05 -30.84 -18.34
CA GLY D 28 47.77 -30.04 -17.36
C GLY D 28 49.26 -29.91 -17.63
N GLY D 33 53.94 -35.45 -17.45
CA GLY D 33 53.28 -36.51 -16.70
C GLY D 33 52.83 -36.06 -15.33
N GLU D 34 52.11 -34.95 -15.28
CA GLU D 34 51.45 -34.49 -14.07
C GLU D 34 50.00 -34.93 -13.99
N VAL D 35 49.21 -34.51 -14.98
CA VAL D 35 47.77 -34.79 -15.00
C VAL D 35 47.35 -35.63 -16.20
N PHE D 36 46.53 -36.66 -15.93
CA PHE D 36 46.04 -37.57 -16.95
C PHE D 36 44.52 -37.70 -16.93
N LYS D 37 43.91 -37.85 -18.11
CA LYS D 37 42.54 -38.32 -18.18
C LYS D 37 42.59 -39.83 -18.09
N ALA D 38 41.71 -40.41 -17.28
CA ALA D 38 41.69 -41.86 -17.09
C ALA D 38 40.27 -42.34 -16.85
N ARG D 39 40.04 -43.64 -17.05
CA ARG D 39 38.74 -44.25 -16.81
C ARG D 39 38.86 -45.42 -15.84
N HIS D 40 37.90 -45.53 -14.93
CA HIS D 40 37.85 -46.65 -13.99
C HIS D 40 37.63 -47.95 -14.75
N ARG D 41 38.47 -48.94 -14.46
CA ARG D 41 38.49 -50.19 -15.22
C ARG D 41 37.17 -50.96 -15.18
N LYS D 42 36.50 -50.92 -14.04
CA LYS D 42 35.28 -51.72 -13.83
C LYS D 42 33.99 -50.96 -14.16
N THR D 43 33.94 -49.67 -13.85
CA THR D 43 32.71 -48.89 -14.00
C THR D 43 32.70 -48.05 -15.28
N GLY D 44 33.89 -47.78 -15.82
CA GLY D 44 34.01 -47.00 -17.04
C GLY D 44 33.90 -45.50 -16.77
N GLN D 45 33.75 -45.14 -15.51
CA GLN D 45 33.67 -43.73 -15.10
C GLN D 45 34.97 -43.00 -15.42
N LYS D 46 34.86 -41.84 -16.06
CA LYS D 46 36.02 -41.03 -16.39
C LYS D 46 36.49 -40.23 -15.17
N VAL D 47 37.80 -40.09 -15.02
CA VAL D 47 38.39 -39.32 -13.93
C VAL D 47 39.62 -38.55 -14.41
N ALA D 48 40.08 -37.61 -13.59
CA ALA D 48 41.33 -36.92 -13.82
C ALA D 48 42.33 -37.27 -12.72
N LEU D 49 43.46 -37.87 -13.12
CA LEU D 49 44.52 -38.23 -12.18
C LEU D 49 45.57 -37.13 -12.10
N LYS D 50 45.70 -36.52 -10.92
CA LYS D 50 46.72 -35.51 -10.66
C LYS D 50 47.85 -36.09 -9.82
N LYS D 51 49.04 -36.20 -10.40
CA LYS D 51 50.17 -36.81 -9.73
C LYS D 51 50.85 -35.81 -8.80
N VAL D 52 50.99 -36.18 -7.53
CA VAL D 52 51.68 -35.34 -6.54
C VAL D 52 53.17 -35.36 -6.80
N LEU D 53 53.72 -34.19 -7.09
CA LEU D 53 55.12 -34.06 -7.50
C LEU D 53 56.06 -34.02 -6.29
N MET D 54 56.52 -35.19 -5.85
CA MET D 54 57.51 -35.25 -4.78
C MET D 54 58.91 -35.10 -5.39
N GLU D 55 59.13 -34.00 -6.10
CA GLU D 55 60.45 -33.65 -6.59
C GLU D 55 61.26 -33.02 -5.46
N ASN D 56 60.62 -32.09 -4.76
CA ASN D 56 61.23 -31.42 -3.61
C ASN D 56 61.02 -32.25 -2.34
N GLU D 57 61.75 -33.35 -2.23
CA GLU D 57 61.68 -34.23 -1.07
C GLU D 57 62.47 -33.72 0.15
N LYS D 58 62.77 -32.43 0.17
CA LYS D 58 63.52 -31.85 1.28
C LYS D 58 62.71 -31.76 2.57
N GLU D 59 61.41 -31.55 2.45
CA GLU D 59 60.52 -31.46 3.62
C GLU D 59 59.41 -32.50 3.51
N GLY D 60 59.72 -33.63 2.89
CA GLY D 60 58.79 -34.74 2.80
C GLY D 60 57.58 -34.39 1.96
N PHE D 61 56.42 -34.92 2.32
CA PHE D 61 55.21 -34.67 1.57
C PHE D 61 54.90 -33.17 1.58
N PRO D 62 54.68 -32.58 0.39
CA PRO D 62 54.55 -31.11 0.33
C PRO D 62 53.33 -30.58 1.07
N ILE D 63 53.55 -29.60 1.93
CA ILE D 63 52.46 -28.94 2.65
C ILE D 63 51.43 -28.40 1.68
N THR D 64 51.88 -28.02 0.48
CA THR D 64 51.00 -27.51 -0.55
C THR D 64 49.95 -28.53 -0.94
N ALA D 65 50.37 -29.78 -1.06
CA ALA D 65 49.46 -30.86 -1.41
C ALA D 65 48.55 -31.20 -0.23
N LEU D 66 49.11 -31.15 0.97
CA LEU D 66 48.35 -31.45 2.18
C LEU D 66 47.19 -30.48 2.30
N ARG D 67 47.44 -29.22 1.99
CA ARG D 67 46.40 -28.21 2.01
C ARG D 67 45.33 -28.51 0.98
N GLU D 68 45.77 -28.87 -0.22
CA GLU D 68 44.84 -29.18 -1.30
C GLU D 68 43.94 -30.35 -0.90
N ILE D 69 44.55 -31.39 -0.34
CA ILE D 69 43.82 -32.58 0.10
C ILE D 69 42.85 -32.23 1.24
N LYS D 70 43.35 -31.49 2.22
CA LYS D 70 42.53 -31.05 3.33
C LYS D 70 41.33 -30.27 2.82
N ILE D 71 41.62 -29.28 1.97
CA ILE D 71 40.60 -28.35 1.50
C ILE D 71 39.55 -29.03 0.62
N LEU D 72 39.96 -29.92 -0.26
CA LEU D 72 39.02 -30.54 -1.19
C LEU D 72 38.14 -31.58 -0.51
N GLN D 73 38.60 -32.08 0.64
CA GLN D 73 37.78 -32.95 1.47
C GLN D 73 36.70 -32.15 2.19
N LEU D 74 37.00 -30.89 2.48
CA LEU D 74 36.07 -30.00 3.17
C LEU D 74 35.04 -29.45 2.20
N LEU D 75 35.51 -28.77 1.16
CA LEU D 75 34.63 -28.07 0.23
C LEU D 75 33.80 -29.03 -0.61
N LYS D 76 32.47 -28.85 -0.59
CA LYS D 76 31.58 -29.60 -1.45
C LYS D 76 30.48 -28.68 -1.99
N HIS D 77 30.56 -28.39 -3.28
CA HIS D 77 29.68 -27.41 -3.91
C HIS D 77 29.56 -27.71 -5.40
N GLU D 78 28.46 -27.26 -6.00
CA GLU D 78 28.17 -27.59 -7.40
C GLU D 78 29.16 -26.91 -8.33
N ASN D 79 29.80 -25.86 -7.85
CA ASN D 79 30.74 -25.10 -8.67
C ASN D 79 32.19 -25.23 -8.18
N VAL D 80 32.42 -26.26 -7.35
CA VAL D 80 33.76 -26.63 -6.94
C VAL D 80 34.03 -28.06 -7.39
N VAL D 81 35.22 -28.30 -7.95
CA VAL D 81 35.57 -29.61 -8.46
C VAL D 81 35.53 -30.64 -7.33
N ASN D 82 35.26 -31.89 -7.67
CA ASN D 82 35.06 -32.94 -6.68
C ASN D 82 36.24 -33.89 -6.59
N LEU D 83 36.82 -33.99 -5.40
CA LEU D 83 37.87 -34.97 -5.14
C LEU D 83 37.22 -36.29 -4.79
N ILE D 84 37.62 -37.35 -5.50
CA ILE D 84 37.02 -38.66 -5.34
C ILE D 84 37.77 -39.47 -4.29
N GLU D 85 39.07 -39.62 -4.51
CA GLU D 85 39.90 -40.39 -3.60
C GLU D 85 41.36 -40.03 -3.83
N ILE D 86 42.24 -40.71 -3.10
CA ILE D 86 43.67 -40.55 -3.27
C ILE D 86 44.30 -41.93 -3.43
N CYS D 87 45.10 -42.09 -4.48
CA CYS D 87 45.66 -43.39 -4.85
C CYS D 87 47.18 -43.38 -4.78
N ARG D 88 47.76 -44.58 -4.77
CA ARG D 88 49.19 -44.77 -4.65
C ARG D 88 49.71 -45.65 -5.77
N THR D 89 51.03 -45.83 -5.81
CA THR D 89 51.66 -46.77 -6.73
C THR D 89 52.43 -47.83 -5.97
N LYS D 90 52.40 -49.06 -6.48
CA LYS D 90 53.14 -50.17 -5.89
C LYS D 90 54.64 -49.94 -5.96
N GLY D 99 56.33 -44.71 -2.48
CA GLY D 99 55.50 -44.61 -3.68
C GLY D 99 55.02 -43.20 -3.92
N SER D 100 54.50 -42.94 -5.11
CA SER D 100 53.95 -41.64 -5.46
C SER D 100 52.44 -41.64 -5.29
N ILE D 101 51.88 -40.45 -5.06
CA ILE D 101 50.45 -40.30 -4.79
C ILE D 101 49.71 -39.61 -5.93
N TYR D 102 48.49 -40.07 -6.20
CA TYR D 102 47.62 -39.50 -7.22
C TYR D 102 46.30 -39.00 -6.64
N LEU D 103 45.98 -37.74 -6.89
CA LEU D 103 44.66 -37.19 -6.59
C LEU D 103 43.67 -37.51 -7.71
N VAL D 104 42.53 -38.07 -7.34
CA VAL D 104 41.52 -38.49 -8.31
C VAL D 104 40.31 -37.57 -8.33
N PHE D 105 40.11 -36.86 -9.44
CA PHE D 105 38.99 -35.94 -9.60
C PHE D 105 37.93 -36.48 -10.57
N ASP D 106 36.71 -35.97 -10.44
CA ASP D 106 35.69 -36.16 -11.46
C ASP D 106 36.13 -35.42 -12.72
N PHE D 107 36.04 -36.08 -13.87
CA PHE D 107 36.54 -35.51 -15.11
C PHE D 107 35.59 -34.44 -15.67
N CYS D 108 36.18 -33.38 -16.22
CA CYS D 108 35.44 -32.32 -16.89
C CYS D 108 35.91 -32.16 -18.33
N GLU D 109 34.98 -32.10 -19.26
CA GLU D 109 35.30 -32.07 -20.68
C GLU D 109 36.10 -30.83 -21.08
N HIS D 110 35.77 -29.68 -20.52
CA HIS D 110 36.36 -28.41 -20.95
C HIS D 110 37.00 -27.63 -19.82
N ASP D 111 37.89 -26.72 -20.21
CA ASP D 111 38.39 -25.67 -19.32
C ASP D 111 38.14 -24.34 -20.03
N LEU D 112 37.87 -23.30 -19.25
CA LEU D 112 37.41 -22.02 -19.82
C LEU D 112 38.44 -21.44 -20.77
N ALA D 113 39.72 -21.58 -20.43
CA ALA D 113 40.79 -21.09 -21.29
C ALA D 113 40.74 -21.76 -22.66
N GLY D 114 40.54 -23.07 -22.67
CA GLY D 114 40.45 -23.84 -23.90
C GLY D 114 39.34 -23.37 -24.82
N LEU D 115 38.16 -23.15 -24.26
CA LEU D 115 37.00 -22.70 -25.03
C LEU D 115 37.24 -21.30 -25.61
N LEU D 116 37.82 -20.42 -24.80
CA LEU D 116 38.04 -19.03 -25.19
C LEU D 116 39.09 -18.91 -26.29
N SER D 117 39.98 -19.90 -26.40
CA SER D 117 41.01 -19.85 -27.43
C SER D 117 40.45 -20.28 -28.78
N ASN D 118 39.44 -21.15 -28.74
CA ASN D 118 38.80 -21.63 -29.96
C ASN D 118 37.83 -20.60 -30.54
N VAL D 119 38.03 -20.25 -31.80
CA VAL D 119 37.22 -19.22 -32.46
C VAL D 119 35.83 -19.75 -32.83
N LEU D 120 35.71 -21.06 -32.94
CA LEU D 120 34.46 -21.69 -33.32
C LEU D 120 33.45 -21.65 -32.18
N VAL D 121 33.93 -21.37 -30.97
CA VAL D 121 33.09 -21.28 -29.78
C VAL D 121 32.50 -19.88 -29.66
N LYS D 122 31.18 -19.80 -29.56
CA LYS D 122 30.46 -18.53 -29.42
C LYS D 122 29.64 -18.44 -28.16
N PHE D 123 29.92 -17.40 -27.37
CA PHE D 123 29.13 -17.11 -26.19
C PHE D 123 28.11 -16.03 -26.52
N THR D 124 26.85 -16.29 -26.18
CA THR D 124 25.86 -15.22 -26.16
C THR D 124 26.08 -14.45 -24.87
N LEU D 125 25.59 -13.22 -24.80
CA LEU D 125 25.74 -12.42 -23.58
C LEU D 125 25.09 -13.19 -22.43
N SER D 126 23.95 -13.80 -22.71
CA SER D 126 23.23 -14.60 -21.73
C SER D 126 24.10 -15.72 -21.15
N GLU D 127 24.88 -16.36 -22.00
CA GLU D 127 25.72 -17.48 -21.57
C GLU D 127 26.93 -17.01 -20.77
N ILE D 128 27.47 -15.84 -21.12
CA ILE D 128 28.58 -15.26 -20.37
C ILE D 128 28.10 -14.96 -18.95
N LYS D 129 26.93 -14.35 -18.84
CA LYS D 129 26.32 -14.06 -17.55
C LYS D 129 26.28 -15.32 -16.70
N ARG D 130 25.92 -16.43 -17.33
CA ARG D 130 25.77 -17.70 -16.63
C ARG D 130 27.12 -18.23 -16.15
N VAL D 131 28.15 -18.04 -16.96
CA VAL D 131 29.50 -18.47 -16.59
C VAL D 131 30.01 -17.71 -15.38
N MET D 132 29.87 -16.38 -15.42
CA MET D 132 30.35 -15.54 -14.33
C MET D 132 29.54 -15.76 -13.06
N GLN D 133 28.26 -16.07 -13.24
CA GLN D 133 27.39 -16.30 -12.11
C GLN D 133 27.82 -17.54 -11.33
N MET D 134 28.09 -18.62 -12.06
CA MET D 134 28.55 -19.86 -11.44
C MET D 134 29.92 -19.68 -10.80
N LEU D 135 30.80 -18.93 -11.46
CA LEU D 135 32.13 -18.68 -10.94
C LEU D 135 32.06 -17.96 -9.61
N LEU D 136 31.30 -16.88 -9.56
CA LEU D 136 31.17 -16.08 -8.35
C LEU D 136 30.41 -16.82 -7.27
N ASN D 137 29.50 -17.70 -7.68
CA ASN D 137 28.81 -18.57 -6.74
C ASN D 137 29.81 -19.51 -6.08
N GLY D 138 30.72 -20.03 -6.89
CA GLY D 138 31.77 -20.88 -6.39
C GLY D 138 32.68 -20.14 -5.43
N LEU D 139 33.07 -18.93 -5.83
CA LEU D 139 33.95 -18.10 -5.00
C LEU D 139 33.27 -17.74 -3.68
N TYR D 140 31.97 -17.47 -3.72
CA TYR D 140 31.22 -17.18 -2.50
C TYR D 140 31.34 -18.33 -1.51
N TYR D 141 31.26 -19.55 -2.04
CA TYR D 141 31.25 -20.72 -1.19
C TYR D 141 32.60 -20.97 -0.52
N ILE D 142 33.68 -20.93 -1.29
CA ILE D 142 34.99 -21.24 -0.73
C ILE D 142 35.42 -20.14 0.24
N HIS D 143 34.98 -18.92 -0.02
CA HIS D 143 35.30 -17.80 0.84
C HIS D 143 34.53 -17.92 2.16
N ARG D 144 33.28 -18.36 2.07
CA ARG D 144 32.46 -18.53 3.26
C ARG D 144 33.00 -19.68 4.10
N ASN D 145 33.79 -20.55 3.49
CA ASN D 145 34.47 -21.61 4.21
C ASN D 145 35.90 -21.23 4.58
N LYS D 146 36.19 -19.93 4.51
CA LYS D 146 37.48 -19.40 4.94
C LYS D 146 38.62 -20.04 4.15
N ILE D 147 38.46 -20.08 2.83
CA ILE D 147 39.49 -20.60 1.92
C ILE D 147 39.80 -19.58 0.83
N LEU D 148 41.09 -19.32 0.62
CA LEU D 148 41.54 -18.54 -0.52
C LEU D 148 42.01 -19.48 -1.62
N HIS D 149 41.62 -19.19 -2.86
CA HIS D 149 42.04 -20.02 -3.98
C HIS D 149 43.48 -19.70 -4.38
N ARG D 150 43.76 -18.41 -4.53
CA ARG D 150 45.13 -17.93 -4.76
C ARG D 150 45.74 -18.46 -6.06
N ASP D 151 44.90 -18.73 -7.06
CA ASP D 151 45.40 -19.12 -8.38
C ASP D 151 44.28 -19.06 -9.41
N MET D 152 43.50 -17.99 -9.35
CA MET D 152 42.40 -17.76 -10.29
C MET D 152 42.90 -17.43 -11.68
N LYS D 153 42.57 -18.30 -12.62
CA LYS D 153 42.88 -18.08 -14.03
C LYS D 153 41.97 -18.95 -14.88
N ALA D 154 41.77 -18.55 -16.13
CA ALA D 154 40.83 -19.24 -17.01
C ALA D 154 41.11 -20.73 -17.08
N ALA D 155 42.39 -21.10 -17.08
CA ALA D 155 42.78 -22.49 -17.23
C ALA D 155 42.43 -23.32 -16.00
N ASN D 156 42.17 -22.66 -14.88
CA ASN D 156 41.78 -23.35 -13.65
C ASN D 156 40.27 -23.29 -13.44
N VAL D 157 39.54 -22.87 -14.47
CA VAL D 157 38.08 -22.86 -14.44
C VAL D 157 37.58 -23.90 -15.43
N LEU D 158 37.02 -24.98 -14.91
CA LEU D 158 36.54 -26.08 -15.73
C LEU D 158 35.03 -25.96 -15.96
N ILE D 159 34.57 -26.54 -17.05
CA ILE D 159 33.15 -26.59 -17.37
C ILE D 159 32.81 -28.00 -17.82
N THR D 160 31.82 -28.61 -17.16
CA THR D 160 31.47 -30.00 -17.46
C THR D 160 30.70 -30.10 -18.76
N ARG D 161 30.41 -31.33 -19.15
CA ARG D 161 29.70 -31.60 -20.39
C ARG D 161 28.30 -30.99 -20.37
N ASP D 162 27.71 -30.91 -19.17
CA ASP D 162 26.36 -30.37 -19.01
C ASP D 162 26.39 -28.86 -18.79
N GLY D 163 27.54 -28.23 -19.01
CA GLY D 163 27.65 -26.78 -18.93
C GLY D 163 27.66 -26.26 -17.50
N VAL D 164 28.26 -27.03 -16.59
CA VAL D 164 28.37 -26.64 -15.19
C VAL D 164 29.82 -26.26 -14.86
N LEU D 165 30.02 -25.01 -14.46
CA LEU D 165 31.36 -24.50 -14.17
C LEU D 165 31.89 -25.04 -12.86
N LYS D 166 33.19 -25.36 -12.82
CA LYS D 166 33.84 -25.87 -11.62
C LYS D 166 35.18 -25.18 -11.36
N LEU D 167 35.35 -24.59 -10.19
CA LEU D 167 36.65 -24.09 -9.78
C LEU D 167 37.58 -25.29 -9.52
N ALA D 168 38.83 -25.18 -9.93
CA ALA D 168 39.75 -26.31 -9.85
C ALA D 168 41.19 -25.89 -9.55
N ASP D 169 42.03 -26.90 -9.31
CA ASP D 169 43.44 -26.69 -8.97
C ASP D 169 43.58 -25.86 -7.70
N PHE D 170 43.25 -26.49 -6.57
CA PHE D 170 43.37 -25.86 -5.26
C PHE D 170 44.76 -26.13 -4.65
N GLY D 171 45.71 -26.49 -5.50
CA GLY D 171 47.07 -26.75 -5.06
C GLY D 171 47.73 -25.57 -4.37
N LEU D 172 47.30 -24.37 -4.71
CA LEU D 172 47.86 -23.14 -4.15
C LEU D 172 46.96 -22.54 -3.08
N ALA D 173 45.85 -23.22 -2.77
CA ALA D 173 44.87 -22.69 -1.83
C ALA D 173 45.29 -22.87 -0.38
N ARG D 174 44.66 -22.11 0.50
CA ARG D 174 44.88 -22.23 1.94
C ARG D 174 43.73 -21.62 2.71
N ALA D 175 43.70 -21.89 4.02
CA ALA D 175 42.71 -21.25 4.88
C ALA D 175 43.22 -19.87 5.28
N PHE D 176 42.29 -18.97 5.59
CA PHE D 176 42.65 -17.64 6.05
C PHE D 176 41.80 -17.29 7.25
N SER D 177 42.10 -16.15 7.88
CA SER D 177 41.51 -15.79 9.15
C SER D 177 40.74 -14.49 9.14
N LEU D 178 39.81 -14.39 10.07
CA LEU D 178 39.04 -13.17 10.31
C LEU D 178 39.57 -12.61 11.63
N ALA D 179 40.89 -12.42 11.64
CA ALA D 179 41.66 -12.27 12.87
C ALA D 179 42.22 -10.87 13.07
N LYS D 180 42.03 -10.27 14.25
CA LYS D 180 41.03 -10.61 15.27
C LYS D 180 40.64 -9.31 15.93
N ASN D 181 40.83 -8.22 15.19
CA ASN D 181 40.91 -6.86 15.72
C ASN D 181 42.23 -6.85 16.47
N SER D 182 43.18 -7.60 15.91
CA SER D 182 44.45 -7.94 16.56
C SER D 182 45.54 -8.13 15.50
N GLN D 183 46.72 -8.51 15.96
CA GLN D 183 47.90 -8.66 15.09
C GLN D 183 47.61 -9.44 13.81
N PRO D 184 48.01 -8.88 12.64
CA PRO D 184 47.58 -9.47 11.37
C PRO D 184 48.37 -10.71 10.92
N ASN D 185 47.77 -11.45 9.99
CA ASN D 185 48.38 -12.64 9.41
C ASN D 185 49.60 -12.33 8.55
N ARG D 186 50.53 -13.28 8.46
CA ARG D 186 51.68 -13.14 7.58
C ARG D 186 51.69 -14.29 6.56
N TYR D 187 50.72 -14.26 5.65
CA TYR D 187 50.59 -15.27 4.61
C TYR D 187 51.74 -15.24 3.61
N TPO D 188 51.77 -16.21 2.72
CA TPO D 188 52.75 -16.25 1.64
CB TPO D 188 52.77 -17.64 1.02
CG2 TPO D 188 53.77 -17.72 -0.13
OG1 TPO D 188 53.12 -18.57 2.04
P TPO D 188 51.89 -19.58 2.30
O1P TPO D 188 52.26 -20.50 3.40
O2P TPO D 188 50.56 -18.78 2.72
O3P TPO D 188 51.60 -20.44 0.96
C TPO D 188 52.41 -15.19 0.60
O TPO D 188 51.28 -15.12 0.12
H TPO D 188 51.22 -16.87 2.72
HA TPO D 188 53.64 -16.06 2.00
HB TPO D 188 51.78 -17.88 0.64
HG21 TPO D 188 53.77 -18.73 -0.56
HG22 TPO D 188 54.78 -17.49 0.25
HG23 TPO D 188 53.51 -17.00 -0.90
N ASN D 189 53.39 -14.35 0.27
CA ASN D 189 53.16 -13.24 -0.66
C ASN D 189 53.18 -13.66 -2.13
N ARG D 190 54.24 -14.36 -2.53
CA ARG D 190 54.36 -14.79 -3.92
C ARG D 190 53.37 -15.91 -4.23
N VAL D 191 52.12 -15.51 -4.48
CA VAL D 191 51.07 -16.42 -4.92
C VAL D 191 50.32 -15.83 -6.11
N VAL D 192 49.49 -16.64 -6.74
CA VAL D 192 48.74 -16.27 -7.94
C VAL D 192 49.65 -16.01 -9.14
N THR D 193 49.26 -16.57 -10.28
CA THR D 193 49.95 -16.34 -11.55
C THR D 193 50.11 -14.84 -11.80
N LEU D 194 51.28 -14.44 -12.28
CA LEU D 194 51.63 -13.03 -12.40
C LEU D 194 50.55 -12.23 -13.13
N TRP D 195 50.03 -12.78 -14.23
CA TRP D 195 49.04 -12.09 -15.04
C TRP D 195 47.77 -11.80 -14.26
N TYR D 196 47.36 -12.71 -13.38
CA TYR D 196 46.13 -12.56 -12.63
C TYR D 196 46.38 -12.12 -11.19
N ARG D 197 47.60 -11.68 -10.88
CA ARG D 197 47.94 -11.28 -9.52
C ARG D 197 47.46 -9.86 -9.24
N PRO D 198 46.79 -9.63 -8.10
CA PRO D 198 46.30 -8.28 -7.78
C PRO D 198 47.39 -7.31 -7.32
N PRO D 199 47.07 -6.01 -7.28
CA PRO D 199 48.03 -4.95 -6.88
C PRO D 199 48.64 -5.14 -5.50
N GLU D 200 47.82 -5.43 -4.51
CA GLU D 200 48.31 -5.52 -3.12
C GLU D 200 49.40 -6.58 -2.96
N LEU D 201 49.27 -7.70 -3.67
CA LEU D 201 50.28 -8.75 -3.60
C LEU D 201 51.58 -8.29 -4.22
N LEU D 202 51.48 -7.48 -5.28
CA LEU D 202 52.66 -7.00 -5.99
C LEU D 202 53.40 -5.95 -5.17
N LEU D 203 52.68 -5.29 -4.25
CA LEU D 203 53.30 -4.32 -3.35
C LEU D 203 53.76 -4.98 -2.06
N GLY D 204 53.66 -6.30 -1.99
CA GLY D 204 54.25 -7.06 -0.90
C GLY D 204 53.33 -7.32 0.28
N GLU D 205 52.03 -7.20 0.06
CA GLU D 205 51.04 -7.48 1.10
C GLU D 205 51.11 -8.94 1.52
N ARG D 206 51.08 -9.18 2.84
CA ARG D 206 51.06 -10.53 3.39
C ARG D 206 49.84 -10.76 4.27
N ASP D 207 49.03 -9.71 4.45
CA ASP D 207 47.81 -9.80 5.24
C ASP D 207 46.60 -9.59 4.33
N TYR D 208 46.56 -10.34 3.25
CA TYR D 208 45.51 -10.20 2.25
C TYR D 208 44.34 -11.13 2.58
N GLY D 209 43.37 -11.19 1.67
CA GLY D 209 42.18 -11.99 1.91
C GLY D 209 41.45 -12.30 0.61
N PRO D 210 40.17 -12.65 0.69
CA PRO D 210 39.33 -13.01 -0.47
C PRO D 210 39.42 -12.05 -1.66
N PRO D 211 39.59 -10.74 -1.42
CA PRO D 211 39.69 -9.84 -2.58
C PRO D 211 40.70 -10.25 -3.67
N ILE D 212 41.74 -11.00 -3.31
CA ILE D 212 42.76 -11.35 -4.31
C ILE D 212 42.16 -12.29 -5.37
N ASP D 213 41.20 -13.11 -4.95
CA ASP D 213 40.54 -14.04 -5.86
C ASP D 213 39.58 -13.31 -6.79
N LEU D 214 38.93 -12.27 -6.29
CA LEU D 214 37.95 -11.55 -7.10
C LEU D 214 38.64 -10.63 -8.10
N TRP D 215 39.88 -10.26 -7.82
CA TRP D 215 40.67 -9.56 -8.82
C TRP D 215 40.81 -10.47 -10.03
N GLY D 216 41.17 -11.73 -9.78
CA GLY D 216 41.28 -12.72 -10.83
C GLY D 216 39.95 -12.90 -11.54
N ALA D 217 38.87 -12.87 -10.77
CA ALA D 217 37.53 -13.01 -11.33
C ALA D 217 37.26 -11.90 -12.33
N GLY D 218 37.71 -10.69 -11.99
CA GLY D 218 37.60 -9.56 -12.89
C GLY D 218 38.42 -9.78 -14.14
N CYS D 219 39.66 -10.24 -13.96
CA CYS D 219 40.54 -10.54 -15.08
C CYS D 219 39.95 -11.60 -15.99
N ILE D 220 39.36 -12.63 -15.40
CA ILE D 220 38.74 -13.71 -16.16
C ILE D 220 37.51 -13.20 -16.90
N MET D 221 36.74 -12.33 -16.26
CA MET D 221 35.51 -11.82 -16.87
C MET D 221 35.81 -10.98 -18.10
N ALA D 222 36.91 -10.24 -18.06
CA ALA D 222 37.33 -9.45 -19.21
C ALA D 222 37.70 -10.36 -20.37
N GLU D 223 38.29 -11.51 -20.05
CA GLU D 223 38.74 -12.46 -21.07
C GLU D 223 37.57 -13.08 -21.83
N MET D 224 36.39 -13.07 -21.22
CA MET D 224 35.21 -13.65 -21.84
C MET D 224 34.90 -12.97 -23.18
N TRP D 225 35.36 -11.73 -23.34
CA TRP D 225 35.14 -10.98 -24.57
C TRP D 225 36.42 -10.78 -25.38
N THR D 226 37.55 -10.61 -24.69
CA THR D 226 38.82 -10.36 -25.37
C THR D 226 39.46 -11.66 -25.86
N ARG D 227 39.03 -12.77 -25.27
CA ARG D 227 39.55 -14.09 -25.61
C ARG D 227 41.06 -14.19 -25.40
N SER D 228 41.60 -13.29 -24.59
CA SER D 228 43.03 -13.28 -24.31
C SER D 228 43.31 -12.46 -23.04
N PRO D 229 44.14 -13.00 -22.11
CA PRO D 229 44.46 -12.30 -20.86
C PRO D 229 44.81 -10.83 -21.07
N ILE D 230 44.21 -9.97 -20.26
CA ILE D 230 44.22 -8.53 -20.52
C ILE D 230 45.46 -7.79 -20.04
N MET D 231 46.24 -8.40 -19.15
CA MET D 231 47.46 -7.78 -18.65
C MET D 231 48.58 -8.82 -18.55
N GLN D 232 49.33 -8.93 -19.63
CA GLN D 232 50.35 -9.97 -19.78
C GLN D 232 51.75 -9.45 -19.49
N GLY D 233 52.05 -9.22 -18.21
CA GLY D 233 53.36 -8.76 -17.81
C GLY D 233 54.39 -9.86 -17.91
N ASN D 234 55.67 -9.48 -17.90
CA ASN D 234 56.77 -10.44 -18.01
C ASN D 234 57.56 -10.48 -16.71
N THR D 235 57.40 -9.43 -15.90
CA THR D 235 58.02 -9.36 -14.58
C THR D 235 57.03 -8.71 -13.61
N GLU D 236 57.34 -8.76 -12.32
CA GLU D 236 56.43 -8.19 -11.32
C GLU D 236 56.28 -6.69 -11.51
N GLN D 237 57.35 -6.02 -11.90
CA GLN D 237 57.30 -4.58 -12.14
C GLN D 237 56.53 -4.26 -13.41
N HIS D 238 56.78 -5.03 -14.47
CA HIS D 238 56.05 -4.87 -15.72
C HIS D 238 54.56 -5.03 -15.48
N GLN D 239 54.22 -6.06 -14.71
CA GLN D 239 52.82 -6.33 -14.37
C GLN D 239 52.21 -5.14 -13.65
N LEU D 240 52.96 -4.56 -12.72
CA LEU D 240 52.49 -3.40 -11.98
C LEU D 240 52.28 -2.21 -12.92
N ALA D 241 53.17 -2.07 -13.89
CA ALA D 241 53.07 -0.98 -14.86
C ALA D 241 51.81 -1.13 -15.71
N LEU D 242 51.57 -2.33 -16.21
CA LEU D 242 50.39 -2.62 -17.01
C LEU D 242 49.11 -2.32 -16.23
N ILE D 243 49.09 -2.69 -14.96
CA ILE D 243 47.94 -2.42 -14.10
C ILE D 243 47.76 -0.92 -13.96
N SER D 244 48.87 -0.21 -13.73
CA SER D 244 48.83 1.24 -13.59
C SER D 244 48.31 1.89 -14.87
N GLN D 245 48.81 1.41 -16.00
CA GLN D 245 48.39 1.93 -17.31
C GLN D 245 46.88 1.79 -17.53
N LEU D 246 46.34 0.65 -17.12
CA LEU D 246 44.94 0.32 -17.41
C LEU D 246 43.97 0.79 -16.33
N CYS D 247 44.36 0.63 -15.07
CA CYS D 247 43.46 0.85 -13.94
C CYS D 247 43.64 2.22 -13.31
N GLY D 248 44.64 2.96 -13.77
CA GLY D 248 44.95 4.26 -13.23
C GLY D 248 46.15 4.16 -12.31
N SER D 249 46.76 5.31 -12.00
CA SER D 249 47.96 5.33 -11.19
C SER D 249 47.65 4.98 -9.74
N ILE D 250 48.59 4.30 -9.10
CA ILE D 250 48.44 3.90 -7.71
C ILE D 250 48.81 5.07 -6.80
N THR D 251 47.81 5.67 -6.16
CA THR D 251 48.03 6.84 -5.30
C THR D 251 47.21 6.73 -4.02
N PRO D 252 47.70 7.34 -2.93
CA PRO D 252 46.97 7.33 -1.65
C PRO D 252 45.54 7.86 -1.74
N GLU D 253 45.25 8.70 -2.73
CA GLU D 253 43.92 9.28 -2.84
C GLU D 253 42.89 8.23 -3.23
N VAL D 254 43.30 7.28 -4.07
CA VAL D 254 42.40 6.24 -4.56
C VAL D 254 42.62 4.94 -3.79
N TRP D 255 43.68 4.90 -2.99
CA TRP D 255 44.06 3.72 -2.24
C TRP D 255 44.75 4.15 -0.95
N PRO D 256 43.97 4.60 0.05
CA PRO D 256 44.51 5.07 1.33
C PRO D 256 45.55 4.14 1.93
N ASN D 257 46.64 4.72 2.41
CA ASN D 257 47.69 4.00 3.14
C ASN D 257 48.49 3.03 2.27
N VAL D 258 48.34 3.12 0.95
CA VAL D 258 49.16 2.32 0.06
C VAL D 258 50.61 2.78 0.20
N ASP D 259 50.80 3.99 0.69
CA ASP D 259 52.13 4.52 0.98
C ASP D 259 52.88 3.62 1.97
N ASN D 260 52.15 3.02 2.91
CA ASN D 260 52.78 2.27 4.00
C ASN D 260 53.52 1.03 3.51
N TYR D 261 53.23 0.61 2.29
CA TYR D 261 53.95 -0.50 1.68
C TYR D 261 55.41 -0.11 1.45
N GLU D 262 56.33 -0.95 1.96
CA GLU D 262 57.76 -0.72 1.79
C GLU D 262 58.14 -0.48 0.33
N LEU D 263 57.42 -1.12 -0.59
CA LEU D 263 57.78 -1.10 -2.00
C LEU D 263 57.04 -0.02 -2.78
N TYR D 264 56.21 0.76 -2.09
CA TYR D 264 55.45 1.80 -2.78
C TYR D 264 56.40 2.83 -3.38
N GLU D 265 57.46 3.14 -2.63
CA GLU D 265 58.41 4.14 -3.08
C GLU D 265 59.64 3.49 -3.71
N LYS D 266 59.99 2.29 -3.25
CA LYS D 266 61.14 1.58 -3.79
C LYS D 266 60.92 1.10 -5.22
N LEU D 267 59.65 1.05 -5.63
CA LEU D 267 59.30 0.70 -7.00
C LEU D 267 58.83 1.96 -7.71
N GLU D 268 59.30 2.16 -8.93
CA GLU D 268 58.89 3.31 -9.70
C GLU D 268 57.59 3.01 -10.44
N LEU D 269 56.51 3.63 -9.98
CA LEU D 269 55.19 3.41 -10.54
C LEU D 269 54.75 4.68 -11.27
N VAL D 270 54.24 4.52 -12.50
CA VAL D 270 53.79 5.65 -13.28
C VAL D 270 52.69 6.43 -12.56
N LYS D 271 52.80 7.75 -12.57
CA LYS D 271 51.97 8.63 -11.75
C LYS D 271 50.89 9.33 -12.59
N GLY D 272 51.11 9.42 -13.90
CA GLY D 272 50.22 10.16 -14.77
C GLY D 272 48.95 9.43 -15.15
N GLN D 273 49.04 8.12 -15.38
CA GLN D 273 47.96 7.32 -15.93
C GLN D 273 46.61 7.56 -15.24
N LYS D 274 45.58 7.86 -16.04
CA LYS D 274 44.22 7.92 -15.56
C LYS D 274 43.57 6.55 -15.75
N ARG D 275 42.43 6.33 -15.11
CA ARG D 275 41.77 5.02 -15.20
C ARG D 275 41.09 4.88 -16.56
N LYS D 276 41.34 3.76 -17.22
CA LYS D 276 40.83 3.53 -18.57
C LYS D 276 40.20 2.15 -18.71
N VAL D 277 39.79 1.54 -17.60
CA VAL D 277 39.28 0.17 -17.63
C VAL D 277 38.14 0.04 -18.62
N LYS D 278 37.13 0.88 -18.46
CA LYS D 278 35.98 0.85 -19.35
C LYS D 278 36.39 1.27 -20.77
N ASP D 279 37.23 2.30 -20.86
CA ASP D 279 37.68 2.85 -22.15
C ASP D 279 38.33 1.80 -23.06
N ARG D 280 39.27 1.03 -22.53
CA ARG D 280 40.03 0.10 -23.36
C ARG D 280 39.21 -1.17 -23.66
N LEU D 281 38.28 -1.50 -22.76
CA LEU D 281 37.46 -2.72 -22.90
C LEU D 281 36.14 -2.44 -23.59
N LYS D 282 35.77 -1.16 -23.67
CA LYS D 282 34.57 -0.69 -24.34
C LYS D 282 34.34 -1.41 -25.68
N ALA D 283 35.38 -1.43 -26.51
CA ALA D 283 35.27 -2.01 -27.84
C ALA D 283 34.97 -3.51 -27.79
N TYR D 284 35.41 -4.18 -26.74
CA TYR D 284 35.27 -5.64 -26.64
C TYR D 284 33.96 -6.05 -25.96
N VAL D 285 33.63 -5.39 -24.85
CA VAL D 285 32.53 -5.81 -23.99
C VAL D 285 31.18 -5.31 -24.50
N ARG D 286 31.15 -4.05 -24.92
CA ARG D 286 29.98 -3.42 -25.53
C ARG D 286 28.87 -3.17 -24.50
N ASP D 287 28.46 -4.22 -23.80
CA ASP D 287 27.38 -4.14 -22.81
C ASP D 287 27.71 -3.16 -21.67
N PRO D 288 26.76 -2.27 -21.33
CA PRO D 288 27.04 -1.30 -20.25
C PRO D 288 27.22 -1.97 -18.89
N TYR D 289 26.27 -2.82 -18.52
CA TYR D 289 26.29 -3.50 -17.22
C TYR D 289 27.54 -4.35 -17.03
N ALA D 290 27.91 -5.07 -18.08
CA ALA D 290 29.12 -5.91 -18.05
C ALA D 290 30.35 -5.09 -17.69
N LEU D 291 30.53 -3.98 -18.40
CA LEU D 291 31.66 -3.10 -18.17
C LEU D 291 31.72 -2.59 -16.73
N ASP D 292 30.57 -2.26 -16.16
CA ASP D 292 30.52 -1.73 -14.81
C ASP D 292 31.01 -2.75 -13.79
N LEU D 293 30.53 -3.98 -13.91
CA LEU D 293 30.93 -5.04 -12.97
C LEU D 293 32.42 -5.32 -13.07
N ILE D 294 32.94 -5.29 -14.29
CA ILE D 294 34.37 -5.46 -14.53
C ILE D 294 35.15 -4.32 -13.88
N ASP D 295 34.59 -3.12 -13.91
CA ASP D 295 35.25 -1.96 -13.31
C ASP D 295 35.33 -2.10 -11.80
N LYS D 296 34.29 -2.64 -11.18
CA LYS D 296 34.25 -2.78 -9.73
C LYS D 296 35.12 -3.94 -9.26
N LEU D 297 35.38 -4.88 -10.15
CA LEU D 297 36.20 -6.04 -9.84
C LEU D 297 37.70 -5.71 -9.92
N LEU D 298 38.04 -4.77 -10.80
CA LEU D 298 39.44 -4.39 -11.00
C LEU D 298 39.77 -3.10 -10.26
N VAL D 299 39.16 -2.91 -9.09
CA VAL D 299 39.51 -1.79 -8.24
C VAL D 299 40.90 -2.03 -7.64
N LEU D 300 41.70 -0.97 -7.57
CA LEU D 300 43.06 -1.08 -7.07
C LEU D 300 43.08 -1.41 -5.59
N ASP D 301 42.42 -0.57 -4.79
CA ASP D 301 42.36 -0.76 -3.35
C ASP D 301 41.47 -1.97 -3.03
N PRO D 302 42.05 -3.03 -2.45
CA PRO D 302 41.25 -4.24 -2.18
C PRO D 302 40.10 -4.00 -1.21
N ALA D 303 40.23 -2.98 -0.36
CA ALA D 303 39.19 -2.65 0.60
C ALA D 303 37.94 -2.14 -0.11
N GLN D 304 38.12 -1.64 -1.33
CA GLN D 304 37.02 -1.05 -2.10
C GLN D 304 36.56 -1.97 -3.24
N ARG D 305 37.32 -3.04 -3.47
CA ARG D 305 37.00 -3.98 -4.52
C ARG D 305 35.74 -4.74 -4.15
N ILE D 306 34.86 -4.94 -5.13
CA ILE D 306 33.58 -5.61 -4.89
C ILE D 306 33.82 -7.06 -4.45
N ASP D 307 32.89 -7.61 -3.66
CA ASP D 307 33.01 -8.98 -3.17
C ASP D 307 31.98 -9.88 -3.84
N SER D 308 32.22 -11.19 -3.75
CA SER D 308 31.40 -12.20 -4.43
C SER D 308 29.91 -11.98 -4.28
N ASP D 309 29.48 -11.68 -3.06
CA ASP D 309 28.06 -11.56 -2.75
C ASP D 309 27.46 -10.31 -3.40
N ASP D 310 28.17 -9.19 -3.30
CA ASP D 310 27.73 -7.95 -3.93
C ASP D 310 27.77 -8.07 -5.45
N ALA D 311 28.77 -8.76 -5.95
CA ALA D 311 28.91 -8.99 -7.40
C ALA D 311 27.69 -9.69 -7.96
N LEU D 312 27.18 -10.69 -7.23
CA LEU D 312 26.05 -11.48 -7.70
C LEU D 312 24.73 -10.72 -7.62
N ASN D 313 24.71 -9.60 -6.90
CA ASN D 313 23.53 -8.74 -6.83
C ASN D 313 23.62 -7.59 -7.83
N HIS D 314 24.74 -7.52 -8.53
CA HIS D 314 24.95 -6.50 -9.56
C HIS D 314 23.92 -6.66 -10.67
N ASP D 315 23.52 -5.55 -11.28
CA ASP D 315 22.42 -5.56 -12.25
C ASP D 315 22.73 -6.42 -13.47
N PHE D 316 24.02 -6.57 -13.77
CA PHE D 316 24.50 -7.44 -14.85
C PHE D 316 23.83 -8.81 -14.84
N PHE D 317 23.51 -9.30 -13.65
CA PHE D 317 22.95 -10.63 -13.48
C PHE D 317 21.42 -10.60 -13.41
N TRP D 318 20.84 -9.41 -13.42
CA TRP D 318 19.40 -9.26 -13.25
C TRP D 318 18.76 -8.34 -14.29
N SER D 319 19.52 -8.02 -15.33
CA SER D 319 19.00 -7.25 -16.46
C SER D 319 18.85 -8.15 -17.67
N ASP D 320 18.03 -7.73 -18.63
CA ASP D 320 17.85 -8.52 -19.85
C ASP D 320 19.11 -8.42 -20.71
N PRO D 321 19.53 -9.55 -21.32
CA PRO D 321 18.99 -10.91 -21.18
C PRO D 321 19.44 -11.59 -19.89
N MET D 322 18.53 -12.28 -19.21
CA MET D 322 18.86 -13.04 -18.01
C MET D 322 19.83 -14.17 -18.36
N PRO D 323 20.56 -14.67 -17.36
CA PRO D 323 21.48 -15.79 -17.63
C PRO D 323 20.77 -17.05 -18.11
N SER D 324 21.39 -17.81 -19.02
CA SER D 324 20.84 -19.08 -19.47
C SER D 324 21.94 -20.14 -19.48
N ASP D 325 21.55 -21.41 -19.45
CA ASP D 325 22.52 -22.50 -19.41
C ASP D 325 23.31 -22.60 -20.71
N LEU D 326 24.52 -23.14 -20.60
CA LEU D 326 25.49 -23.12 -21.67
C LEU D 326 25.30 -24.13 -22.80
N LYS D 327 24.78 -25.32 -22.47
CA LYS D 327 24.66 -26.44 -23.41
C LYS D 327 24.52 -26.06 -24.89
N GLY D 328 23.88 -24.94 -25.16
CA GLY D 328 23.78 -24.40 -26.51
C GLY D 328 25.15 -24.24 -27.14
N MET D 329 25.96 -23.37 -26.53
CA MET D 329 27.29 -23.01 -27.03
C MET D 329 28.23 -24.21 -27.19
N LEU D 330 28.02 -25.23 -26.36
CA LEU D 330 28.98 -26.33 -26.24
C LEU D 330 29.00 -27.27 -27.43
N SER D 331 27.91 -27.33 -28.19
CA SER D 331 27.79 -28.26 -29.31
C SER D 331 28.69 -27.90 -30.50
N THR D 332 29.52 -26.87 -30.33
CA THR D 332 30.46 -26.45 -31.36
C THR D 332 31.90 -26.56 -30.85
N ASN E 7 29.85 -44.39 4.97
CA ASN E 7 30.32 -44.90 6.25
C ASN E 7 31.76 -44.49 6.50
N ASN E 8 32.04 -43.20 6.38
CA ASN E 8 33.37 -42.65 6.67
C ASN E 8 33.44 -42.19 8.12
N ASN E 9 32.27 -41.93 8.70
CA ASN E 9 32.20 -41.61 10.12
C ASN E 9 32.65 -42.82 10.95
N LYS E 10 31.96 -43.93 10.78
CA LYS E 10 32.22 -45.14 11.54
C LYS E 10 33.56 -45.81 11.20
N ARG E 11 34.29 -45.25 10.25
CA ARG E 11 35.60 -45.79 9.90
C ARG E 11 36.57 -45.78 11.08
N TRP E 12 36.80 -44.59 11.63
CA TRP E 12 37.78 -44.41 12.68
C TRP E 12 37.19 -44.46 14.09
N TYR E 13 36.03 -45.10 14.21
CA TYR E 13 35.44 -45.35 15.53
C TYR E 13 35.18 -46.84 15.69
N PHE E 14 35.56 -47.37 16.85
CA PHE E 14 35.65 -48.80 17.07
C PHE E 14 34.88 -49.21 18.32
N THR E 15 34.48 -50.48 18.38
CA THR E 15 33.86 -51.02 19.58
C THR E 15 34.93 -51.52 20.52
N ARG E 16 34.55 -51.81 21.76
CA ARG E 16 35.52 -52.28 22.74
C ARG E 16 36.14 -53.60 22.32
N GLU E 17 35.35 -54.43 21.66
CA GLU E 17 35.80 -55.71 21.13
C GLU E 17 36.82 -55.54 20.01
N GLN E 18 36.64 -54.53 19.17
CA GLN E 18 37.53 -54.30 18.03
C GLN E 18 38.89 -53.81 18.54
N LEU E 19 38.85 -52.97 19.57
CA LEU E 19 40.06 -52.48 20.19
C LEU E 19 40.78 -53.64 20.87
N GLU E 20 39.99 -54.54 21.47
CA GLU E 20 40.52 -55.71 22.14
C GLU E 20 41.28 -56.58 21.14
N ASN E 21 40.78 -56.63 19.91
CA ASN E 21 41.41 -57.38 18.83
C ASN E 21 42.19 -56.45 17.89
N SER E 22 43.18 -55.76 18.44
CA SER E 22 43.97 -54.80 17.67
C SER E 22 44.95 -55.53 16.74
N PRO E 23 45.51 -54.80 15.76
CA PRO E 23 46.55 -55.39 14.89
C PRO E 23 47.74 -55.88 15.69
N SER E 24 47.95 -55.30 16.86
CA SER E 24 49.05 -55.69 17.73
C SER E 24 48.69 -56.95 18.52
N ARG E 25 47.40 -57.09 18.82
CA ARG E 25 46.90 -58.29 19.50
C ARG E 25 47.16 -59.51 18.62
N ARG E 26 47.04 -59.31 17.32
CA ARG E 26 47.30 -60.35 16.33
C ARG E 26 48.71 -60.90 16.44
N PHE E 27 49.64 -60.06 16.91
CA PHE E 27 51.05 -60.42 17.00
C PHE E 27 51.48 -60.72 18.44
N GLY E 28 50.50 -61.00 19.29
CA GLY E 28 50.78 -61.35 20.67
C GLY E 28 51.31 -60.17 21.47
N VAL E 29 50.44 -59.19 21.69
CA VAL E 29 50.75 -58.05 22.56
C VAL E 29 49.58 -57.82 23.50
N ASP E 30 49.83 -58.00 24.80
CA ASP E 30 48.77 -57.90 25.80
C ASP E 30 48.01 -56.58 25.66
N PRO E 31 46.68 -56.62 25.87
CA PRO E 31 45.88 -55.39 25.85
C PRO E 31 46.51 -54.28 26.67
N ASP E 32 46.87 -54.61 27.91
CA ASP E 32 47.50 -53.66 28.81
C ASP E 32 48.85 -53.18 28.28
N LYS E 33 49.53 -54.06 27.54
CA LYS E 33 50.86 -53.77 27.01
C LYS E 33 50.77 -52.83 25.82
N GLU E 34 49.73 -53.00 24.99
CA GLU E 34 49.52 -52.12 23.85
C GLU E 34 49.16 -50.71 24.31
N LEU E 35 48.24 -50.63 25.26
CA LEU E 35 47.82 -49.34 25.79
C LEU E 35 49.02 -48.61 26.38
N SER E 36 49.94 -49.38 26.96
CA SER E 36 51.17 -48.82 27.50
C SER E 36 51.97 -48.17 26.38
N TYR E 37 52.14 -48.90 25.27
CA TYR E 37 52.86 -48.37 24.12
C TYR E 37 52.23 -47.08 23.60
N ARG E 38 50.89 -47.02 23.62
CA ARG E 38 50.17 -45.83 23.17
C ARG E 38 50.46 -44.64 24.08
N GLN E 39 50.38 -44.88 25.39
CA GLN E 39 50.63 -43.84 26.38
C GLN E 39 52.05 -43.28 26.24
N GLN E 40 52.99 -44.17 25.98
CA GLN E 40 54.39 -43.78 25.80
C GLN E 40 54.56 -42.94 24.54
N ALA E 41 53.91 -43.35 23.47
CA ALA E 41 53.93 -42.59 22.22
C ALA E 41 53.39 -41.18 22.43
N ALA E 42 52.27 -41.09 23.15
CA ALA E 42 51.67 -39.81 23.47
C ALA E 42 52.64 -38.95 24.27
N ASN E 43 53.28 -39.57 25.26
CA ASN E 43 54.24 -38.87 26.10
C ASN E 43 55.41 -38.33 25.27
N LEU E 44 55.89 -39.15 24.34
CA LEU E 44 56.99 -38.74 23.47
C LEU E 44 56.56 -37.59 22.55
N LEU E 45 55.37 -37.71 22.00
CA LEU E 45 54.83 -36.66 21.12
C LEU E 45 54.72 -35.34 21.86
N GLN E 46 54.23 -35.39 23.11
CA GLN E 46 54.06 -34.20 23.91
C GLN E 46 55.40 -33.55 24.20
N ASP E 47 56.40 -34.37 24.53
CA ASP E 47 57.73 -33.87 24.86
C ASP E 47 58.34 -33.17 23.64
N MET E 48 58.46 -33.91 22.54
CA MET E 48 58.98 -33.36 21.29
C MET E 48 58.29 -32.06 20.88
N GLY E 49 56.96 -32.07 20.96
CA GLY E 49 56.15 -30.92 20.59
C GLY E 49 56.52 -29.69 21.40
N GLN E 50 56.75 -29.91 22.68
CA GLN E 50 57.12 -28.83 23.59
C GLN E 50 58.53 -28.30 23.34
N ARG E 51 59.42 -29.17 22.87
CA ARG E 51 60.79 -28.74 22.55
C ARG E 51 60.76 -27.95 21.25
N LEU E 52 59.96 -28.42 20.30
CA LEU E 52 59.78 -27.72 19.03
C LEU E 52 58.94 -26.46 19.22
N ASN E 53 58.19 -26.41 20.32
CA ASN E 53 57.31 -25.28 20.62
C ASN E 53 56.21 -25.15 19.57
N VAL E 54 55.54 -26.26 19.28
CA VAL E 54 54.35 -26.24 18.43
C VAL E 54 53.12 -26.09 19.30
N SER E 55 51.98 -25.79 18.68
CA SER E 55 50.74 -25.65 19.41
C SER E 55 50.33 -26.99 20.02
N GLN E 56 49.52 -26.94 21.08
CA GLN E 56 48.98 -28.16 21.67
C GLN E 56 48.10 -28.83 20.61
N LEU E 57 47.51 -28.00 19.77
CA LEU E 57 46.70 -28.47 18.65
C LEU E 57 47.52 -29.41 17.77
N THR E 58 48.75 -29.03 17.48
CA THR E 58 49.65 -29.88 16.70
C THR E 58 49.88 -31.22 17.40
N ILE E 59 50.20 -31.16 18.69
CA ILE E 59 50.45 -32.35 19.49
C ILE E 59 49.23 -33.26 19.53
N ASN E 60 48.07 -32.67 19.82
CA ASN E 60 46.82 -33.43 19.90
C ASN E 60 46.51 -34.16 18.60
N THR E 61 46.74 -33.49 17.48
CA THR E 61 46.51 -34.09 16.17
C THR E 61 47.46 -35.26 15.97
N ALA E 62 48.72 -35.07 16.31
CA ALA E 62 49.71 -36.13 16.18
C ALA E 62 49.31 -37.33 17.02
N ILE E 63 48.73 -37.09 18.20
CA ILE E 63 48.33 -38.17 19.08
C ILE E 63 47.17 -38.96 18.48
N VAL E 64 46.24 -38.25 17.84
CA VAL E 64 45.10 -38.93 17.21
C VAL E 64 45.57 -39.74 16.01
N TYR E 65 46.51 -39.19 15.24
CA TYR E 65 47.13 -39.93 14.15
C TYR E 65 47.72 -41.23 14.67
N MET E 66 48.51 -41.10 15.74
CA MET E 66 49.17 -42.24 16.37
C MET E 66 48.15 -43.30 16.79
N HIS E 67 47.09 -42.88 17.47
CA HIS E 67 46.05 -43.80 17.92
C HIS E 67 45.43 -44.55 16.73
N ARG E 68 45.22 -43.83 15.63
CA ARG E 68 44.58 -44.41 14.46
C ARG E 68 45.54 -45.27 13.66
N PHE E 69 46.80 -44.85 13.63
CA PHE E 69 47.84 -45.61 12.94
C PHE E 69 47.89 -47.04 13.44
N TYR E 70 47.76 -47.21 14.76
CA TYR E 70 47.92 -48.51 15.39
C TYR E 70 46.62 -49.31 15.48
N MET E 71 45.57 -48.84 14.80
CA MET E 71 44.38 -49.64 14.56
C MET E 71 44.48 -50.33 13.21
N ILE E 72 45.56 -50.06 12.49
CA ILE E 72 45.82 -50.68 11.20
C ILE E 72 47.16 -51.41 11.27
N GLN E 73 48.18 -50.71 11.78
CA GLN E 73 49.50 -51.27 11.91
C GLN E 73 49.75 -51.77 13.34
N SER E 74 50.79 -52.59 13.49
CA SER E 74 51.12 -53.19 14.78
C SER E 74 52.38 -52.57 15.37
N PHE E 75 52.44 -52.50 16.70
CA PHE E 75 53.62 -52.00 17.39
C PHE E 75 54.79 -52.95 17.11
N THR E 76 54.46 -54.20 16.80
CA THR E 76 55.44 -55.19 16.37
C THR E 76 56.25 -54.70 15.18
N GLN E 77 55.54 -54.16 14.19
CA GLN E 77 56.15 -53.75 12.92
C GLN E 77 56.71 -52.34 12.98
N PHE E 78 55.99 -51.45 13.66
CA PHE E 78 56.36 -50.04 13.72
C PHE E 78 56.54 -49.58 15.17
N PRO E 79 57.81 -49.38 15.60
CA PRO E 79 58.06 -48.92 16.97
C PRO E 79 57.45 -47.54 17.24
N GLY E 80 56.95 -47.33 18.44
CA GLY E 80 56.35 -46.06 18.82
C GLY E 80 57.30 -44.89 18.69
N ASN E 81 58.59 -45.14 18.93
CA ASN E 81 59.60 -44.09 18.90
C ASN E 81 59.98 -43.72 17.47
N SER E 82 59.51 -44.51 16.51
CA SER E 82 59.77 -44.24 15.10
C SER E 82 58.59 -43.52 14.44
N VAL E 83 57.38 -43.94 14.79
CA VAL E 83 56.18 -43.33 14.23
C VAL E 83 55.99 -41.90 14.75
N ALA E 84 56.31 -41.69 16.02
CA ALA E 84 55.98 -40.43 16.68
C ALA E 84 56.61 -39.21 16.00
N PRO E 85 57.93 -39.26 15.70
CA PRO E 85 58.51 -38.09 15.05
C PRO E 85 57.92 -37.82 13.67
N ALA E 86 57.58 -38.88 12.93
CA ALA E 86 56.96 -38.73 11.62
C ALA E 86 55.58 -38.12 11.77
N ALA E 87 54.82 -38.64 12.73
CA ALA E 87 53.46 -38.16 12.98
C ALA E 87 53.46 -36.69 13.39
N LEU E 88 54.38 -36.34 14.28
CA LEU E 88 54.48 -34.95 14.75
C LEU E 88 54.92 -34.05 13.61
N PHE E 89 55.88 -34.53 12.84
CA PHE E 89 56.35 -33.82 11.66
C PHE E 89 55.19 -33.58 10.68
N LEU E 90 54.34 -34.58 10.53
CA LEU E 90 53.18 -34.47 9.65
C LEU E 90 52.14 -33.50 10.22
N ALA E 91 51.83 -33.68 11.51
CA ALA E 91 50.82 -32.85 12.17
C ALA E 91 51.18 -31.37 12.13
N ALA E 92 52.48 -31.07 12.26
CA ALA E 92 52.96 -29.69 12.26
C ALA E 92 52.56 -28.95 10.99
N LYS E 93 52.63 -29.65 9.86
CA LYS E 93 52.23 -29.06 8.58
C LYS E 93 50.72 -28.90 8.53
N VAL E 94 50.01 -29.97 8.88
CA VAL E 94 48.55 -29.97 8.83
C VAL E 94 47.98 -28.83 9.67
N GLU E 95 48.56 -28.61 10.84
CA GLU E 95 48.08 -27.56 11.74
C GLU E 95 48.81 -26.24 11.55
N GLU E 96 49.39 -26.05 10.37
CA GLU E 96 49.90 -24.76 9.91
C GLU E 96 50.96 -24.16 10.86
N GLN E 97 51.79 -25.02 11.42
CA GLN E 97 52.96 -24.59 12.17
C GLN E 97 54.13 -25.53 11.86
N PRO E 98 54.48 -25.62 10.56
CA PRO E 98 55.45 -26.62 10.12
C PRO E 98 56.82 -26.40 10.73
N LYS E 99 57.52 -27.50 11.01
CA LYS E 99 58.86 -27.44 11.56
C LYS E 99 59.81 -28.13 10.60
N LYS E 100 61.02 -27.60 10.50
CA LYS E 100 62.01 -28.15 9.61
C LYS E 100 62.31 -29.61 9.95
N LEU E 101 62.45 -30.43 8.92
CA LEU E 101 62.76 -31.84 9.09
C LEU E 101 64.02 -31.99 9.92
N GLU E 102 65.00 -31.13 9.67
CA GLU E 102 66.21 -31.06 10.47
C GLU E 102 65.90 -30.85 11.93
N HIS E 103 65.01 -29.90 12.21
CA HIS E 103 64.68 -29.54 13.58
C HIS E 103 64.04 -30.70 14.33
N VAL E 104 63.13 -31.42 13.65
CA VAL E 104 62.42 -32.53 14.27
C VAL E 104 63.37 -33.68 14.56
N ILE E 105 64.23 -34.00 13.61
CA ILE E 105 65.17 -35.09 13.77
C ILE E 105 66.13 -34.81 14.91
N LYS E 106 66.59 -33.57 14.99
CA LYS E 106 67.49 -33.14 16.06
C LYS E 106 66.77 -33.24 17.42
N VAL E 107 65.57 -32.65 17.50
CA VAL E 107 64.77 -32.70 18.72
C VAL E 107 64.45 -34.14 19.13
N ALA E 108 64.15 -34.97 18.14
CA ALA E 108 63.84 -36.38 18.40
C ALA E 108 65.05 -37.10 18.97
N HIS E 109 66.23 -36.77 18.42
CA HIS E 109 67.47 -37.38 18.87
C HIS E 109 67.72 -37.05 20.34
N THR E 110 67.60 -35.78 20.68
CA THR E 110 67.73 -35.31 22.06
C THR E 110 66.86 -36.13 23.01
N CYS E 111 65.64 -36.43 22.58
CA CYS E 111 64.69 -37.18 23.41
C CYS E 111 65.06 -38.66 23.49
N LEU E 112 65.45 -39.24 22.36
CA LEU E 112 65.66 -40.69 22.25
C LEU E 112 67.11 -41.11 22.51
N HIS E 113 68.03 -40.15 22.42
CA HIS E 113 69.44 -40.41 22.66
C HIS E 113 70.07 -39.26 23.43
N PRO E 114 69.74 -39.15 24.74
CA PRO E 114 70.30 -38.07 25.55
C PRO E 114 71.80 -38.21 25.75
N GLN E 115 72.29 -39.43 25.55
CA GLN E 115 73.72 -39.73 25.75
C GLN E 115 74.54 -39.37 24.51
N GLU E 116 74.12 -39.91 23.36
CA GLU E 116 74.84 -39.70 22.10
C GLU E 116 74.90 -38.23 21.69
N SER E 117 75.90 -37.91 20.87
CA SER E 117 76.02 -36.58 20.29
C SER E 117 75.21 -36.50 19.00
N LEU E 118 74.64 -35.33 18.74
CA LEU E 118 73.80 -35.12 17.57
C LEU E 118 74.59 -35.37 16.28
N PRO E 119 74.15 -36.36 15.47
CA PRO E 119 74.94 -36.70 14.27
C PRO E 119 75.15 -35.51 13.34
N ASP E 120 76.25 -35.53 12.60
CA ASP E 120 76.57 -34.45 11.68
C ASP E 120 75.50 -34.38 10.59
N THR E 121 75.15 -33.16 10.18
CA THR E 121 74.11 -32.96 9.18
C THR E 121 74.53 -33.51 7.82
N ARG E 122 75.81 -33.89 7.70
CA ARG E 122 76.36 -34.42 6.46
C ARG E 122 76.64 -35.92 6.59
N SER E 123 76.68 -36.41 7.84
CA SER E 123 77.02 -37.80 8.11
C SER E 123 76.09 -38.76 7.37
N GLU E 124 76.63 -39.90 6.98
CA GLU E 124 75.87 -40.92 6.28
C GLU E 124 74.68 -41.41 7.11
N ALA E 125 74.88 -41.47 8.44
CA ALA E 125 73.86 -41.95 9.35
C ALA E 125 72.68 -40.99 9.47
N TYR E 126 72.95 -39.69 9.36
CA TYR E 126 71.90 -38.68 9.48
C TYR E 126 70.99 -38.74 8.27
N LEU E 127 71.59 -38.87 7.09
CA LEU E 127 70.84 -38.90 5.83
C LEU E 127 69.93 -40.13 5.76
N GLN E 128 70.27 -41.17 6.52
CA GLN E 128 69.42 -42.34 6.59
C GLN E 128 68.20 -42.08 7.48
N GLN E 129 68.42 -41.37 8.58
CA GLN E 129 67.33 -40.98 9.48
C GLN E 129 66.31 -40.13 8.73
N VAL E 130 66.79 -39.25 7.87
CA VAL E 130 65.93 -38.41 7.05
C VAL E 130 65.04 -39.28 6.17
N GLN E 131 65.65 -40.21 5.44
CA GLN E 131 64.90 -41.09 4.56
C GLN E 131 63.87 -41.93 5.31
N ASP E 132 64.24 -42.41 6.50
CA ASP E 132 63.34 -43.23 7.29
C ASP E 132 62.12 -42.42 7.72
N LEU E 133 62.36 -41.20 8.18
CA LEU E 133 61.28 -40.33 8.64
C LEU E 133 60.32 -39.99 7.49
N VAL E 134 60.87 -39.57 6.35
CA VAL E 134 60.06 -39.17 5.21
C VAL E 134 59.24 -40.33 4.66
N ILE E 135 59.81 -41.53 4.67
CA ILE E 135 59.09 -42.73 4.25
C ILE E 135 57.91 -42.96 5.17
N LEU E 136 58.20 -43.05 6.46
CA LEU E 136 57.21 -43.31 7.49
C LEU E 136 56.04 -42.32 7.41
N GLU E 137 56.36 -41.05 7.14
CA GLU E 137 55.33 -40.03 6.94
C GLU E 137 54.37 -40.46 5.84
N SER E 138 54.93 -40.95 4.74
CA SER E 138 54.13 -41.39 3.61
C SER E 138 53.28 -42.60 3.97
N ILE E 139 53.79 -43.45 4.85
CA ILE E 139 53.07 -44.63 5.30
C ILE E 139 51.93 -44.23 6.23
N ILE E 140 52.19 -43.28 7.13
CA ILE E 140 51.16 -42.76 8.01
C ILE E 140 50.02 -42.17 7.19
N LEU E 141 50.37 -41.42 6.15
CA LEU E 141 49.38 -40.78 5.31
C LEU E 141 48.47 -41.82 4.65
N GLN E 142 49.07 -42.87 4.09
CA GLN E 142 48.31 -43.89 3.40
C GLN E 142 47.51 -44.74 4.37
N THR E 143 48.09 -45.01 5.54
CA THR E 143 47.40 -45.80 6.56
C THR E 143 46.13 -45.07 7.00
N LEU E 144 46.22 -43.75 7.10
CA LEU E 144 45.09 -42.94 7.54
C LEU E 144 44.16 -42.61 6.38
N GLY E 145 44.54 -43.02 5.18
CA GLY E 145 43.76 -42.75 4.00
C GLY E 145 43.68 -41.27 3.69
N PHE E 146 44.74 -40.54 4.04
CA PHE E 146 44.84 -39.11 3.78
C PHE E 146 43.67 -38.33 4.39
N GLU E 147 43.07 -38.90 5.43
CA GLU E 147 42.06 -38.22 6.22
C GLU E 147 42.74 -37.49 7.36
N LEU E 148 43.02 -36.20 7.16
CA LEU E 148 43.94 -35.46 8.05
C LEU E 148 43.30 -34.44 8.98
N THR E 149 42.02 -34.16 8.81
CA THR E 149 41.36 -33.15 9.64
C THR E 149 40.81 -33.78 10.91
N ILE E 150 41.39 -33.42 12.06
CA ILE E 150 40.99 -34.02 13.33
C ILE E 150 40.24 -33.02 14.20
N ASP E 151 39.11 -33.46 14.76
CA ASP E 151 38.35 -32.66 15.70
C ASP E 151 38.68 -33.16 17.10
N HIS E 152 38.96 -32.22 18.01
CA HIS E 152 39.45 -32.58 19.34
C HIS E 152 38.45 -32.25 20.45
N PRO E 153 38.56 -32.94 21.60
CA PRO E 153 37.70 -32.63 22.74
C PRO E 153 37.88 -31.21 23.25
N HIS E 154 39.09 -30.68 23.05
CA HIS E 154 39.45 -29.37 23.59
C HIS E 154 38.56 -28.25 23.05
N THR E 155 38.24 -28.32 21.77
CA THR E 155 37.33 -27.35 21.14
C THR E 155 36.02 -27.26 21.89
N HIS E 156 35.42 -28.43 22.11
CA HIS E 156 34.09 -28.51 22.72
C HIS E 156 34.15 -28.25 24.22
N VAL E 157 35.26 -28.63 24.85
CA VAL E 157 35.45 -28.36 26.28
C VAL E 157 35.44 -26.87 26.54
N VAL E 158 36.23 -26.12 25.79
CA VAL E 158 36.34 -24.69 25.99
C VAL E 158 35.02 -24.00 25.68
N LYS E 159 34.40 -24.36 24.55
CA LYS E 159 33.12 -23.78 24.16
C LYS E 159 32.09 -23.93 25.26
N CYS E 160 32.08 -25.10 25.90
CA CYS E 160 31.10 -25.42 26.93
C CYS E 160 31.35 -24.62 28.21
N THR E 161 32.60 -24.50 28.61
CA THR E 161 32.95 -23.80 29.85
C THR E 161 32.65 -22.31 29.78
N GLN E 162 32.77 -21.72 28.58
CA GLN E 162 32.43 -20.31 28.41
C GLN E 162 30.93 -20.13 28.60
N LEU E 163 30.16 -21.03 27.99
CA LEU E 163 28.70 -20.97 28.05
C LEU E 163 28.18 -21.10 29.48
N VAL E 164 28.71 -22.09 30.22
CA VAL E 164 28.20 -22.37 31.55
C VAL E 164 28.88 -21.48 32.60
N ARG E 165 29.73 -20.57 32.12
CA ARG E 165 30.34 -19.55 32.98
C ARG E 165 31.17 -20.17 34.10
N ALA E 166 32.02 -21.13 33.75
CA ALA E 166 32.89 -21.77 34.73
C ALA E 166 34.02 -20.82 35.10
N SER E 167 34.61 -21.04 36.28
CA SER E 167 35.76 -20.26 36.71
C SER E 167 36.99 -20.68 35.92
N LYS E 168 38.04 -19.88 35.98
CA LYS E 168 39.27 -20.19 35.26
C LYS E 168 39.83 -21.54 35.70
N ASP E 169 39.77 -21.81 37.00
CA ASP E 169 40.32 -23.04 37.53
C ASP E 169 39.56 -24.25 37.00
N LEU E 170 38.23 -24.14 36.91
CA LEU E 170 37.42 -25.23 36.39
C LEU E 170 37.63 -25.39 34.89
N ALA E 171 37.77 -24.26 34.20
CA ALA E 171 38.05 -24.24 32.77
C ALA E 171 39.41 -24.88 32.49
N GLN E 172 40.41 -24.46 33.25
CA GLN E 172 41.75 -25.02 33.15
C GLN E 172 41.72 -26.54 33.32
N THR E 173 41.06 -26.99 34.39
CA THR E 173 41.02 -28.41 34.72
C THR E 173 40.32 -29.23 33.64
N SER E 174 39.18 -28.75 33.15
CA SER E 174 38.43 -29.44 32.11
C SER E 174 39.30 -29.62 30.87
N TYR E 175 39.93 -28.55 30.44
CA TYR E 175 40.86 -28.58 29.32
C TYR E 175 42.00 -29.54 29.61
N PHE E 176 42.49 -29.51 30.83
CA PHE E 176 43.58 -30.38 31.27
C PHE E 176 43.20 -31.85 31.14
N MET E 177 41.97 -32.20 31.54
CA MET E 177 41.51 -33.59 31.45
C MET E 177 41.36 -34.06 30.00
N ALA E 178 41.09 -33.13 29.09
CA ALA E 178 40.97 -33.47 27.67
C ALA E 178 42.30 -33.97 27.14
N THR E 179 43.38 -33.27 27.49
CA THR E 179 44.72 -33.68 27.11
C THR E 179 45.03 -35.07 27.68
N ASN E 180 44.67 -35.29 28.94
CA ASN E 180 44.90 -36.57 29.59
C ASN E 180 44.15 -37.70 28.89
N SER E 181 42.97 -37.38 28.37
CA SER E 181 42.15 -38.37 27.68
C SER E 181 42.86 -38.87 26.44
N LEU E 182 43.56 -37.95 25.76
CA LEU E 182 44.31 -38.30 24.57
C LEU E 182 45.56 -39.09 24.93
N HIS E 183 46.18 -38.71 26.04
CA HIS E 183 47.40 -39.37 26.50
C HIS E 183 47.15 -40.78 27.06
N LEU E 184 46.10 -40.93 27.87
CA LEU E 184 45.93 -42.13 28.69
C LEU E 184 44.90 -43.13 28.16
N THR E 185 44.01 -42.69 27.28
CA THR E 185 42.92 -43.53 26.83
C THR E 185 42.81 -43.60 25.31
N THR E 186 41.90 -44.43 24.84
CA THR E 186 41.62 -44.54 23.41
C THR E 186 40.21 -44.03 23.12
N PHE E 187 39.76 -43.05 23.90
CA PHE E 187 38.45 -42.47 23.70
C PHE E 187 38.36 -41.84 22.32
N SER E 188 39.49 -41.33 21.84
CA SER E 188 39.56 -40.73 20.51
C SER E 188 39.18 -41.74 19.43
N LEU E 189 39.24 -43.02 19.77
CA LEU E 189 38.89 -44.10 18.85
C LEU E 189 37.52 -44.71 19.16
N GLN E 190 36.86 -44.25 20.21
CA GLN E 190 35.61 -44.86 20.66
C GLN E 190 34.41 -43.92 20.63
N TYR E 191 34.60 -42.71 21.14
CA TYR E 191 33.51 -41.75 21.27
C TYR E 191 33.88 -40.44 20.58
N THR E 192 32.88 -39.72 20.08
CA THR E 192 33.14 -38.49 19.34
C THR E 192 33.68 -37.42 20.28
N PRO E 193 34.47 -36.47 19.74
CA PRO E 193 35.12 -35.44 20.56
C PRO E 193 34.15 -34.66 21.48
N PRO E 194 32.95 -34.33 20.99
CA PRO E 194 31.99 -33.66 21.88
C PRO E 194 31.63 -34.53 23.09
N VAL E 195 31.45 -35.82 22.88
CA VAL E 195 31.14 -36.73 23.98
C VAL E 195 32.32 -36.81 24.94
N VAL E 196 33.52 -36.92 24.39
CA VAL E 196 34.73 -37.00 25.22
C VAL E 196 34.89 -35.72 26.03
N ALA E 197 34.55 -34.59 25.43
CA ALA E 197 34.62 -33.30 26.09
C ALA E 197 33.76 -33.30 27.36
N CYS E 198 32.58 -33.90 27.27
CA CYS E 198 31.67 -33.98 28.40
C CYS E 198 32.25 -34.82 29.52
N VAL E 199 32.83 -35.97 29.17
CA VAL E 199 33.45 -36.86 30.15
C VAL E 199 34.49 -36.09 30.96
N CYS E 200 35.26 -35.27 30.26
CA CYS E 200 36.32 -34.48 30.87
C CYS E 200 35.76 -33.43 31.84
N ILE E 201 34.79 -32.65 31.40
CA ILE E 201 34.17 -31.65 32.25
C ILE E 201 33.51 -32.31 33.45
N HIS E 202 32.80 -33.41 33.19
CA HIS E 202 32.13 -34.16 34.25
C HIS E 202 33.15 -34.62 35.29
N LEU E 203 34.27 -35.14 34.80
CA LEU E 203 35.33 -35.63 35.68
C LEU E 203 35.96 -34.49 36.46
N ALA E 204 36.18 -33.37 35.79
CA ALA E 204 36.78 -32.19 36.43
C ALA E 204 35.87 -31.68 37.54
N CYS E 205 34.56 -31.79 37.34
CA CYS E 205 33.59 -31.31 38.31
C CYS E 205 33.56 -32.20 39.56
N LYS E 206 33.54 -33.51 39.36
CA LYS E 206 33.48 -34.44 40.48
C LYS E 206 34.73 -34.32 41.35
N TRP E 207 35.85 -33.99 40.71
CA TRP E 207 37.09 -33.78 41.44
C TRP E 207 37.04 -32.48 42.25
N SER E 208 36.61 -31.42 41.59
CA SER E 208 36.62 -30.07 42.18
C SER E 208 35.43 -29.80 43.09
N ASN E 209 34.44 -30.69 43.02
CA ASN E 209 33.16 -30.52 43.73
C ASN E 209 32.38 -29.31 43.22
N TRP E 210 32.82 -28.72 42.11
CA TRP E 210 31.99 -27.77 41.37
C TRP E 210 30.80 -28.54 40.80
N GLU E 211 29.63 -27.92 40.82
CA GLU E 211 28.45 -28.51 40.21
C GLU E 211 27.83 -27.52 39.23
N ILE E 212 27.55 -27.99 38.03
CA ILE E 212 26.96 -27.16 36.99
C ILE E 212 25.44 -27.31 37.03
N PRO E 213 24.71 -26.20 37.26
CA PRO E 213 23.26 -26.34 37.41
C PRO E 213 22.56 -26.67 36.09
N VAL E 214 21.23 -26.70 36.13
CA VAL E 214 20.42 -26.84 34.93
C VAL E 214 20.21 -25.46 34.34
N SER E 215 20.06 -25.40 33.02
CA SER E 215 19.91 -24.11 32.34
C SER E 215 18.57 -23.46 32.68
N THR E 216 18.40 -22.20 32.27
CA THR E 216 17.15 -21.49 32.48
C THR E 216 16.01 -22.16 31.71
N ASP E 217 16.35 -23.01 30.75
CA ASP E 217 15.37 -23.69 29.92
C ASP E 217 15.23 -25.18 30.27
N GLY E 218 15.72 -25.56 31.44
CA GLY E 218 15.45 -26.87 32.01
C GLY E 218 16.24 -28.04 31.43
N LYS E 219 17.34 -27.74 30.74
CA LYS E 219 18.16 -28.79 30.12
C LYS E 219 19.54 -28.87 30.76
N HIS E 220 20.02 -30.09 30.94
CA HIS E 220 21.35 -30.33 31.50
C HIS E 220 22.43 -29.70 30.60
N TRP E 221 23.60 -29.42 31.17
CA TRP E 221 24.64 -28.73 30.43
C TRP E 221 25.17 -29.54 29.25
N TRP E 222 25.26 -30.86 29.42
CA TRP E 222 25.82 -31.71 28.37
C TRP E 222 24.91 -31.77 27.15
N GLU E 223 23.64 -31.48 27.33
CA GLU E 223 22.69 -31.46 26.22
C GLU E 223 23.01 -30.33 25.24
N TYR E 224 23.75 -29.34 25.72
CA TYR E 224 24.18 -28.20 24.90
C TYR E 224 25.52 -28.47 24.22
N VAL E 225 26.03 -29.68 24.38
CA VAL E 225 27.33 -30.06 23.83
C VAL E 225 27.17 -31.16 22.80
N ASP E 226 26.31 -32.12 23.12
CA ASP E 226 26.03 -33.25 22.24
C ASP E 226 24.67 -33.82 22.60
N ALA E 227 23.84 -34.09 21.59
CA ALA E 227 22.46 -34.46 21.80
C ALA E 227 22.29 -35.93 22.19
N THR E 228 23.37 -36.69 22.13
CA THR E 228 23.33 -38.12 22.43
C THR E 228 23.80 -38.43 23.85
N VAL E 229 24.39 -37.44 24.51
CA VAL E 229 24.95 -37.64 25.85
C VAL E 229 23.85 -37.66 26.91
N THR E 230 24.00 -38.56 27.87
CA THR E 230 23.12 -38.65 29.03
C THR E 230 23.96 -38.95 30.26
N LEU E 231 23.43 -38.61 31.44
CA LEU E 231 24.17 -38.78 32.69
C LEU E 231 24.65 -40.21 32.91
N GLU E 232 23.87 -41.18 32.42
CA GLU E 232 24.24 -42.58 32.55
C GLU E 232 25.55 -42.85 31.82
N LEU E 233 25.69 -42.26 30.65
CA LEU E 233 26.89 -42.43 29.83
C LEU E 233 28.13 -41.79 30.47
N LEU E 234 27.96 -40.58 31.00
CA LEU E 234 29.07 -39.84 31.59
C LEU E 234 29.68 -40.57 32.78
N ASP E 235 28.83 -41.00 33.71
CA ASP E 235 29.29 -41.77 34.87
C ASP E 235 30.05 -43.01 34.43
N GLU E 236 29.50 -43.71 33.43
CA GLU E 236 30.09 -44.95 32.94
C GLU E 236 31.47 -44.72 32.32
N LEU E 237 31.64 -43.58 31.67
CA LEU E 237 32.90 -43.27 30.99
C LEU E 237 33.92 -42.67 31.95
N THR E 238 33.44 -41.90 32.91
CA THR E 238 34.30 -41.37 33.95
C THR E 238 34.88 -42.54 34.73
N HIS E 239 34.07 -43.59 34.89
CA HIS E 239 34.52 -44.84 35.49
C HIS E 239 35.70 -45.45 34.74
N GLU E 240 35.53 -45.64 33.44
CA GLU E 240 36.57 -46.23 32.61
C GLU E 240 37.83 -45.37 32.60
N PHE E 241 37.64 -44.05 32.65
CA PHE E 241 38.76 -43.11 32.64
C PHE E 241 39.56 -43.26 33.93
N LEU E 242 38.86 -43.24 35.07
CA LEU E 242 39.51 -43.41 36.37
C LEU E 242 40.12 -44.80 36.50
N GLN E 243 39.42 -45.80 35.98
CA GLN E 243 39.91 -47.17 36.06
C GLN E 243 41.24 -47.26 35.32
N ILE E 244 41.35 -46.53 34.21
CA ILE E 244 42.61 -46.46 33.45
C ILE E 244 43.67 -45.69 34.25
N LEU E 245 43.24 -44.69 35.01
CA LEU E 245 44.18 -43.88 35.79
C LEU E 245 44.83 -44.66 36.90
N GLU E 246 44.06 -45.49 37.57
CA GLU E 246 44.57 -46.32 38.66
C GLU E 246 45.58 -47.32 38.11
N LYS E 247 45.36 -47.78 36.89
CA LYS E 247 46.22 -48.78 36.29
C LYS E 247 47.56 -48.18 35.88
N THR E 248 47.68 -46.86 35.98
CA THR E 248 48.98 -46.23 35.72
C THR E 248 49.98 -46.68 36.77
N PRO E 249 51.28 -46.62 36.44
CA PRO E 249 52.33 -47.05 37.37
C PRO E 249 52.53 -46.26 38.65
N ASN E 250 52.27 -44.95 38.65
CA ASN E 250 52.77 -44.10 39.72
C ASN E 250 51.90 -43.19 40.57
N ARG E 251 52.12 -43.34 41.88
CA ARG E 251 52.69 -42.27 42.70
C ARG E 251 51.86 -41.04 43.10
N LEU E 252 50.63 -40.92 42.64
CA LEU E 252 49.84 -39.75 43.02
C LEU E 252 49.56 -39.65 44.52
N LYS E 253 49.64 -40.77 45.23
CA LYS E 253 49.36 -40.78 46.66
C LYS E 253 50.38 -39.96 47.45
N ARG E 254 51.64 -40.04 47.01
CA ARG E 254 52.76 -39.45 47.74
C ARG E 254 52.95 -37.95 47.53
N ILE E 255 52.40 -37.40 46.46
CA ILE E 255 52.64 -36.00 46.12
C ILE E 255 51.70 -35.06 46.87
N TRP E 256 50.87 -35.61 47.75
CA TRP E 256 49.93 -34.81 48.53
C TRP E 256 50.62 -34.09 49.69
N ASN E 257 51.36 -33.03 49.38
CA ASN E 257 52.20 -32.37 50.37
C ASN E 257 52.83 -31.09 49.85
N TRP E 258 53.50 -30.38 50.73
CA TRP E 258 54.14 -29.10 50.43
C TRP E 258 55.64 -29.19 50.66
N ARG E 259 56.23 -30.33 50.29
CA ARG E 259 57.66 -30.58 50.47
C ARG E 259 58.53 -29.48 49.83
N ALA E 260 59.83 -29.62 50.01
CA ALA E 260 60.80 -28.67 49.46
C ALA E 260 61.02 -28.94 47.97
N CYS E 261 62.18 -28.56 47.45
CA CYS E 261 62.50 -28.77 46.04
C CYS E 261 63.93 -29.27 45.86
N LEU F 36 21.92 -17.89 30.12
CA LEU F 36 21.15 -19.14 30.05
C LEU F 36 21.52 -20.09 31.17
N PHE F 37 22.65 -19.81 31.83
CA PHE F 37 23.17 -20.68 32.88
C PHE F 37 23.54 -19.90 34.14
N ALA F 38 23.10 -20.42 35.29
CA ALA F 38 23.51 -19.87 36.57
C ALA F 38 24.97 -20.23 36.80
N GLU F 39 25.70 -19.35 37.48
CA GLU F 39 27.11 -19.57 37.76
C GLU F 39 27.26 -20.82 38.64
N PRO F 40 28.19 -21.73 38.28
CA PRO F 40 28.35 -22.98 39.04
C PRO F 40 28.58 -22.79 40.54
N TYR F 41 28.39 -23.86 41.30
CA TYR F 41 28.50 -23.81 42.76
C TYR F 41 29.09 -25.10 43.33
N LYS F 42 29.48 -25.06 44.59
CA LYS F 42 30.10 -26.21 45.25
C LYS F 42 29.04 -27.17 45.81
N VAL F 43 29.43 -28.42 45.98
CA VAL F 43 28.54 -29.46 46.51
C VAL F 43 28.85 -29.79 47.96
N THR F 44 27.82 -29.76 48.80
CA THR F 44 27.97 -30.10 50.21
C THR F 44 28.15 -31.60 50.40
N SER F 45 29.35 -31.99 50.81
CA SER F 45 29.67 -33.40 51.02
C SER F 45 29.44 -34.22 49.77
N LYS F 46 30.35 -34.12 48.82
CA LYS F 46 30.25 -34.85 47.55
C LYS F 46 30.11 -36.34 47.82
N GLU F 47 28.86 -36.80 47.93
CA GLU F 47 28.56 -38.19 48.27
C GLU F 47 28.62 -39.09 47.03
N ASP F 48 29.03 -38.53 45.90
CA ASP F 48 29.22 -39.32 44.70
C ASP F 48 30.36 -40.32 44.89
N LYS F 49 30.08 -41.58 44.58
CA LYS F 49 31.12 -42.60 44.59
C LYS F 49 32.21 -42.22 43.59
N LEU F 50 31.81 -41.54 42.53
CA LEU F 50 32.74 -41.06 41.52
C LEU F 50 33.60 -39.94 42.07
N SER F 51 33.00 -39.06 42.86
CA SER F 51 33.71 -37.94 43.46
C SER F 51 34.83 -38.43 44.37
N SER F 52 34.48 -39.20 45.39
CA SER F 52 35.45 -39.69 46.36
C SER F 52 36.46 -40.66 45.73
N ARG F 53 36.14 -41.14 44.53
CA ARG F 53 37.06 -42.03 43.83
C ARG F 53 38.22 -41.25 43.23
N ILE F 54 37.94 -40.02 42.78
CA ILE F 54 38.97 -39.16 42.20
C ILE F 54 39.76 -38.47 43.31
N GLN F 55 39.06 -38.08 44.35
CA GLN F 55 39.67 -37.40 45.49
C GLN F 55 40.71 -38.28 46.15
N SER F 56 40.41 -39.57 46.24
CA SER F 56 41.35 -40.56 46.78
C SER F 56 42.29 -41.05 45.70
N MET F 57 42.39 -40.29 44.61
CA MET F 57 43.23 -40.64 43.47
C MET F 57 44.20 -39.50 43.16
N LEU F 58 43.64 -38.32 42.93
CA LEU F 58 44.42 -37.14 42.57
C LEU F 58 44.75 -36.30 43.80
N GLY F 59 43.88 -36.39 44.81
CA GLY F 59 44.03 -35.61 46.03
C GLY F 59 42.97 -34.54 46.13
N ASN F 60 43.07 -33.67 47.12
CA ASN F 60 42.12 -32.58 47.29
C ASN F 60 42.36 -31.51 46.24
N TYR F 61 41.39 -31.35 45.34
CA TYR F 61 41.50 -30.43 44.22
C TYR F 61 41.86 -29.00 44.65
N ASP F 62 41.34 -28.57 45.79
CA ASP F 62 41.53 -27.20 46.25
C ASP F 62 43.00 -26.90 46.57
N GLU F 63 43.77 -27.94 46.86
CA GLU F 63 45.20 -27.77 47.15
C GLU F 63 46.04 -27.73 45.87
N MET F 64 45.49 -28.25 44.77
CA MET F 64 46.25 -28.39 43.52
C MET F 64 45.73 -27.50 42.40
N LYS F 65 44.55 -26.91 42.61
CA LYS F 65 43.87 -26.15 41.57
C LYS F 65 44.73 -25.05 40.95
N ASP F 66 45.62 -24.48 41.75
CA ASP F 66 46.43 -23.34 41.32
C ASP F 66 47.70 -23.73 40.59
N PHE F 67 47.99 -25.02 40.52
CA PHE F 67 49.19 -25.51 39.82
C PHE F 67 48.86 -25.99 38.42
N ILE F 68 47.57 -26.14 38.15
CA ILE F 68 47.08 -26.57 36.84
C ILE F 68 46.75 -25.34 35.99
N GLY F 69 47.57 -25.08 34.98
CA GLY F 69 47.39 -23.92 34.12
C GLY F 69 48.05 -22.69 34.72
N ASP F 70 48.15 -21.64 33.91
CA ASP F 70 48.81 -20.40 34.34
C ASP F 70 48.05 -19.74 35.49
N ARG F 71 48.79 -19.06 36.36
CA ARG F 71 48.21 -18.37 37.51
C ARG F 71 48.23 -16.87 37.28
N VAL G 10 -33.44 63.20 -26.13
CA VAL G 10 -33.30 62.13 -25.14
C VAL G 10 -33.01 60.80 -25.85
N GLU G 11 -31.73 60.54 -26.10
CA GLU G 11 -31.30 59.35 -26.84
C GLU G 11 -31.86 58.08 -26.21
N CYS G 12 -32.14 57.08 -27.07
CA CYS G 12 -32.72 55.83 -26.62
C CYS G 12 -32.68 54.78 -27.73
N PRO G 13 -31.46 54.32 -28.08
CA PRO G 13 -31.24 53.42 -29.23
C PRO G 13 -31.72 51.99 -29.03
N PHE G 14 -31.79 51.52 -27.78
CA PHE G 14 -32.08 50.12 -27.50
C PHE G 14 -33.48 49.90 -26.92
N CYS G 15 -34.45 50.68 -27.38
CA CYS G 15 -35.82 50.53 -26.91
C CYS G 15 -36.77 51.16 -27.92
N ASP G 16 -37.21 50.36 -28.88
CA ASP G 16 -38.07 50.85 -29.95
C ASP G 16 -39.44 51.28 -29.43
N GLU G 17 -40.08 52.19 -30.16
CA GLU G 17 -41.43 52.62 -29.79
C GLU G 17 -42.44 51.54 -30.13
N VAL G 18 -43.43 51.35 -29.27
CA VAL G 18 -44.46 50.35 -29.48
C VAL G 18 -45.32 50.70 -30.71
N SER G 19 -45.15 51.92 -31.21
CA SER G 19 -45.84 52.39 -32.41
C SER G 19 -45.65 51.43 -33.57
N LYS G 20 -44.56 50.67 -33.56
CA LYS G 20 -44.26 49.71 -34.61
C LYS G 20 -45.33 48.63 -34.66
N TYR G 21 -46.07 48.48 -33.57
CA TYR G 21 -47.18 47.51 -33.51
C TYR G 21 -48.52 48.22 -33.55
N GLU G 22 -49.50 47.54 -34.15
CA GLU G 22 -50.88 48.02 -34.24
C GLU G 22 -51.79 47.15 -33.37
N LYS G 23 -52.42 47.75 -32.37
CA LYS G 23 -53.32 47.01 -31.48
C LYS G 23 -54.55 46.51 -32.21
N LEU G 24 -54.94 45.26 -31.90
CA LEU G 24 -56.07 44.62 -32.55
C LEU G 24 -57.21 44.43 -31.55
N ALA G 25 -56.87 44.07 -30.31
CA ALA G 25 -57.87 43.90 -29.26
C ALA G 25 -57.21 43.72 -27.90
N LYS G 26 -57.92 44.07 -26.83
CA LYS G 26 -57.45 43.79 -25.48
C LYS G 26 -57.82 42.33 -25.22
N ILE G 27 -57.02 41.63 -24.41
CA ILE G 27 -57.25 40.19 -24.22
C ILE G 27 -57.09 39.69 -22.79
N GLY G 28 -56.76 40.58 -21.86
CA GLY G 28 -56.71 40.17 -20.46
C GLY G 28 -55.97 41.11 -19.53
N GLN G 29 -56.08 40.81 -18.23
CA GLN G 29 -55.40 41.57 -17.19
C GLN G 29 -54.28 40.70 -16.62
N GLY G 30 -53.06 41.22 -16.67
CA GLY G 30 -51.90 40.47 -16.23
C GLY G 30 -51.56 40.70 -14.77
N THR G 31 -50.43 40.14 -14.34
CA THR G 31 -49.94 40.30 -12.98
C THR G 31 -49.80 41.77 -12.62
N PHE G 32 -49.41 42.58 -13.61
CA PHE G 32 -49.10 43.98 -13.38
C PHE G 32 -49.48 44.83 -14.58
N GLY G 33 -50.33 44.30 -15.45
CA GLY G 33 -50.64 45.01 -16.68
C GLY G 33 -51.89 44.58 -17.43
N GLU G 34 -52.21 45.35 -18.45
CA GLU G 34 -53.22 44.97 -19.43
C GLU G 34 -52.52 44.34 -20.62
N VAL G 35 -53.17 43.38 -21.25
CA VAL G 35 -52.57 42.67 -22.39
C VAL G 35 -53.42 42.88 -23.63
N PHE G 36 -52.74 43.17 -24.74
CA PHE G 36 -53.41 43.43 -26.02
C PHE G 36 -52.86 42.49 -27.09
N LYS G 37 -53.73 42.03 -27.99
CA LYS G 37 -53.30 41.38 -29.21
C LYS G 37 -52.96 42.47 -30.22
N ALA G 38 -51.81 42.33 -30.87
CA ALA G 38 -51.35 43.34 -31.82
C ALA G 38 -50.59 42.71 -32.97
N ARG G 39 -50.48 43.46 -34.06
CA ARG G 39 -49.74 43.02 -35.23
C ARG G 39 -48.66 44.03 -35.61
N HIS G 40 -47.50 43.53 -36.00
CA HIS G 40 -46.41 44.37 -36.48
C HIS G 40 -46.87 45.06 -37.76
N ARG G 41 -46.70 46.38 -37.84
CA ARG G 41 -47.28 47.15 -38.93
C ARG G 41 -46.76 46.72 -40.31
N LYS G 42 -45.49 46.37 -40.39
CA LYS G 42 -44.88 46.02 -41.67
C LYS G 42 -44.86 44.53 -41.98
N THR G 43 -44.68 43.69 -40.96
CA THR G 43 -44.50 42.26 -41.18
C THR G 43 -45.79 41.47 -40.94
N GLY G 44 -46.72 42.05 -40.20
CA GLY G 44 -47.99 41.41 -39.93
C GLY G 44 -47.93 40.35 -38.84
N GLN G 45 -46.76 40.20 -38.23
CA GLN G 45 -46.56 39.24 -37.16
C GLN G 45 -47.44 39.57 -35.96
N LYS G 46 -48.15 38.58 -35.44
CA LYS G 46 -48.99 38.78 -34.25
C LYS G 46 -48.13 38.78 -33.00
N VAL G 47 -48.47 39.64 -32.06
CA VAL G 47 -47.76 39.69 -30.79
C VAL G 47 -48.76 39.97 -29.66
N ALA G 48 -48.29 39.80 -28.43
CA ALA G 48 -49.04 40.21 -27.25
C ALA G 48 -48.30 41.35 -26.57
N LEU G 49 -48.95 42.51 -26.50
CA LEU G 49 -48.39 43.66 -25.81
C LEU G 49 -48.87 43.68 -24.37
N LYS G 50 -47.95 43.48 -23.43
CA LYS G 50 -48.29 43.55 -22.01
C LYS G 50 -47.78 44.86 -21.45
N LYS G 51 -48.71 45.74 -21.10
CA LYS G 51 -48.39 47.08 -20.64
C LYS G 51 -48.00 47.06 -19.17
N VAL G 52 -46.81 47.56 -18.86
CA VAL G 52 -46.40 47.61 -17.46
C VAL G 52 -47.18 48.71 -16.76
N LEU G 53 -48.06 48.30 -15.85
CA LEU G 53 -48.94 49.23 -15.16
C LEU G 53 -48.20 49.85 -13.99
N MET G 54 -47.60 51.01 -14.24
CA MET G 54 -46.89 51.75 -13.21
C MET G 54 -47.91 52.48 -12.34
N GLU G 55 -48.76 51.69 -11.68
CA GLU G 55 -49.73 52.22 -10.74
C GLU G 55 -49.08 52.61 -9.42
N ASN G 56 -48.22 51.74 -8.89
CA ASN G 56 -47.47 52.05 -7.68
C ASN G 56 -46.18 52.80 -8.02
N GLU G 57 -46.29 54.08 -8.39
CA GLU G 57 -45.09 54.86 -8.67
C GLU G 57 -44.45 55.34 -7.38
N LYS G 58 -44.91 54.79 -6.26
CA LYS G 58 -44.30 55.07 -4.96
C LYS G 58 -43.03 54.25 -4.88
N GLU G 59 -43.02 53.10 -5.56
CA GLU G 59 -41.86 52.22 -5.61
C GLU G 59 -41.39 52.00 -7.05
N GLY G 60 -41.69 52.97 -7.91
CA GLY G 60 -41.16 53.00 -9.26
C GLY G 60 -41.55 51.81 -10.13
N PHE G 61 -40.62 51.43 -11.00
CA PHE G 61 -40.82 50.29 -11.89
C PHE G 61 -40.99 49.03 -11.06
N PRO G 62 -42.06 48.24 -11.31
CA PRO G 62 -42.35 47.13 -10.41
C PRO G 62 -41.28 46.03 -10.42
N ILE G 63 -40.81 45.65 -9.22
CA ILE G 63 -39.88 44.54 -9.08
C ILE G 63 -40.48 43.29 -9.68
N THR G 64 -41.81 43.21 -9.63
CA THR G 64 -42.54 42.09 -10.19
C THR G 64 -42.27 42.00 -11.70
N ALA G 65 -42.27 43.14 -12.36
CA ALA G 65 -42.01 43.20 -13.80
C ALA G 65 -40.53 42.98 -14.10
N LEU G 66 -39.67 43.48 -13.22
CA LEU G 66 -38.23 43.31 -13.39
C LEU G 66 -37.85 41.84 -13.36
N ARG G 67 -38.48 41.08 -12.46
CA ARG G 67 -38.22 39.65 -12.37
C ARG G 67 -38.63 38.93 -13.65
N GLU G 68 -39.81 39.27 -14.16
CA GLU G 68 -40.30 38.63 -15.39
C GLU G 68 -39.35 38.88 -16.56
N ILE G 69 -38.90 40.12 -16.68
CA ILE G 69 -38.00 40.49 -17.77
C ILE G 69 -36.68 39.74 -17.59
N LYS G 70 -36.15 39.74 -16.37
CA LYS G 70 -34.93 38.99 -16.07
C LYS G 70 -35.08 37.50 -16.39
N ILE G 71 -36.13 36.89 -15.84
CA ILE G 71 -36.32 35.45 -15.95
C ILE G 71 -36.54 35.01 -17.40
N LEU G 72 -37.37 35.74 -18.13
CA LEU G 72 -37.73 35.33 -19.48
C LEU G 72 -36.63 35.62 -20.50
N GLN G 73 -35.68 36.47 -20.13
CA GLN G 73 -34.48 36.64 -20.94
C GLN G 73 -33.60 35.40 -20.79
N LEU G 74 -33.72 34.75 -19.63
CA LEU G 74 -32.97 33.52 -19.36
C LEU G 74 -33.64 32.28 -19.96
N LEU G 75 -34.88 32.04 -19.56
CA LEU G 75 -35.59 30.81 -19.95
C LEU G 75 -35.93 30.78 -21.43
N LYS G 76 -35.54 29.69 -22.08
CA LYS G 76 -35.91 29.44 -23.47
C LYS G 76 -36.30 27.97 -23.63
N HIS G 77 -37.58 27.74 -23.83
CA HIS G 77 -38.10 26.38 -23.88
C HIS G 77 -39.40 26.34 -24.69
N GLU G 78 -39.72 25.17 -25.24
CA GLU G 78 -40.87 25.04 -26.14
C GLU G 78 -42.19 25.23 -25.41
N ASN G 79 -42.19 25.02 -24.10
CA ASN G 79 -43.41 25.12 -23.31
C ASN G 79 -43.37 26.30 -22.35
N VAL G 80 -42.47 27.24 -22.62
CA VAL G 80 -42.43 28.52 -21.91
C VAL G 80 -42.64 29.63 -22.94
N VAL G 81 -43.50 30.59 -22.60
CA VAL G 81 -43.81 31.68 -23.51
C VAL G 81 -42.56 32.48 -23.83
N ASN G 82 -42.52 33.09 -25.01
CA ASN G 82 -41.33 33.77 -25.49
C ASN G 82 -41.43 35.28 -25.46
N LEU G 83 -40.49 35.92 -24.77
CA LEU G 83 -40.36 37.37 -24.77
C LEU G 83 -39.55 37.81 -25.97
N ILE G 84 -40.09 38.74 -26.74
CA ILE G 84 -39.46 39.20 -27.98
C ILE G 84 -38.59 40.43 -27.73
N GLU G 85 -39.19 41.46 -27.17
CA GLU G 85 -38.50 42.73 -26.91
C GLU G 85 -39.26 43.53 -25.87
N ILE G 86 -38.77 44.73 -25.58
CA ILE G 86 -39.46 45.67 -24.70
C ILE G 86 -39.54 47.03 -25.37
N CYS G 87 -40.74 47.58 -25.45
CA CYS G 87 -40.99 48.82 -26.17
C CYS G 87 -41.53 49.89 -25.24
N ARG G 88 -41.45 51.14 -25.68
CA ARG G 88 -41.89 52.29 -24.89
C ARG G 88 -42.85 53.18 -25.65
N THR G 89 -43.39 54.17 -24.95
CA THR G 89 -44.17 55.25 -25.54
C THR G 89 -43.51 56.57 -25.18
N LYS G 90 -43.55 57.55 -26.06
CA LYS G 90 -43.01 58.86 -25.76
C LYS G 90 -43.80 59.47 -24.61
N ALA G 91 -43.12 60.13 -23.68
CA ALA G 91 -43.74 60.65 -22.47
C ALA G 91 -44.91 61.57 -22.77
N SER G 92 -46.00 61.41 -22.02
CA SER G 92 -47.20 62.22 -22.19
C SER G 92 -47.88 62.44 -20.84
N PRO G 93 -48.78 63.44 -20.76
CA PRO G 93 -49.53 63.68 -19.53
C PRO G 93 -50.43 62.51 -19.14
N LYS G 98 -43.69 60.60 -17.79
CA LYS G 98 -42.89 59.51 -18.32
C LYS G 98 -43.73 58.61 -19.22
N GLY G 99 -43.07 57.81 -20.04
CA GLY G 99 -43.74 56.90 -20.95
C GLY G 99 -44.11 55.60 -20.29
N SER G 100 -44.97 54.83 -20.94
CA SER G 100 -45.37 53.52 -20.45
C SER G 100 -44.51 52.46 -21.14
N ILE G 101 -44.33 51.32 -20.47
CA ILE G 101 -43.50 50.25 -20.99
C ILE G 101 -44.35 49.07 -21.42
N TYR G 102 -44.00 48.45 -22.54
CA TYR G 102 -44.71 47.28 -23.04
C TYR G 102 -43.78 46.09 -23.20
N LEU G 103 -44.11 44.98 -22.56
CA LEU G 103 -43.46 43.71 -22.82
C LEU G 103 -44.11 43.09 -24.05
N VAL G 104 -43.29 42.72 -25.04
CA VAL G 104 -43.78 42.16 -26.29
C VAL G 104 -43.52 40.67 -26.35
N PHE G 105 -44.60 39.88 -26.31
CA PHE G 105 -44.51 38.42 -26.38
C PHE G 105 -45.00 37.90 -27.71
N ASP G 106 -44.57 36.69 -28.05
CA ASP G 106 -45.17 35.94 -29.15
C ASP G 106 -46.62 35.64 -28.80
N PHE G 107 -47.52 35.86 -29.75
CA PHE G 107 -48.94 35.70 -29.51
C PHE G 107 -49.38 34.24 -29.51
N CYS G 108 -50.32 33.91 -28.64
CA CYS G 108 -50.93 32.59 -28.59
C CYS G 108 -52.44 32.72 -28.77
N GLU G 109 -52.99 31.88 -29.64
CA GLU G 109 -54.40 31.95 -30.00
C GLU G 109 -55.32 31.70 -28.81
N HIS G 110 -54.95 30.76 -27.94
CA HIS G 110 -55.82 30.34 -26.85
C HIS G 110 -55.17 30.42 -25.48
N ASP G 111 -56.01 30.47 -24.45
CA ASP G 111 -55.59 30.24 -23.07
C ASP G 111 -56.48 29.15 -22.49
N LEU G 112 -55.92 28.33 -21.62
CA LEU G 112 -56.60 27.12 -21.16
C LEU G 112 -57.93 27.43 -20.48
N ALA G 113 -57.95 28.51 -19.70
CA ALA G 113 -59.18 28.94 -19.04
C ALA G 113 -60.27 29.22 -20.05
N GLY G 114 -59.91 29.95 -21.11
CA GLY G 114 -60.84 30.27 -22.17
C GLY G 114 -61.44 29.03 -22.83
N LEU G 115 -60.58 28.06 -23.11
CA LEU G 115 -61.00 26.82 -23.75
C LEU G 115 -61.96 26.04 -22.84
N LEU G 116 -61.63 25.99 -21.55
CA LEU G 116 -62.44 25.26 -20.59
C LEU G 116 -63.80 25.94 -20.36
N SER G 117 -63.85 27.25 -20.55
CA SER G 117 -65.09 28.01 -20.40
C SER G 117 -65.94 27.90 -21.64
N ASN G 118 -65.29 27.66 -22.78
CA ASN G 118 -65.98 27.52 -24.05
C ASN G 118 -66.73 26.19 -24.13
N VAL G 119 -68.02 26.27 -24.39
CA VAL G 119 -68.88 25.09 -24.38
C VAL G 119 -68.67 24.25 -25.63
N LEU G 120 -68.22 24.89 -26.71
CA LEU G 120 -68.00 24.19 -27.98
C LEU G 120 -66.71 23.37 -27.98
N VAL G 121 -65.83 23.64 -27.02
CA VAL G 121 -64.58 22.90 -26.93
C VAL G 121 -64.78 21.61 -26.17
N LYS G 122 -64.42 20.49 -26.82
CA LYS G 122 -64.55 19.17 -26.24
C LYS G 122 -63.18 18.50 -26.22
N PHE G 123 -62.74 18.08 -25.05
CA PHE G 123 -61.46 17.36 -24.91
C PHE G 123 -61.64 15.86 -24.87
N THR G 124 -60.88 15.15 -25.69
CA THR G 124 -60.73 13.71 -25.53
C THR G 124 -59.75 13.47 -24.39
N LEU G 125 -59.78 12.27 -23.81
CA LEU G 125 -58.86 11.92 -22.75
C LEU G 125 -57.42 12.05 -23.22
N SER G 126 -57.19 11.60 -24.46
CA SER G 126 -55.88 11.68 -25.09
C SER G 126 -55.35 13.10 -25.15
N GLU G 127 -56.25 14.04 -25.45
CA GLU G 127 -55.86 15.44 -25.58
C GLU G 127 -55.59 16.06 -24.20
N ILE G 128 -56.34 15.63 -23.19
CA ILE G 128 -56.10 16.08 -21.83
C ILE G 128 -54.71 15.64 -21.36
N LYS G 129 -54.39 14.38 -21.63
CA LYS G 129 -53.08 13.83 -21.30
C LYS G 129 -51.97 14.69 -21.88
N ARG G 130 -52.15 15.13 -23.12
CA ARG G 130 -51.11 15.91 -23.81
C ARG G 130 -50.97 17.29 -23.20
N VAL G 131 -52.08 17.88 -22.78
CA VAL G 131 -52.05 19.20 -22.15
C VAL G 131 -51.26 19.14 -20.84
N MET G 132 -51.57 18.14 -20.02
CA MET G 132 -50.91 18.00 -18.74
C MET G 132 -49.44 17.63 -18.92
N GLN G 133 -49.16 16.88 -19.98
CA GLN G 133 -47.80 16.46 -20.28
C GLN G 133 -46.91 17.66 -20.61
N MET G 134 -47.40 18.52 -21.49
CA MET G 134 -46.69 19.73 -21.86
C MET G 134 -46.57 20.67 -20.66
N LEU G 135 -47.63 20.74 -19.87
CA LEU G 135 -47.64 21.60 -18.69
C LEU G 135 -46.54 21.20 -17.72
N LEU G 136 -46.50 19.91 -17.39
CA LEU G 136 -45.50 19.40 -16.44
C LEU G 136 -44.11 19.43 -17.06
N ASN G 137 -44.04 19.33 -18.39
CA ASN G 137 -42.77 19.48 -19.08
C ASN G 137 -42.23 20.88 -18.88
N GLY G 138 -43.13 21.86 -18.98
CA GLY G 138 -42.75 23.25 -18.76
C GLY G 138 -42.30 23.49 -17.33
N LEU G 139 -43.09 23.00 -16.39
CA LEU G 139 -42.76 23.17 -14.97
C LEU G 139 -41.45 22.48 -14.63
N TYR G 140 -41.24 21.31 -15.23
CA TYR G 140 -40.03 20.54 -14.97
C TYR G 140 -38.80 21.35 -15.38
N TYR G 141 -38.91 22.07 -16.49
CA TYR G 141 -37.77 22.81 -17.04
C TYR G 141 -37.40 24.03 -16.19
N ILE G 142 -38.41 24.82 -15.84
CA ILE G 142 -38.17 26.06 -15.11
C ILE G 142 -37.71 25.79 -13.67
N HIS G 143 -38.15 24.68 -13.10
CA HIS G 143 -37.77 24.33 -11.74
C HIS G 143 -36.31 23.94 -11.69
N ARG G 144 -35.88 23.18 -12.70
CA ARG G 144 -34.50 22.76 -12.80
C ARG G 144 -33.59 23.94 -13.17
N ASN G 145 -34.18 25.01 -13.68
CA ASN G 145 -33.46 26.26 -13.90
C ASN G 145 -33.64 27.21 -12.71
N LYS G 146 -34.07 26.64 -11.59
CA LYS G 146 -34.21 27.38 -10.34
C LYS G 146 -35.17 28.56 -10.44
N ILE G 147 -36.34 28.32 -11.02
CA ILE G 147 -37.39 29.33 -11.11
C ILE G 147 -38.71 28.76 -10.59
N LEU G 148 -39.36 29.52 -9.71
CA LEU G 148 -40.72 29.20 -9.30
C LEU G 148 -41.67 30.08 -10.10
N HIS G 149 -42.75 29.50 -10.61
CA HIS G 149 -43.74 30.26 -11.35
C HIS G 149 -44.63 31.03 -10.38
N ARG G 150 -45.11 30.33 -9.36
CA ARG G 150 -45.85 30.94 -8.26
C ARG G 150 -47.15 31.60 -8.71
N ASP G 151 -47.76 31.07 -9.76
CA ASP G 151 -49.08 31.55 -10.20
C ASP G 151 -49.69 30.60 -11.23
N MET G 152 -49.59 29.30 -10.96
CA MET G 152 -50.16 28.31 -11.85
C MET G 152 -51.69 28.33 -11.80
N LYS G 153 -52.31 28.68 -12.91
CA LYS G 153 -53.75 28.65 -13.05
C LYS G 153 -54.09 28.58 -14.53
N ALA G 154 -55.29 28.08 -14.83
CA ALA G 154 -55.70 27.86 -16.21
C ALA G 154 -55.52 29.11 -17.07
N ALA G 155 -55.80 30.27 -16.49
CA ALA G 155 -55.74 31.52 -17.23
C ALA G 155 -54.32 31.94 -17.60
N ASN G 156 -53.32 31.34 -16.94
CA ASN G 156 -51.92 31.62 -17.24
C ASN G 156 -51.27 30.54 -18.11
N VAL G 157 -52.09 29.65 -18.67
CA VAL G 157 -51.62 28.62 -19.58
C VAL G 157 -52.10 28.88 -21.00
N LEU G 158 -51.19 29.23 -21.89
CA LEU G 158 -51.54 29.53 -23.28
C LEU G 158 -51.32 28.32 -24.17
N ILE G 159 -52.07 28.26 -25.27
CA ILE G 159 -51.91 27.21 -26.27
C ILE G 159 -52.00 27.84 -27.66
N THR G 160 -50.98 27.57 -28.48
CA THR G 160 -50.89 28.14 -29.82
C THR G 160 -51.84 27.45 -30.80
N ARG G 161 -51.89 27.95 -32.03
CA ARG G 161 -52.76 27.37 -33.06
C ARG G 161 -52.37 25.92 -33.35
N ASP G 162 -51.09 25.63 -33.23
CA ASP G 162 -50.57 24.30 -33.52
C ASP G 162 -50.61 23.38 -32.30
N GLY G 163 -51.32 23.80 -31.26
CA GLY G 163 -51.53 22.98 -30.10
C GLY G 163 -50.31 22.81 -29.21
N VAL G 164 -49.50 23.86 -29.11
CA VAL G 164 -48.32 23.84 -28.26
C VAL G 164 -48.56 24.69 -27.02
N LEU G 165 -48.56 24.05 -25.86
CA LEU G 165 -48.85 24.71 -24.60
C LEU G 165 -47.68 25.58 -24.16
N LYS G 166 -48.00 26.75 -23.60
CA LYS G 166 -46.98 27.69 -23.14
C LYS G 166 -47.32 28.22 -21.75
N LEU G 167 -46.42 28.01 -20.79
CA LEU G 167 -46.55 28.64 -19.49
C LEU G 167 -46.28 30.13 -19.69
N ALA G 168 -47.06 30.98 -19.04
CA ALA G 168 -46.98 32.42 -19.30
C ALA G 168 -47.24 33.28 -18.06
N ASP G 169 -47.00 34.58 -18.22
CA ASP G 169 -47.16 35.55 -17.14
C ASP G 169 -46.29 35.21 -15.94
N PHE G 170 -44.98 35.45 -16.08
CA PHE G 170 -44.02 35.19 -15.01
C PHE G 170 -43.86 36.40 -14.09
N GLY G 171 -44.85 37.29 -14.11
CA GLY G 171 -44.84 38.46 -13.26
C GLY G 171 -44.74 38.12 -11.79
N LEU G 172 -45.18 36.91 -11.43
CA LEU G 172 -45.18 36.47 -10.04
C LEU G 172 -44.02 35.53 -9.75
N ALA G 173 -43.17 35.29 -10.76
CA ALA G 173 -42.08 34.33 -10.63
C ALA G 173 -40.87 34.91 -9.88
N ARG G 174 -40.00 34.03 -9.42
CA ARG G 174 -38.72 34.43 -8.82
C ARG G 174 -37.76 33.25 -8.80
N ALA G 175 -36.49 33.53 -8.51
CA ALA G 175 -35.49 32.48 -8.35
C ALA G 175 -35.52 31.91 -6.94
N PHE G 176 -35.09 30.66 -6.80
CA PHE G 176 -34.98 30.01 -5.49
C PHE G 176 -33.67 29.22 -5.42
N SER G 177 -33.35 28.70 -4.24
CA SER G 177 -32.06 28.05 -4.01
C SER G 177 -32.25 26.59 -3.62
N LEU G 178 -31.25 25.76 -3.93
CA LEU G 178 -31.28 24.35 -3.56
C LEU G 178 -30.26 24.05 -2.47
N ALA G 179 -30.30 24.82 -1.39
CA ALA G 179 -29.20 24.83 -0.44
C ALA G 179 -29.59 24.24 0.91
N LYS G 180 -28.79 23.30 1.39
CA LYS G 180 -28.91 22.82 2.77
C LYS G 180 -28.65 24.04 3.64
N ASN G 181 -27.65 24.83 3.25
CA ASN G 181 -27.26 26.00 4.00
C ASN G 181 -28.32 27.04 3.72
N SER G 182 -28.97 27.53 4.75
CA SER G 182 -30.17 28.33 4.56
C SER G 182 -30.28 29.44 5.59
N GLN G 183 -30.58 30.62 5.06
CA GLN G 183 -30.70 31.84 5.84
C GLN G 183 -31.59 31.71 7.08
N PRO G 184 -32.75 31.01 6.98
CA PRO G 184 -33.42 30.29 5.88
C PRO G 184 -34.06 31.28 4.92
N ASN G 185 -34.45 30.85 3.72
CA ASN G 185 -35.02 31.80 2.77
C ASN G 185 -36.27 32.42 3.37
N ARG G 186 -36.49 33.68 3.04
CA ARG G 186 -37.68 34.40 3.44
C ARG G 186 -38.41 34.90 2.21
N TYR G 187 -38.94 33.96 1.43
CA TYR G 187 -39.69 34.30 0.23
C TYR G 187 -40.98 34.99 0.62
N TPO G 188 -41.60 35.66 -0.36
CA TPO G 188 -42.88 36.31 -0.15
CB TPO G 188 -43.25 37.11 -1.38
CG2 TPO G 188 -44.64 37.75 -1.22
OG1 TPO G 188 -42.28 38.14 -1.57
P TPO G 188 -41.41 37.81 -2.89
O1P TPO G 188 -42.28 37.91 -4.09
O2P TPO G 188 -40.22 38.87 -3.04
O3P TPO G 188 -40.79 36.34 -2.79
C TPO G 188 -43.93 35.24 0.15
O TPO G 188 -43.99 34.22 -0.53
H TPO G 188 -41.28 35.75 -1.15
HA TPO G 188 -42.82 36.92 0.62
HB TPO G 188 -43.26 36.45 -2.26
HG21 TPO G 188 -44.89 38.31 -2.11
HG22 TPO G 188 -44.63 38.41 -0.35
HG23 TPO G 188 -45.38 36.96 -1.06
N ASN G 189 -44.75 35.49 1.17
CA ASN G 189 -45.75 34.50 1.57
C ASN G 189 -47.00 34.54 0.71
N ARG G 190 -47.62 35.70 0.59
CA ARG G 190 -48.80 35.85 -0.25
C ARG G 190 -48.43 35.85 -1.73
N VAL G 191 -48.23 34.67 -2.28
CA VAL G 191 -48.02 34.51 -3.72
C VAL G 191 -48.94 33.39 -4.18
N VAL G 192 -49.07 33.23 -5.50
CA VAL G 192 -50.01 32.28 -6.10
C VAL G 192 -51.44 32.72 -5.85
N THR G 193 -52.25 32.73 -6.91
CA THR G 193 -53.67 33.04 -6.78
C THR G 193 -54.27 32.14 -5.70
N LEU G 194 -55.11 32.73 -4.84
CA LEU G 194 -55.58 32.04 -3.64
C LEU G 194 -56.19 30.67 -3.95
N TRP G 195 -56.96 30.59 -5.03
CA TRP G 195 -57.65 29.35 -5.38
C TRP G 195 -56.67 28.22 -5.64
N TYR G 196 -55.50 28.56 -6.20
CA TYR G 196 -54.50 27.58 -6.55
C TYR G 196 -53.35 27.57 -5.55
N ARG G 197 -53.54 28.22 -4.41
CA ARG G 197 -52.49 28.32 -3.41
C ARG G 197 -52.45 27.04 -2.55
N PRO G 198 -51.25 26.48 -2.33
CA PRO G 198 -51.10 25.26 -1.53
C PRO G 198 -51.21 25.50 -0.04
N PRO G 199 -51.34 24.42 0.76
CA PRO G 199 -51.48 24.51 2.21
C PRO G 199 -50.33 25.25 2.91
N GLU G 200 -49.09 24.91 2.55
CA GLU G 200 -47.93 25.44 3.24
C GLU G 200 -47.87 26.96 3.19
N LEU G 201 -48.26 27.54 2.05
CA LEU G 201 -48.28 28.99 1.92
C LEU G 201 -49.34 29.59 2.84
N LEU G 202 -50.44 28.87 2.98
CA LEU G 202 -51.56 29.34 3.81
C LEU G 202 -51.22 29.23 5.30
N LEU G 203 -50.29 28.36 5.65
CA LEU G 203 -49.81 28.24 7.03
C LEU G 203 -48.61 29.15 7.29
N GLY G 204 -48.25 29.97 6.29
CA GLY G 204 -47.24 30.99 6.49
C GLY G 204 -45.84 30.57 6.11
N GLU G 205 -45.72 29.49 5.31
CA GLU G 205 -44.42 29.04 4.84
C GLU G 205 -43.74 30.11 4.00
N ARG G 206 -42.45 30.35 4.28
CA ARG G 206 -41.65 31.29 3.50
C ARG G 206 -40.40 30.62 2.95
N ASP G 207 -40.19 29.36 3.31
CA ASP G 207 -39.04 28.59 2.83
C ASP G 207 -39.54 27.44 1.97
N TYR G 208 -40.39 27.77 1.00
CA TYR G 208 -41.03 26.79 0.13
C TYR G 208 -40.20 26.54 -1.12
N GLY G 209 -40.74 25.77 -2.05
CA GLY G 209 -40.03 25.42 -3.27
C GLY G 209 -40.96 24.97 -4.39
N PRO G 210 -40.42 24.25 -5.37
CA PRO G 210 -41.16 23.76 -6.55
C PRO G 210 -42.52 23.10 -6.24
N PRO G 211 -42.65 22.40 -5.10
CA PRO G 211 -43.95 21.79 -4.79
C PRO G 211 -45.17 22.72 -4.89
N ILE G 212 -45.02 24.03 -4.68
CA ILE G 212 -46.18 24.91 -4.71
C ILE G 212 -46.76 25.01 -6.12
N ASP G 213 -45.90 24.88 -7.13
CA ASP G 213 -46.34 24.93 -8.51
C ASP G 213 -47.08 23.65 -8.91
N LEU G 214 -46.64 22.53 -8.35
CA LEU G 214 -47.26 21.26 -8.69
C LEU G 214 -48.60 21.09 -7.99
N TRP G 215 -48.81 21.83 -6.91
CA TRP G 215 -50.13 21.91 -6.30
C TRP G 215 -51.10 22.50 -7.31
N GLY G 216 -50.68 23.61 -7.93
CA GLY G 216 -51.47 24.27 -8.95
C GLY G 216 -51.72 23.38 -10.15
N ALA G 217 -50.71 22.60 -10.53
CA ALA G 217 -50.85 21.67 -11.65
C ALA G 217 -51.96 20.68 -11.37
N GLY G 218 -52.04 20.21 -10.12
CA GLY G 218 -53.11 19.34 -9.69
C GLY G 218 -54.46 20.05 -9.79
N CYS G 219 -54.51 21.28 -9.29
CA CYS G 219 -55.71 22.09 -9.36
C CYS G 219 -56.17 22.30 -10.80
N ILE G 220 -55.20 22.56 -11.67
CA ILE G 220 -55.50 22.76 -13.09
C ILE G 220 -55.95 21.46 -13.74
N MET G 221 -55.32 20.35 -13.35
CA MET G 221 -55.62 19.06 -13.94
C MET G 221 -57.03 18.62 -13.61
N ALA G 222 -57.47 18.93 -12.40
CA ALA G 222 -58.84 18.60 -11.99
C ALA G 222 -59.83 19.41 -12.83
N GLU G 223 -59.45 20.65 -13.14
CA GLU G 223 -60.32 21.56 -13.89
C GLU G 223 -60.57 21.07 -15.31
N MET G 224 -59.68 20.22 -15.82
CA MET G 224 -59.80 19.70 -17.17
C MET G 224 -61.11 18.92 -17.32
N TRP G 225 -61.61 18.41 -16.20
CA TRP G 225 -62.85 17.63 -16.19
C TRP G 225 -64.00 18.38 -15.53
N THR G 226 -63.71 19.19 -14.52
CA THR G 226 -64.76 19.93 -13.82
C THR G 226 -65.14 21.22 -14.55
N ARG G 227 -64.26 21.72 -15.41
CA ARG G 227 -64.51 22.95 -16.16
C ARG G 227 -64.78 24.15 -15.24
N SER G 228 -64.35 24.03 -13.99
CA SER G 228 -64.54 25.10 -13.02
C SER G 228 -63.60 24.88 -11.84
N PRO G 229 -62.88 25.93 -11.40
CA PRO G 229 -61.94 25.80 -10.28
C PRO G 229 -62.52 25.04 -9.10
N ILE G 230 -61.75 24.08 -8.58
CA ILE G 230 -62.30 23.10 -7.64
C ILE G 230 -62.36 23.61 -6.21
N MET G 231 -61.62 24.68 -5.91
CA MET G 231 -61.64 25.27 -4.57
C MET G 231 -61.59 26.80 -4.65
N GLN G 232 -62.76 27.42 -4.71
CA GLN G 232 -62.86 28.86 -4.90
C GLN G 232 -63.08 29.59 -3.57
N GLY G 233 -62.03 29.69 -2.77
CA GLY G 233 -62.09 30.38 -1.50
C GLY G 233 -62.13 31.90 -1.66
N ASN G 234 -62.57 32.57 -0.59
CA ASN G 234 -62.66 34.03 -0.57
C ASN G 234 -61.68 34.63 0.44
N THR G 235 -61.19 33.79 1.36
CA THR G 235 -60.19 34.20 2.34
C THR G 235 -59.18 33.09 2.52
N GLU G 236 -58.07 33.40 3.17
CA GLU G 236 -57.02 32.41 3.40
C GLU G 236 -57.55 31.28 4.29
N GLN G 237 -58.40 31.62 5.24
CA GLN G 237 -59.00 30.62 6.11
C GLN G 237 -60.02 29.79 5.34
N HIS G 238 -60.83 30.46 4.53
CA HIS G 238 -61.81 29.77 3.70
C HIS G 238 -61.12 28.78 2.78
N GLN G 239 -60.04 29.23 2.15
CA GLN G 239 -59.27 28.38 1.24
C GLN G 239 -58.73 27.17 1.98
N LEU G 240 -58.22 27.39 3.19
CA LEU G 240 -57.69 26.31 4.01
C LEU G 240 -58.81 25.34 4.38
N ALA G 241 -59.99 25.88 4.66
CA ALA G 241 -61.14 25.06 5.02
C ALA G 241 -61.54 24.18 3.85
N LEU G 242 -61.62 24.76 2.66
CA LEU G 242 -61.95 24.01 1.46
C LEU G 242 -60.96 22.87 1.20
N ILE G 243 -59.68 23.14 1.41
CA ILE G 243 -58.65 22.12 1.26
C ILE G 243 -58.84 21.03 2.29
N SER G 244 -59.14 21.41 3.53
CA SER G 244 -59.36 20.45 4.60
C SER G 244 -60.52 19.52 4.26
N GLN G 245 -61.63 20.09 3.80
CA GLN G 245 -62.79 19.30 3.40
C GLN G 245 -62.47 18.31 2.29
N LEU G 246 -61.66 18.74 1.33
CA LEU G 246 -61.41 17.95 0.14
C LEU G 246 -60.23 16.99 0.28
N CYS G 247 -59.15 17.48 0.90
CA CYS G 247 -57.90 16.74 0.96
C CYS G 247 -57.69 16.03 2.30
N GLY G 248 -58.57 16.28 3.25
CA GLY G 248 -58.46 15.71 4.58
C GLY G 248 -57.92 16.74 5.55
N SER G 249 -58.08 16.48 6.85
CA SER G 249 -57.64 17.43 7.87
C SER G 249 -56.13 17.51 7.95
N ILE G 250 -55.63 18.71 8.21
CA ILE G 250 -54.20 18.96 8.32
C ILE G 250 -53.71 18.57 9.70
N THR G 251 -52.97 17.47 9.78
CA THR G 251 -52.51 16.93 11.06
C THR G 251 -51.08 16.41 10.95
N PRO G 252 -50.33 16.44 12.06
CA PRO G 252 -48.96 15.90 12.08
C PRO G 252 -48.86 14.45 11.60
N GLU G 253 -49.94 13.70 11.72
CA GLU G 253 -49.93 12.29 11.33
C GLU G 253 -49.78 12.16 9.82
N VAL G 254 -50.42 13.07 9.09
CA VAL G 254 -50.40 13.05 7.62
C VAL G 254 -49.41 14.08 7.08
N TRP G 255 -48.92 14.93 7.98
CA TRP G 255 -48.01 16.02 7.60
C TRP G 255 -47.06 16.30 8.76
N PRO G 256 -46.04 15.45 8.92
CA PRO G 256 -45.05 15.55 9.99
C PRO G 256 -44.51 16.96 10.19
N ASN G 257 -44.41 17.38 11.45
CA ASN G 257 -43.79 18.66 11.81
C ASN G 257 -44.61 19.88 11.39
N VAL G 258 -45.86 19.66 11.00
CA VAL G 258 -46.78 20.76 10.70
C VAL G 258 -47.07 21.56 11.98
N ASP G 259 -46.78 20.96 13.12
CA ASP G 259 -46.94 21.61 14.42
C ASP G 259 -46.19 22.95 14.51
N ASN G 260 -45.00 22.98 13.92
CA ASN G 260 -44.09 24.11 14.10
C ASN G 260 -44.56 25.42 13.47
N TYR G 261 -45.56 25.36 12.60
CA TYR G 261 -46.11 26.57 12.00
C TYR G 261 -46.79 27.45 13.04
N GLU G 262 -46.40 28.72 13.05
CA GLU G 262 -46.95 29.72 13.97
C GLU G 262 -48.47 29.71 13.95
N LEU G 263 -49.03 29.45 12.77
CA LEU G 263 -50.46 29.57 12.55
C LEU G 263 -51.20 28.23 12.65
N TYR G 264 -50.49 27.15 12.97
CA TYR G 264 -51.14 25.84 13.01
C TYR G 264 -52.22 25.79 14.10
N GLU G 265 -51.95 26.37 15.26
CA GLU G 265 -52.95 26.46 16.34
C GLU G 265 -53.63 27.82 16.40
N LYS G 266 -52.98 28.87 15.95
CA LYS G 266 -53.63 30.19 15.95
C LYS G 266 -54.83 30.15 15.01
N LEU G 267 -54.82 29.18 14.10
CA LEU G 267 -55.95 28.95 13.20
C LEU G 267 -56.65 27.66 13.59
N GLU G 268 -57.96 27.72 13.86
CA GLU G 268 -58.71 26.51 14.17
C GLU G 268 -59.15 25.87 12.86
N LEU G 269 -58.58 24.70 12.60
CA LEU G 269 -58.81 23.97 11.36
C LEU G 269 -59.69 22.77 11.71
N VAL G 270 -60.70 22.51 10.87
CA VAL G 270 -61.60 21.39 11.12
C VAL G 270 -60.72 20.14 11.22
N LYS G 271 -60.98 19.33 12.25
CA LYS G 271 -60.03 18.29 12.63
C LYS G 271 -60.50 16.90 12.21
N GLY G 272 -61.80 16.76 11.96
CA GLY G 272 -62.40 15.47 11.68
C GLY G 272 -62.24 14.95 10.25
N GLN G 273 -62.31 15.86 9.29
CA GLN G 273 -62.40 15.51 7.86
C GLN G 273 -61.43 14.43 7.38
N LYS G 274 -61.99 13.43 6.69
CA LYS G 274 -61.19 12.42 5.98
C LYS G 274 -60.92 12.90 4.56
N ARG G 275 -59.98 12.25 3.88
CA ARG G 275 -59.60 12.63 2.52
C ARG G 275 -60.65 12.17 1.52
N LYS G 276 -61.07 13.08 0.64
CA LYS G 276 -62.14 12.81 -0.32
C LYS G 276 -61.77 13.25 -1.74
N VAL G 277 -60.48 13.33 -2.03
CA VAL G 277 -60.02 13.81 -3.33
C VAL G 277 -60.56 12.96 -4.47
N LYS G 278 -60.31 11.65 -4.41
CA LYS G 278 -60.81 10.76 -5.44
C LYS G 278 -62.33 10.70 -5.37
N ASP G 279 -62.85 10.64 -4.15
CA ASP G 279 -64.29 10.52 -3.93
C ASP G 279 -65.10 11.58 -4.66
N ARG G 280 -64.67 12.84 -4.52
CA ARG G 280 -65.41 13.97 -5.07
C ARG G 280 -65.17 14.17 -6.57
N LEU G 281 -64.00 13.75 -7.05
CA LEU G 281 -63.64 13.95 -8.46
C LEU G 281 -63.95 12.74 -9.33
N LYS G 282 -64.17 11.59 -8.68
CA LYS G 282 -64.53 10.35 -9.34
C LYS G 282 -65.59 10.51 -10.44
N ALA G 283 -66.70 11.15 -10.09
CA ALA G 283 -67.82 11.31 -11.02
C ALA G 283 -67.46 12.13 -12.25
N TYR G 284 -66.52 13.05 -12.10
CA TYR G 284 -66.13 13.95 -13.19
C TYR G 284 -65.02 13.37 -14.05
N VAL G 285 -63.98 12.82 -13.40
CA VAL G 285 -62.77 12.41 -14.10
C VAL G 285 -62.88 11.00 -14.70
N ARG G 286 -63.41 10.06 -13.92
CA ARG G 286 -63.63 8.68 -14.36
C ARG G 286 -62.34 7.87 -14.57
N ASP G 287 -61.39 8.40 -15.34
CA ASP G 287 -60.15 7.65 -15.59
C ASP G 287 -59.44 7.32 -14.28
N PRO G 288 -59.04 6.04 -14.09
CA PRO G 288 -58.38 5.67 -12.83
C PRO G 288 -57.00 6.31 -12.63
N TYR G 289 -56.13 6.20 -13.63
CA TYR G 289 -54.79 6.77 -13.53
C TYR G 289 -54.86 8.28 -13.34
N ALA G 290 -55.75 8.92 -14.08
CA ALA G 290 -55.94 10.36 -13.96
C ALA G 290 -56.25 10.73 -12.52
N LEU G 291 -57.22 10.04 -11.93
CA LEU G 291 -57.60 10.30 -10.54
C LEU G 291 -56.41 10.11 -9.61
N ASP G 292 -55.62 9.07 -9.87
CA ASP G 292 -54.48 8.79 -9.03
C ASP G 292 -53.44 9.91 -9.11
N LEU G 293 -53.14 10.36 -10.32
CA LEU G 293 -52.15 11.42 -10.50
C LEU G 293 -52.61 12.71 -9.83
N ILE G 294 -53.90 13.01 -9.96
CA ILE G 294 -54.48 14.18 -9.30
C ILE G 294 -54.37 14.00 -7.78
N ASP G 295 -54.52 12.77 -7.32
CA ASP G 295 -54.42 12.47 -5.90
C ASP G 295 -53.01 12.71 -5.38
N LYS G 296 -52.01 12.35 -6.18
CA LYS G 296 -50.61 12.51 -5.76
C LYS G 296 -50.14 13.96 -5.87
N LEU G 297 -50.81 14.74 -6.69
CA LEU G 297 -50.45 16.15 -6.87
C LEU G 297 -51.02 17.01 -5.76
N LEU G 298 -52.17 16.60 -5.21
CA LEU G 298 -52.83 17.36 -4.16
C LEU G 298 -52.57 16.77 -2.78
N VAL G 299 -51.36 16.24 -2.58
CA VAL G 299 -50.92 15.82 -1.26
C VAL G 299 -50.68 17.06 -0.41
N LEU G 300 -51.04 17.00 0.86
CA LEU G 300 -50.92 18.15 1.75
C LEU G 300 -49.46 18.50 2.04
N ASP G 301 -48.71 17.52 2.55
CA ASP G 301 -47.31 17.72 2.89
C ASP G 301 -46.47 17.83 1.61
N PRO G 302 -45.85 19.00 1.36
CA PRO G 302 -45.11 19.18 0.10
C PRO G 302 -43.93 18.22 -0.05
N ALA G 303 -43.41 17.71 1.07
CA ALA G 303 -42.32 16.75 1.04
C ALA G 303 -42.79 15.41 0.47
N GLN G 304 -44.10 15.18 0.52
CA GLN G 304 -44.68 13.92 0.06
C GLN G 304 -45.42 14.10 -1.26
N ARG G 305 -45.58 15.35 -1.67
CA ARG G 305 -46.24 15.67 -2.94
C ARG G 305 -45.38 15.23 -4.10
N ILE G 306 -46.01 14.68 -5.14
CA ILE G 306 -45.27 14.20 -6.31
C ILE G 306 -44.57 15.38 -6.97
N ASP G 307 -43.42 15.12 -7.59
CA ASP G 307 -42.65 16.17 -8.26
C ASP G 307 -42.73 15.99 -9.77
N SER G 308 -42.36 17.04 -10.50
CA SER G 308 -42.50 17.08 -11.96
C SER G 308 -42.04 15.80 -12.65
N ASP G 309 -40.89 15.28 -12.23
CA ASP G 309 -40.30 14.12 -12.89
C ASP G 309 -41.10 12.85 -12.63
N ASP G 310 -41.50 12.63 -11.39
CA ASP G 310 -42.29 11.45 -11.04
C ASP G 310 -43.66 11.51 -11.72
N ALA G 311 -44.24 12.71 -11.76
CA ALA G 311 -45.54 12.92 -12.40
C ALA G 311 -45.48 12.56 -13.88
N LEU G 312 -44.39 12.96 -14.54
CA LEU G 312 -44.23 12.74 -15.97
C LEU G 312 -43.94 11.28 -16.31
N ASN G 313 -43.57 10.50 -15.29
CA ASN G 313 -43.36 9.06 -15.46
C ASN G 313 -44.58 8.26 -14.99
N HIS G 314 -45.59 8.96 -14.47
CA HIS G 314 -46.82 8.33 -14.00
C HIS G 314 -47.53 7.63 -15.16
N ASP G 315 -48.24 6.54 -14.84
CA ASP G 315 -48.83 5.67 -15.88
C ASP G 315 -49.86 6.40 -16.73
N PHE G 316 -50.47 7.43 -16.16
CA PHE G 316 -51.43 8.28 -16.86
C PHE G 316 -50.92 8.72 -18.24
N PHE G 317 -49.61 8.90 -18.34
CA PHE G 317 -49.00 9.40 -19.58
C PHE G 317 -48.46 8.29 -20.48
N TRP G 318 -48.49 7.05 -20.02
CA TRP G 318 -47.89 5.94 -20.77
C TRP G 318 -48.80 4.72 -20.89
N SER G 319 -50.07 4.92 -20.55
CA SER G 319 -51.10 3.90 -20.74
C SER G 319 -52.03 4.33 -21.87
N ASP G 320 -52.75 3.37 -22.44
CA ASP G 320 -53.71 3.69 -23.49
C ASP G 320 -54.91 4.43 -22.92
N PRO G 321 -55.43 5.43 -23.65
CA PRO G 321 -54.90 5.96 -24.92
C PRO G 321 -53.69 6.86 -24.71
N MET G 322 -52.67 6.71 -25.55
CA MET G 322 -51.50 7.58 -25.45
C MET G 322 -51.89 9.02 -25.77
N PRO G 323 -51.10 9.99 -25.30
CA PRO G 323 -51.40 11.40 -25.60
C PRO G 323 -51.32 11.69 -27.10
N SER G 324 -52.16 12.60 -27.58
CA SER G 324 -52.14 13.00 -28.99
C SER G 324 -52.13 14.51 -29.10
N ASP G 325 -51.77 15.01 -30.28
CA ASP G 325 -51.65 16.44 -30.50
C ASP G 325 -53.03 17.09 -30.45
N LEU G 326 -53.07 18.34 -30.02
CA LEU G 326 -54.34 19.04 -29.80
C LEU G 326 -54.89 19.56 -31.13
N LYS G 327 -53.98 19.96 -32.01
CA LYS G 327 -54.28 20.58 -33.31
C LYS G 327 -55.68 20.32 -33.86
N GLY G 328 -56.08 19.06 -33.82
CA GLY G 328 -57.42 18.67 -34.26
C GLY G 328 -58.53 19.43 -33.57
N MET G 329 -58.65 19.23 -32.25
CA MET G 329 -59.74 19.80 -31.48
C MET G 329 -59.77 21.33 -31.51
N LEU G 330 -58.60 21.96 -31.68
CA LEU G 330 -58.48 23.41 -31.53
C LEU G 330 -59.02 24.21 -32.73
N SER G 331 -59.04 23.58 -33.90
CA SER G 331 -59.42 24.27 -35.13
C SER G 331 -60.91 24.62 -35.21
N THR G 332 -61.64 24.36 -34.13
CA THR G 332 -63.07 24.69 -34.07
C THR G 332 -63.34 25.69 -32.93
N ASN H 7 -24.59 40.38 -32.40
CA ASN H 7 -23.66 41.31 -31.78
C ASN H 7 -24.29 41.97 -30.55
N ASN H 8 -24.81 41.15 -29.65
CA ASN H 8 -25.37 41.64 -28.40
C ASN H 8 -24.32 41.63 -27.30
N ASN H 9 -23.31 40.80 -27.46
CA ASN H 9 -22.16 40.80 -26.56
C ASN H 9 -21.42 42.14 -26.66
N LYS H 10 -20.95 42.44 -27.86
CA LYS H 10 -20.15 43.64 -28.12
C LYS H 10 -20.94 44.93 -27.96
N ARG H 11 -22.23 44.83 -27.64
CA ARG H 11 -23.05 46.01 -27.41
C ARG H 11 -22.52 46.84 -26.25
N TRP H 12 -22.43 46.23 -25.07
CA TRP H 12 -22.04 46.95 -23.86
C TRP H 12 -20.54 46.80 -23.57
N TYR H 13 -19.78 46.49 -24.61
CA TYR H 13 -18.32 46.50 -24.52
C TYR H 13 -17.77 47.36 -25.65
N PHE H 14 -16.82 48.22 -25.31
CA PHE H 14 -16.41 49.30 -26.20
C PHE H 14 -14.91 49.33 -26.45
N THR H 15 -14.52 49.92 -27.59
CA THR H 15 -13.12 50.14 -27.92
C THR H 15 -12.68 51.50 -27.39
N ARG H 16 -11.37 51.75 -27.36
CA ARG H 16 -10.86 53.04 -26.90
C ARG H 16 -11.33 54.13 -27.84
N GLU H 17 -11.51 53.78 -29.11
CA GLU H 17 -12.05 54.71 -30.09
C GLU H 17 -13.45 55.13 -29.67
N GLN H 18 -14.20 54.16 -29.17
CA GLN H 18 -15.56 54.38 -28.71
C GLN H 18 -15.60 55.13 -27.37
N LEU H 19 -14.71 54.77 -26.46
CA LEU H 19 -14.63 55.44 -25.15
C LEU H 19 -14.17 56.89 -25.27
N GLU H 20 -13.16 57.11 -26.10
CA GLU H 20 -12.62 58.45 -26.33
C GLU H 20 -13.69 59.35 -26.95
N ASN H 21 -14.54 58.76 -27.79
CA ASN H 21 -15.61 59.50 -28.44
C ASN H 21 -16.94 59.29 -27.72
N SER H 22 -16.97 59.63 -26.45
CA SER H 22 -18.16 59.45 -25.62
C SER H 22 -19.22 60.50 -25.91
N PRO H 23 -20.48 60.24 -25.51
CA PRO H 23 -21.53 61.25 -25.61
C PRO H 23 -21.20 62.53 -24.84
N SER H 24 -20.34 62.42 -23.83
CA SER H 24 -19.94 63.59 -23.05
C SER H 24 -18.86 64.37 -23.80
N ARG H 25 -18.02 63.65 -24.53
CA ARG H 25 -17.03 64.28 -25.39
C ARG H 25 -17.76 65.07 -26.47
N ARG H 26 -18.91 64.54 -26.90
CA ARG H 26 -19.74 65.18 -27.91
C ARG H 26 -20.17 66.58 -27.46
N PHE H 27 -20.29 66.77 -26.15
CA PHE H 27 -20.71 68.05 -25.58
C PHE H 27 -19.54 68.80 -24.97
N GLY H 28 -18.33 68.42 -25.34
CA GLY H 28 -17.12 69.08 -24.86
C GLY H 28 -16.87 68.86 -23.38
N VAL H 29 -16.52 67.62 -23.03
CA VAL H 29 -16.13 67.28 -21.67
C VAL H 29 -14.85 66.46 -21.75
N ASP H 30 -13.77 67.02 -21.19
CA ASP H 30 -12.45 66.40 -21.27
C ASP H 30 -12.45 64.95 -20.79
N PRO H 31 -11.68 64.07 -21.45
CA PRO H 31 -11.55 62.67 -21.04
C PRO H 31 -11.27 62.50 -19.55
N ASP H 32 -10.30 63.22 -19.03
CA ASP H 32 -9.95 63.16 -17.61
C ASP H 32 -11.12 63.62 -16.76
N LYS H 33 -11.89 64.56 -17.30
CA LYS H 33 -13.01 65.14 -16.55
C LYS H 33 -14.21 64.20 -16.55
N GLU H 34 -14.42 63.48 -17.65
CA GLU H 34 -15.50 62.51 -17.73
C GLU H 34 -15.22 61.35 -16.78
N LEU H 35 -14.00 60.85 -16.81
CA LEU H 35 -13.58 59.76 -15.93
C LEU H 35 -13.74 60.17 -14.48
N SER H 36 -13.49 61.46 -14.20
CA SER H 36 -13.66 61.99 -12.85
C SER H 36 -15.12 61.91 -12.41
N TYR H 37 -16.03 62.34 -13.29
CA TYR H 37 -17.46 62.29 -13.01
C TYR H 37 -17.93 60.87 -12.71
N ARG H 38 -17.35 59.89 -13.40
CA ARG H 38 -17.69 58.48 -13.18
C ARG H 38 -17.29 58.03 -11.78
N GLN H 39 -16.06 58.39 -11.39
CA GLN H 39 -15.53 58.03 -10.08
C GLN H 39 -16.38 58.60 -8.95
N GLN H 40 -16.84 59.83 -9.12
CA GLN H 40 -17.67 60.48 -8.12
C GLN H 40 -19.02 59.78 -7.99
N ALA H 41 -19.62 59.45 -9.14
CA ALA H 41 -20.88 58.73 -9.17
C ALA H 41 -20.74 57.40 -8.45
N ALA H 42 -19.63 56.71 -8.71
CA ALA H 42 -19.33 55.44 -8.05
C ALA H 42 -19.26 55.63 -6.54
N ASN H 43 -18.54 56.68 -6.12
CA ASN H 43 -18.40 56.98 -4.70
C ASN H 43 -19.76 57.26 -4.07
N LEU H 44 -20.59 58.02 -4.77
CA LEU H 44 -21.92 58.36 -4.29
C LEU H 44 -22.78 57.11 -4.18
N LEU H 45 -22.67 56.24 -5.19
CA LEU H 45 -23.38 54.97 -5.18
C LEU H 45 -22.95 54.12 -3.99
N GLN H 46 -21.65 54.06 -3.75
CA GLN H 46 -21.09 53.28 -2.66
C GLN H 46 -21.56 53.83 -1.31
N ASP H 47 -21.54 55.16 -1.19
CA ASP H 47 -21.93 55.82 0.05
C ASP H 47 -23.39 55.55 0.36
N MET H 48 -24.28 55.95 -0.55
CA MET H 48 -25.72 55.72 -0.38
C MET H 48 -26.00 54.26 -0.07
N GLY H 49 -25.36 53.37 -0.82
CA GLY H 49 -25.57 51.94 -0.66
C GLY H 49 -25.26 51.47 0.74
N GLN H 50 -24.19 51.99 1.33
CA GLN H 50 -23.79 51.59 2.67
C GLN H 50 -24.73 52.15 3.74
N ARG H 51 -25.32 53.31 3.46
CA ARG H 51 -26.29 53.90 4.39
C ARG H 51 -27.60 53.12 4.34
N LEU H 52 -28.00 52.74 3.13
CA LEU H 52 -29.19 51.90 2.95
C LEU H 52 -28.95 50.48 3.43
N ASN H 53 -27.68 50.09 3.52
CA ASN H 53 -27.29 48.74 3.94
C ASN H 53 -27.74 47.68 2.93
N VAL H 54 -27.44 47.90 1.65
CA VAL H 54 -27.64 46.90 0.62
C VAL H 54 -26.34 46.11 0.45
N SER H 55 -26.41 45.00 -0.25
CA SER H 55 -25.22 44.19 -0.51
C SER H 55 -24.24 44.95 -1.38
N GLN H 56 -22.97 44.58 -1.31
CA GLN H 56 -21.96 45.16 -2.18
C GLN H 56 -22.30 44.80 -3.63
N LEU H 57 -22.93 43.65 -3.80
CA LEU H 57 -23.40 43.21 -5.10
C LEU H 57 -24.33 44.24 -5.73
N THR H 58 -25.26 44.75 -4.93
CA THR H 58 -26.17 45.79 -5.38
C THR H 58 -25.41 47.04 -5.83
N ILE H 59 -24.48 47.48 -4.99
CA ILE H 59 -23.68 48.67 -5.29
C ILE H 59 -22.89 48.45 -6.58
N ASN H 60 -22.22 47.31 -6.68
CA ASN H 60 -21.43 46.99 -7.86
C ASN H 60 -22.28 46.99 -9.14
N THR H 61 -23.48 46.43 -9.03
CA THR H 61 -24.39 46.39 -10.18
C THR H 61 -24.82 47.80 -10.55
N ALA H 62 -25.16 48.60 -9.55
CA ALA H 62 -25.56 49.99 -9.77
C ALA H 62 -24.48 50.79 -10.47
N ILE H 63 -23.23 50.50 -10.13
CA ILE H 63 -22.09 51.20 -10.72
C ILE H 63 -21.95 50.86 -12.21
N VAL H 64 -22.22 49.60 -12.56
CA VAL H 64 -22.13 49.18 -13.95
C VAL H 64 -23.23 49.81 -14.80
N TYR H 65 -24.42 49.93 -14.22
CA TYR H 65 -25.51 50.64 -14.90
C TYR H 65 -25.05 52.04 -15.26
N MET H 66 -24.49 52.73 -14.27
CA MET H 66 -23.99 54.08 -14.43
C MET H 66 -22.93 54.16 -15.53
N HIS H 67 -21.95 53.27 -15.48
CA HIS H 67 -20.88 53.25 -16.48
C HIS H 67 -21.44 53.09 -17.89
N ARG H 68 -22.44 52.23 -18.01
CA ARG H 68 -23.04 51.94 -19.31
C ARG H 68 -24.01 53.04 -19.72
N PHE H 69 -24.69 53.61 -18.73
CA PHE H 69 -25.63 54.70 -18.96
C PHE H 69 -24.95 55.86 -19.70
N TYR H 70 -23.72 56.18 -19.30
CA TYR H 70 -23.03 57.34 -19.83
C TYR H 70 -22.22 57.03 -21.08
N MET H 71 -22.42 55.84 -21.63
CA MET H 71 -21.92 55.52 -22.96
C MET H 71 -23.00 55.79 -24.00
N ILE H 72 -24.17 56.21 -23.53
CA ILE H 72 -25.29 56.55 -24.39
C ILE H 72 -25.72 57.99 -24.10
N GLN H 73 -25.84 58.32 -22.81
CA GLN H 73 -26.23 59.65 -22.39
C GLN H 73 -24.98 60.46 -22.00
N SER H 74 -25.14 61.78 -21.92
CA SER H 74 -24.04 62.68 -21.59
C SER H 74 -24.22 63.28 -20.21
N PHE H 75 -23.11 63.55 -19.53
CA PHE H 75 -23.14 64.21 -18.22
C PHE H 75 -23.70 65.62 -18.33
N THR H 76 -23.61 66.20 -19.53
CA THR H 76 -24.23 67.49 -19.81
C THR H 76 -25.71 67.47 -19.45
N GLN H 77 -26.39 66.42 -19.90
CA GLN H 77 -27.84 66.31 -19.74
C GLN H 77 -28.25 65.68 -18.41
N PHE H 78 -27.48 64.69 -17.96
CA PHE H 78 -27.82 63.94 -16.75
C PHE H 78 -26.72 63.97 -15.69
N PRO H 79 -26.92 64.76 -14.62
CA PRO H 79 -25.93 64.84 -13.54
C PRO H 79 -25.73 63.51 -12.82
N GLY H 80 -24.51 63.23 -12.42
CA GLY H 80 -24.19 62.00 -11.70
C GLY H 80 -24.96 61.86 -10.41
N ASN H 81 -25.22 62.98 -9.75
CA ASN H 81 -25.92 62.96 -8.47
C ASN H 81 -27.43 62.74 -8.61
N SER H 82 -27.91 62.79 -9.85
CA SER H 82 -29.33 62.54 -10.13
C SER H 82 -29.51 61.09 -10.57
N VAL H 83 -28.58 60.61 -11.38
CA VAL H 83 -28.64 59.24 -11.89
C VAL H 83 -28.41 58.21 -10.79
N ALA H 84 -27.51 58.52 -9.86
CA ALA H 84 -27.04 57.53 -8.89
C ALA H 84 -28.18 56.97 -8.01
N PRO H 85 -29.03 57.85 -7.43
CA PRO H 85 -30.10 57.28 -6.60
C PRO H 85 -31.09 56.41 -7.39
N ALA H 86 -31.35 56.78 -8.64
CA ALA H 86 -32.24 55.99 -9.49
C ALA H 86 -31.58 54.66 -9.81
N ALA H 87 -30.30 54.71 -10.17
CA ALA H 87 -29.55 53.51 -10.51
C ALA H 87 -29.48 52.57 -9.31
N LEU H 88 -29.19 53.13 -8.13
CA LEU H 88 -29.10 52.33 -6.92
C LEU H 88 -30.47 51.77 -6.54
N PHE H 89 -31.49 52.61 -6.64
CA PHE H 89 -32.86 52.21 -6.37
C PHE H 89 -33.27 51.06 -7.27
N LEU H 90 -32.85 51.13 -8.54
CA LEU H 90 -33.15 50.09 -9.51
C LEU H 90 -32.37 48.82 -9.23
N ALA H 91 -31.06 48.97 -9.00
CA ALA H 91 -30.19 47.82 -8.75
C ALA H 91 -30.63 47.04 -7.52
N ALA H 92 -31.09 47.76 -6.51
CA ALA H 92 -31.54 47.14 -5.26
C ALA H 92 -32.63 46.10 -5.52
N LYS H 93 -33.51 46.41 -6.47
CA LYS H 93 -34.56 45.47 -6.86
C LYS H 93 -33.98 44.29 -7.63
N VAL H 94 -33.19 44.61 -8.65
CA VAL H 94 -32.60 43.59 -9.52
C VAL H 94 -31.80 42.57 -8.73
N GLU H 95 -31.03 43.04 -7.75
CA GLU H 95 -30.20 42.16 -6.94
C GLU H 95 -30.91 41.74 -5.65
N GLU H 96 -32.24 41.79 -5.70
CA GLU H 96 -33.11 41.18 -4.68
C GLU H 96 -32.85 41.66 -3.26
N GLN H 97 -32.58 42.95 -3.11
CA GLN H 97 -32.54 43.57 -1.79
C GLN H 97 -33.17 44.96 -1.89
N PRO H 98 -34.42 45.02 -2.35
CA PRO H 98 -35.09 46.29 -2.68
C PRO H 98 -35.23 47.20 -1.47
N LYS H 99 -35.14 48.51 -1.72
CA LYS H 99 -35.29 49.50 -0.67
C LYS H 99 -36.41 50.48 -1.00
N LYS H 100 -37.12 50.91 0.04
CA LYS H 100 -38.24 51.82 -0.11
C LYS H 100 -37.76 53.13 -0.74
N LEU H 101 -38.54 53.66 -1.67
CA LEU H 101 -38.19 54.91 -2.34
C LEU H 101 -37.97 56.02 -1.34
N GLU H 102 -38.81 56.07 -0.30
CA GLU H 102 -38.63 57.02 0.79
C GLU H 102 -37.25 56.90 1.39
N HIS H 103 -36.84 55.66 1.67
CA HIS H 103 -35.57 55.40 2.31
C HIS H 103 -34.42 55.86 1.42
N VAL H 104 -34.55 55.62 0.11
CA VAL H 104 -33.51 56.00 -0.85
C VAL H 104 -33.40 57.51 -0.95
N ILE H 105 -34.53 58.19 -1.06
CA ILE H 105 -34.54 59.65 -1.17
C ILE H 105 -33.98 60.28 0.11
N LYS H 106 -34.29 59.67 1.25
CA LYS H 106 -33.74 60.09 2.53
C LYS H 106 -32.22 60.02 2.51
N VAL H 107 -31.70 58.84 2.19
CA VAL H 107 -30.26 58.61 2.15
C VAL H 107 -29.60 59.52 1.12
N ALA H 108 -30.26 59.71 -0.02
CA ALA H 108 -29.72 60.55 -1.08
C ALA H 108 -29.60 61.99 -0.60
N HIS H 109 -30.63 62.46 0.12
CA HIS H 109 -30.62 63.81 0.66
C HIS H 109 -29.51 64.02 1.67
N THR H 110 -29.43 63.11 2.63
CA THR H 110 -28.37 63.14 3.65
C THR H 110 -26.99 63.29 3.02
N CYS H 111 -26.77 62.56 1.93
CA CYS H 111 -25.47 62.55 1.27
C CYS H 111 -25.21 63.84 0.49
N LEU H 112 -26.23 64.34 -0.21
CA LEU H 112 -26.07 65.47 -1.12
C LEU H 112 -26.42 66.81 -0.46
N HIS H 113 -27.17 66.75 0.63
CA HIS H 113 -27.57 67.96 1.36
C HIS H 113 -27.50 67.70 2.85
N PRO H 114 -26.27 67.60 3.40
CA PRO H 114 -26.08 67.35 4.83
C PRO H 114 -26.52 68.53 5.69
N GLN H 115 -26.67 69.69 5.06
CA GLN H 115 -26.98 70.92 5.77
C GLN H 115 -28.48 71.02 6.07
N GLU H 116 -29.30 70.90 5.03
CA GLU H 116 -30.75 71.00 5.18
C GLU H 116 -31.29 69.92 6.11
N SER H 117 -32.45 70.19 6.71
CA SER H 117 -33.16 69.18 7.47
C SER H 117 -33.97 68.41 6.44
N LEU H 118 -34.17 67.12 6.67
CA LEU H 118 -34.87 66.29 5.71
C LEU H 118 -36.28 66.85 5.46
N PRO H 119 -36.56 67.28 4.22
CA PRO H 119 -37.84 67.93 3.90
C PRO H 119 -39.06 67.12 4.31
N ASP H 120 -40.17 67.83 4.55
CA ASP H 120 -41.40 67.19 5.00
C ASP H 120 -41.89 66.14 4.00
N THR H 121 -42.40 65.04 4.52
CA THR H 121 -42.83 63.92 3.70
C THR H 121 -44.03 64.25 2.82
N ARG H 122 -44.63 65.41 3.06
CA ARG H 122 -45.81 65.86 2.32
C ARG H 122 -45.50 67.05 1.40
N SER H 123 -44.37 67.71 1.64
CA SER H 123 -44.02 68.93 0.93
C SER H 123 -44.02 68.77 -0.59
N GLU H 124 -44.40 69.84 -1.28
CA GLU H 124 -44.47 69.87 -2.74
C GLU H 124 -43.09 69.59 -3.33
N ALA H 125 -42.05 70.06 -2.66
CA ALA H 125 -40.68 69.88 -3.14
C ALA H 125 -40.26 68.42 -3.04
N TYR H 126 -40.74 67.73 -2.00
CA TYR H 126 -40.43 66.31 -1.81
C TYR H 126 -41.12 65.44 -2.84
N LEU H 127 -42.41 65.70 -3.06
CA LEU H 127 -43.18 64.91 -4.01
C LEU H 127 -42.64 65.12 -5.43
N GLN H 128 -41.96 66.24 -5.63
CA GLN H 128 -41.31 66.51 -6.91
C GLN H 128 -40.03 65.70 -7.05
N GLN H 129 -39.28 65.60 -5.95
CA GLN H 129 -38.07 64.79 -5.91
C GLN H 129 -38.39 63.34 -6.22
N VAL H 130 -39.51 62.86 -5.69
CA VAL H 130 -39.97 61.50 -5.93
C VAL H 130 -40.21 61.26 -7.42
N GLN H 131 -40.98 62.15 -8.03
CA GLN H 131 -41.33 62.01 -9.44
C GLN H 131 -40.08 62.01 -10.33
N ASP H 132 -39.12 62.86 -9.98
CA ASP H 132 -37.88 62.97 -10.76
C ASP H 132 -37.09 61.67 -10.71
N LEU H 133 -36.98 61.11 -9.53
CA LEU H 133 -36.23 59.87 -9.32
C LEU H 133 -36.86 58.72 -10.11
N VAL H 134 -38.18 58.56 -9.97
CA VAL H 134 -38.90 57.47 -10.64
C VAL H 134 -38.85 57.58 -12.16
N ILE H 135 -38.90 58.81 -12.68
CA ILE H 135 -38.76 59.01 -14.12
C ILE H 135 -37.39 58.54 -14.58
N LEU H 136 -36.36 59.09 -13.94
CA LEU H 136 -34.98 58.79 -14.29
C LEU H 136 -34.71 57.27 -14.30
N GLU H 137 -35.29 56.55 -13.34
CA GLU H 137 -35.21 55.10 -13.31
C GLU H 137 -35.71 54.53 -14.64
N SER H 138 -36.84 55.05 -15.10
CA SER H 138 -37.44 54.61 -16.35
C SER H 138 -36.53 54.97 -17.52
N ILE H 139 -35.82 56.08 -17.40
CA ILE H 139 -34.90 56.51 -18.46
C ILE H 139 -33.68 55.59 -18.48
N ILE H 140 -33.17 55.26 -17.29
CA ILE H 140 -32.05 54.33 -17.18
C ILE H 140 -32.42 52.99 -17.81
N LEU H 141 -33.63 52.52 -17.51
CA LEU H 141 -34.10 51.24 -18.03
C LEU H 141 -34.15 51.24 -19.55
N GLN H 142 -34.69 52.31 -20.11
CA GLN H 142 -34.84 52.41 -21.56
C GLN H 142 -33.48 52.58 -22.22
N THR H 143 -32.60 53.34 -21.56
CA THR H 143 -31.26 53.56 -22.06
C THR H 143 -30.47 52.26 -22.15
N LEU H 144 -30.65 51.39 -21.15
CA LEU H 144 -29.91 50.13 -21.09
C LEU H 144 -30.57 49.01 -21.91
N GLY H 145 -31.74 49.28 -22.47
CA GLY H 145 -32.46 48.27 -23.23
C GLY H 145 -32.90 47.12 -22.34
N PHE H 146 -33.14 47.44 -21.08
CA PHE H 146 -33.61 46.47 -20.09
C PHE H 146 -32.67 45.27 -19.94
N GLU H 147 -31.40 45.46 -20.27
CA GLU H 147 -30.38 44.46 -19.97
C GLU H 147 -29.80 44.77 -18.59
N LEU H 148 -30.39 44.16 -17.55
CA LEU H 148 -30.09 44.55 -16.18
C LEU H 148 -29.31 43.47 -15.43
N THR H 149 -29.09 42.32 -16.06
CA THR H 149 -28.39 41.22 -15.40
C THR H 149 -26.88 41.44 -15.58
N ILE H 150 -26.18 41.76 -14.50
CA ILE H 150 -24.75 42.08 -14.55
C ILE H 150 -23.86 41.04 -13.88
N ASP H 151 -22.79 40.64 -14.57
CA ASP H 151 -21.78 39.74 -14.02
C ASP H 151 -20.55 40.54 -13.59
N HIS H 152 -20.04 40.28 -12.39
CA HIS H 152 -18.96 41.09 -11.83
C HIS H 152 -17.65 40.31 -11.67
N PRO H 153 -16.51 41.04 -11.62
CA PRO H 153 -15.21 40.39 -11.42
C PRO H 153 -15.13 39.68 -10.07
N HIS H 154 -15.92 40.16 -9.11
CA HIS H 154 -15.88 39.66 -7.74
C HIS H 154 -16.22 38.18 -7.72
N THR H 155 -17.19 37.80 -8.55
CA THR H 155 -17.59 36.41 -8.67
C THR H 155 -16.38 35.53 -9.02
N HIS H 156 -15.66 35.93 -10.05
CA HIS H 156 -14.54 35.15 -10.55
C HIS H 156 -13.31 35.27 -9.66
N VAL H 157 -13.14 36.43 -9.02
CA VAL H 157 -12.03 36.63 -8.10
C VAL H 157 -12.11 35.64 -6.94
N VAL H 158 -13.28 35.58 -6.29
CA VAL H 158 -13.42 34.73 -5.13
C VAL H 158 -13.29 33.27 -5.53
N LYS H 159 -13.95 32.86 -6.61
CA LYS H 159 -13.86 31.48 -7.08
C LYS H 159 -12.40 31.07 -7.27
N CYS H 160 -11.62 31.98 -7.84
CA CYS H 160 -10.23 31.69 -8.14
C CYS H 160 -9.38 31.61 -6.86
N THR H 161 -9.63 32.52 -5.93
CA THR H 161 -8.84 32.54 -4.69
C THR H 161 -9.07 31.28 -3.87
N GLN H 162 -10.28 30.71 -3.95
CA GLN H 162 -10.56 29.46 -3.27
C GLN H 162 -9.75 28.35 -3.92
N LEU H 163 -9.75 28.34 -5.25
CA LEU H 163 -9.06 27.31 -6.01
C LEU H 163 -7.56 27.32 -5.77
N VAL H 164 -6.94 28.49 -5.81
CA VAL H 164 -5.49 28.58 -5.67
C VAL H 164 -5.07 28.63 -4.21
N ARG H 165 -6.04 28.50 -3.31
CA ARG H 165 -5.78 28.38 -1.88
C ARG H 165 -5.07 29.61 -1.32
N ALA H 166 -5.59 30.79 -1.65
CA ALA H 166 -5.01 32.04 -1.17
C ALA H 166 -5.31 32.26 0.31
N SER H 167 -4.48 33.08 0.95
CA SER H 167 -4.68 33.45 2.35
C SER H 167 -5.84 34.42 2.47
N LYS H 168 -6.30 34.65 3.70
CA LYS H 168 -7.40 35.56 3.95
C LYS H 168 -7.05 36.96 3.44
N ASP H 169 -5.81 37.38 3.66
CA ASP H 169 -5.39 38.71 3.23
C ASP H 169 -5.35 38.79 1.71
N LEU H 170 -4.87 37.74 1.06
CA LEU H 170 -4.77 37.73 -0.39
C LEU H 170 -6.15 37.67 -1.03
N ALA H 171 -7.05 36.90 -0.42
CA ALA H 171 -8.43 36.86 -0.87
C ALA H 171 -9.08 38.22 -0.67
N GLN H 172 -8.91 38.77 0.53
CA GLN H 172 -9.43 40.11 0.85
C GLN H 172 -8.92 41.17 -0.11
N THR H 173 -7.62 41.20 -0.34
CA THR H 173 -7.01 42.24 -1.16
C THR H 173 -7.50 42.15 -2.61
N SER H 174 -7.56 40.94 -3.14
CA SER H 174 -8.02 40.73 -4.51
C SER H 174 -9.45 41.23 -4.68
N TYR H 175 -10.32 40.87 -3.74
CA TYR H 175 -11.70 41.34 -3.72
C TYR H 175 -11.73 42.86 -3.61
N PHE H 176 -10.86 43.40 -2.76
CA PHE H 176 -10.76 44.84 -2.56
C PHE H 176 -10.41 45.55 -3.87
N MET H 177 -9.44 44.99 -4.60
CA MET H 177 -9.02 45.57 -5.86
C MET H 177 -10.12 45.48 -6.91
N ALA H 178 -10.98 44.47 -6.79
CA ALA H 178 -12.10 44.29 -7.71
C ALA H 178 -13.08 45.45 -7.56
N THR H 179 -13.39 45.80 -6.32
CA THR H 179 -14.25 46.93 -6.04
C THR H 179 -13.65 48.21 -6.62
N ASN H 180 -12.34 48.38 -6.41
CA ASN H 180 -11.62 49.55 -6.90
C ASN H 180 -11.66 49.67 -8.42
N SER H 181 -11.67 48.53 -9.11
CA SER H 181 -11.70 48.52 -10.57
C SER H 181 -12.99 49.16 -11.09
N LEU H 182 -14.09 48.91 -10.39
CA LEU H 182 -15.37 49.48 -10.78
C LEU H 182 -15.41 50.96 -10.44
N HIS H 183 -14.84 51.33 -9.29
CA HIS H 183 -14.84 52.72 -8.84
C HIS H 183 -13.95 53.62 -9.70
N LEU H 184 -12.73 53.16 -9.98
CA LEU H 184 -11.69 54.04 -10.50
C LEU H 184 -11.43 53.90 -12.00
N THR H 185 -11.92 52.81 -12.61
CA THR H 185 -11.62 52.53 -14.01
C THR H 185 -12.89 52.25 -14.81
N THR H 186 -12.72 52.11 -16.13
CA THR H 186 -13.82 51.73 -17.03
C THR H 186 -13.58 50.35 -17.63
N PHE H 187 -12.93 49.48 -16.87
CA PHE H 187 -12.65 48.12 -17.32
C PHE H 187 -13.96 47.36 -17.56
N SER H 188 -14.98 47.69 -16.78
CA SER H 188 -16.29 47.05 -16.93
C SER H 188 -16.88 47.28 -18.32
N LEU H 189 -16.37 48.27 -19.04
CA LEU H 189 -16.84 48.58 -20.38
C LEU H 189 -15.87 48.11 -21.46
N GLN H 190 -14.74 47.55 -21.06
CA GLN H 190 -13.66 47.18 -21.99
C GLN H 190 -13.36 45.69 -21.99
N TYR H 191 -13.24 45.11 -20.79
CA TYR H 191 -12.84 43.72 -20.65
C TYR H 191 -13.87 42.96 -19.84
N THR H 192 -14.02 41.67 -20.14
CA THR H 192 -15.02 40.84 -19.49
C THR H 192 -14.68 40.64 -18.01
N PRO H 193 -15.70 40.39 -17.18
CA PRO H 193 -15.48 40.25 -15.73
C PRO H 193 -14.39 39.25 -15.35
N PRO H 194 -14.31 38.10 -16.06
CA PRO H 194 -13.22 37.16 -15.75
C PRO H 194 -11.84 37.76 -15.98
N VAL H 195 -11.68 38.51 -17.08
CA VAL H 195 -10.39 39.12 -17.38
C VAL H 195 -10.03 40.15 -16.33
N VAL H 196 -11.00 40.98 -15.94
CA VAL H 196 -10.75 41.99 -14.92
C VAL H 196 -10.40 41.32 -13.60
N ALA H 197 -11.06 40.19 -13.32
CA ALA H 197 -10.80 39.44 -12.10
C ALA H 197 -9.34 38.99 -12.03
N CYS H 198 -8.79 38.57 -13.18
CA CYS H 198 -7.39 38.14 -13.23
C CYS H 198 -6.47 39.32 -12.96
N VAL H 199 -6.76 40.47 -13.58
CA VAL H 199 -5.99 41.68 -13.35
C VAL H 199 -5.92 42.02 -11.86
N CYS H 200 -7.04 41.86 -11.16
CA CYS H 200 -7.11 42.18 -9.74
C CYS H 200 -6.21 41.26 -8.92
N ILE H 201 -6.34 39.96 -9.15
CA ILE H 201 -5.50 38.97 -8.47
C ILE H 201 -4.03 39.19 -8.82
N HIS H 202 -3.75 39.44 -10.10
CA HIS H 202 -2.40 39.67 -10.57
C HIS H 202 -1.80 40.86 -9.83
N LEU H 203 -2.59 41.92 -9.71
CA LEU H 203 -2.15 43.13 -9.03
C LEU H 203 -1.96 42.88 -7.53
N ALA H 204 -2.89 42.14 -6.93
CA ALA H 204 -2.81 41.85 -5.50
C ALA H 204 -1.55 41.02 -5.19
N CYS H 205 -1.16 40.17 -6.11
CA CYS H 205 0.01 39.32 -5.92
C CYS H 205 1.31 40.13 -6.01
N LYS H 206 1.41 40.98 -7.02
CA LYS H 206 2.61 41.79 -7.22
C LYS H 206 2.84 42.73 -6.04
N TRP H 207 1.75 43.20 -5.44
CA TRP H 207 1.84 44.08 -4.28
C TRP H 207 2.31 43.31 -3.05
N SER H 208 1.68 42.16 -2.82
CA SER H 208 1.91 41.38 -1.61
C SER H 208 3.14 40.48 -1.69
N ASN H 209 3.67 40.32 -2.89
CA ASN H 209 4.77 39.37 -3.17
C ASN H 209 4.36 37.92 -2.94
N TRP H 210 3.07 37.68 -2.78
CA TRP H 210 2.53 36.32 -2.85
C TRP H 210 2.73 35.80 -4.27
N GLU H 211 3.08 34.53 -4.40
CA GLU H 211 3.22 33.92 -5.71
C GLU H 211 2.35 32.67 -5.82
N ILE H 212 1.53 32.64 -6.88
CA ILE H 212 0.67 31.51 -7.14
C ILE H 212 1.39 30.57 -8.11
N PRO H 213 1.66 29.33 -7.68
CA PRO H 213 2.45 28.46 -8.56
C PRO H 213 1.66 27.98 -9.77
N VAL H 214 2.27 27.07 -10.53
CA VAL H 214 1.59 26.41 -11.61
C VAL H 214 0.85 25.20 -11.03
N SER H 215 -0.27 24.85 -11.65
CA SER H 215 -1.12 23.75 -11.16
C SER H 215 -0.44 22.40 -11.32
N THR H 216 -1.06 21.38 -10.75
CA THR H 216 -0.55 20.01 -10.86
C THR H 216 -0.54 19.53 -12.32
N ASP H 217 -1.29 20.22 -13.18
CA ASP H 217 -1.39 19.89 -14.59
C ASP H 217 -0.64 20.88 -15.46
N GLY H 218 0.23 21.68 -14.85
CA GLY H 218 1.16 22.51 -15.59
C GLY H 218 0.59 23.78 -16.20
N LYS H 219 -0.55 24.23 -15.68
CA LYS H 219 -1.22 25.41 -16.23
C LYS H 219 -1.26 26.58 -15.24
N HIS H 220 -1.04 27.80 -15.76
CA HIS H 220 -1.10 29.01 -14.94
C HIS H 220 -2.48 29.18 -14.32
N TRP H 221 -2.55 29.93 -13.23
CA TRP H 221 -3.80 30.08 -12.49
C TRP H 221 -4.89 30.79 -13.30
N TRP H 222 -4.49 31.79 -14.09
CA TRP H 222 -5.48 32.56 -14.85
C TRP H 222 -6.12 31.70 -15.95
N GLU H 223 -5.45 30.62 -16.35
CA GLU H 223 -6.00 29.73 -17.36
C GLU H 223 -7.27 29.04 -16.85
N TYR H 224 -7.43 28.99 -15.53
CA TYR H 224 -8.62 28.41 -14.92
C TYR H 224 -9.70 29.44 -14.69
N VAL H 225 -9.47 30.66 -15.18
CA VAL H 225 -10.42 31.77 -14.98
C VAL H 225 -10.92 32.26 -16.34
N ASP H 226 -10.02 32.36 -17.31
CA ASP H 226 -10.38 32.79 -18.65
C ASP H 226 -9.34 32.31 -19.66
N ALA H 227 -9.82 31.73 -20.77
CA ALA H 227 -8.94 31.07 -21.73
C ALA H 227 -8.26 32.04 -22.71
N THR H 228 -8.65 33.31 -22.67
CA THR H 228 -8.09 34.31 -23.58
C THR H 228 -6.99 35.13 -22.90
N VAL H 229 -6.87 34.96 -21.58
CA VAL H 229 -5.91 35.72 -20.79
C VAL H 229 -4.49 35.22 -20.97
N THR H 230 -3.55 36.15 -21.04
CA THR H 230 -2.12 35.82 -21.11
C THR H 230 -1.34 36.79 -20.22
N LEU H 231 -0.15 36.37 -19.80
CA LEU H 231 0.66 37.18 -18.89
C LEU H 231 0.95 38.55 -19.47
N GLU H 232 1.09 38.63 -20.79
CA GLU H 232 1.37 39.89 -21.46
C GLU H 232 0.21 40.86 -21.23
N LEU H 233 -1.01 40.34 -21.32
CA LEU H 233 -2.21 41.15 -21.14
C LEU H 233 -2.34 41.60 -19.69
N LEU H 234 -2.08 40.70 -18.75
CA LEU H 234 -2.22 41.01 -17.34
C LEU H 234 -1.26 42.12 -16.92
N ASP H 235 0.01 41.97 -17.29
CA ASP H 235 1.01 43.00 -17.03
C ASP H 235 0.56 44.32 -17.64
N GLU H 236 0.06 44.26 -18.87
CA GLU H 236 -0.33 45.44 -19.62
C GLU H 236 -1.51 46.19 -18.98
N LEU H 237 -2.43 45.44 -18.37
CA LEU H 237 -3.60 46.04 -17.75
C LEU H 237 -3.32 46.50 -16.33
N THR H 238 -2.49 45.77 -15.61
CA THR H 238 -2.05 46.17 -14.29
C THR H 238 -1.30 47.48 -14.41
N HIS H 239 -0.56 47.60 -15.51
CA HIS H 239 0.14 48.83 -15.84
C HIS H 239 -0.88 49.96 -15.96
N GLU H 240 -1.91 49.73 -16.77
CA GLU H 240 -2.97 50.73 -16.99
C GLU H 240 -3.74 51.04 -15.71
N PHE H 241 -3.92 50.04 -14.86
CA PHE H 241 -4.68 50.20 -13.63
C PHE H 241 -3.93 51.16 -12.71
N LEU H 242 -2.63 50.91 -12.56
CA LEU H 242 -1.78 51.75 -11.72
C LEU H 242 -1.68 53.16 -12.26
N GLN H 243 -1.57 53.27 -13.58
CA GLN H 243 -1.43 54.57 -14.23
C GLN H 243 -2.67 55.40 -13.96
N ILE H 244 -3.83 54.73 -13.94
CA ILE H 244 -5.09 55.37 -13.58
C ILE H 244 -5.11 55.73 -12.08
N LEU H 245 -4.46 54.89 -11.28
CA LEU H 245 -4.41 55.11 -9.83
C LEU H 245 -3.60 56.35 -9.48
N GLU H 246 -2.54 56.60 -10.25
CA GLU H 246 -1.69 57.77 -10.03
C GLU H 246 -2.47 59.06 -10.20
N LYS H 247 -3.41 59.07 -11.14
CA LYS H 247 -4.13 60.30 -11.47
C LYS H 247 -5.19 60.70 -10.44
N THR H 248 -5.43 59.87 -9.43
CA THR H 248 -6.39 60.25 -8.40
C THR H 248 -5.85 61.46 -7.65
N PRO H 249 -6.74 62.29 -7.08
CA PRO H 249 -6.21 63.35 -6.23
C PRO H 249 -5.62 62.74 -4.97
N ASN H 250 -4.89 63.51 -4.17
CA ASN H 250 -4.20 62.95 -3.02
C ASN H 250 -3.35 61.76 -3.44
N ARG H 251 -2.81 61.84 -4.66
CA ARG H 251 -2.18 60.70 -5.34
C ARG H 251 -1.14 59.95 -4.50
N LEU H 252 -1.59 58.83 -3.93
CA LEU H 252 -0.70 57.89 -3.23
C LEU H 252 -0.11 58.40 -1.91
N LYS H 253 -0.20 59.70 -1.65
CA LYS H 253 0.39 60.28 -0.45
C LYS H 253 -0.17 59.71 0.85
N ARG H 254 0.69 59.61 1.85
CA ARG H 254 0.32 59.03 3.13
C ARG H 254 -0.40 60.06 3.99
N ILE H 255 -1.72 60.12 3.86
CA ILE H 255 -2.52 61.14 4.53
C ILE H 255 -2.86 60.71 5.96
N TRP H 256 -2.35 59.55 6.38
CA TRP H 256 -2.61 59.08 7.74
C TRP H 256 -1.78 59.86 8.76
N ASN H 257 -2.45 60.37 9.79
CA ASN H 257 -1.84 61.31 10.73
C ASN H 257 -1.02 60.65 11.84
N TRP H 258 -1.03 59.31 11.87
CA TRP H 258 -0.36 58.53 12.92
C TRP H 258 -0.80 58.93 14.34
N ARG H 259 -2.06 59.31 14.50
CA ARG H 259 -2.60 59.67 15.82
C ARG H 259 -3.70 58.72 16.26
N ALA H 260 -4.23 58.95 17.46
CA ALA H 260 -5.34 58.17 17.99
C ALA H 260 -6.66 58.69 17.41
N CYS H 261 -7.77 58.14 17.89
CA CYS H 261 -9.09 58.55 17.44
C CYS H 261 -9.60 59.74 18.24
N GLU I 6 -40.35 0.21 -28.82
CA GLU I 6 -41.78 0.13 -29.07
C GLU I 6 -42.58 -0.05 -27.78
N ASP I 7 -41.95 -0.64 -26.77
CA ASP I 7 -42.61 -0.89 -25.49
C ASP I 7 -42.73 0.39 -24.68
N ARG I 8 -43.71 0.46 -23.79
CA ARG I 8 -43.97 1.66 -23.01
C ARG I 8 -42.76 2.05 -22.17
N ASN I 9 -42.21 1.07 -21.46
CA ASN I 9 -41.05 1.29 -20.61
C ASN I 9 -39.91 1.98 -21.35
N VAL I 10 -39.67 1.53 -22.57
CA VAL I 10 -38.60 2.09 -23.40
C VAL I 10 -38.97 3.49 -23.89
N LEU I 11 -40.17 3.62 -24.44
CA LEU I 11 -40.64 4.91 -24.94
C LEU I 11 -40.69 5.94 -23.80
N ARG I 12 -40.84 5.45 -22.56
CA ARG I 12 -40.92 6.32 -21.41
C ARG I 12 -39.56 6.86 -20.97
N MET I 13 -38.55 5.98 -20.92
CA MET I 13 -37.22 6.43 -20.51
C MET I 13 -36.61 7.31 -21.58
N LYS I 14 -36.81 6.94 -22.83
CA LYS I 14 -36.32 7.74 -23.94
C LYS I 14 -36.81 9.17 -23.80
N GLU I 15 -38.00 9.32 -23.21
CA GLU I 15 -38.59 10.64 -22.97
C GLU I 15 -38.06 11.23 -21.67
N ARG I 16 -37.76 10.38 -20.69
CA ARG I 16 -37.19 10.84 -19.43
C ARG I 16 -35.85 11.51 -19.67
N GLU I 17 -35.07 10.95 -20.59
CA GLU I 17 -33.74 11.46 -20.87
C GLU I 17 -33.79 12.71 -21.72
N ARG I 18 -34.72 12.74 -22.67
CA ARG I 18 -34.93 13.91 -23.52
C ARG I 18 -35.18 15.12 -22.62
N ARG I 19 -36.04 14.90 -21.63
CA ARG I 19 -36.26 15.85 -20.53
C ARG I 19 -34.96 16.33 -19.90
N ASN I 20 -34.13 15.37 -19.49
CA ASN I 20 -32.96 15.66 -18.66
C ASN I 20 -31.84 16.33 -19.46
N GLN I 21 -31.61 15.87 -20.68
CA GLN I 21 -30.55 16.42 -21.52
C GLN I 21 -30.94 17.80 -22.07
N GLU I 22 -32.07 18.32 -21.63
CA GLU I 22 -32.50 19.67 -21.96
C GLU I 22 -32.06 20.64 -20.88
N ILE I 23 -31.30 20.14 -19.90
CA ILE I 23 -30.85 20.94 -18.77
C ILE I 23 -29.37 20.69 -18.50
N LEU I 36 -5.42 20.87 -6.91
CA LEU I 36 -4.90 21.28 -8.20
C LEU I 36 -3.76 22.29 -8.05
N PHE I 37 -3.77 23.05 -6.95
CA PHE I 37 -2.79 24.10 -6.71
C PHE I 37 -2.08 23.95 -5.37
N ALA I 38 -0.78 24.22 -5.36
CA ALA I 38 -0.03 24.28 -4.12
C ALA I 38 -0.35 25.56 -3.38
N GLU I 39 -0.02 25.59 -2.08
CA GLU I 39 -0.29 26.75 -1.25
C GLU I 39 0.65 27.92 -1.62
N PRO I 40 0.08 29.11 -1.92
CA PRO I 40 0.94 30.21 -2.41
C PRO I 40 2.02 30.64 -1.41
N TYR I 41 3.18 31.06 -1.93
CA TYR I 41 4.34 31.37 -1.11
C TYR I 41 4.92 32.75 -1.44
N LYS I 42 5.64 33.33 -0.46
CA LYS I 42 6.29 34.62 -0.66
C LYS I 42 7.47 34.51 -1.61
N VAL I 43 7.75 35.61 -2.31
CA VAL I 43 8.89 35.68 -3.23
C VAL I 43 9.65 36.99 -3.06
N THR I 44 10.87 36.89 -2.56
CA THR I 44 11.71 38.04 -2.30
C THR I 44 12.34 38.56 -3.59
N SER I 45 12.92 37.64 -4.36
CA SER I 45 13.52 37.97 -5.64
C SER I 45 13.41 36.75 -6.56
N LYS I 46 13.43 36.94 -7.88
CA LYS I 46 13.64 38.23 -8.52
C LYS I 46 12.45 39.17 -8.43
N GLU I 47 12.72 40.46 -8.54
CA GLU I 47 11.68 41.49 -8.58
C GLU I 47 11.50 41.97 -10.01
N ASP I 48 10.25 42.24 -10.39
CA ASP I 48 9.93 42.77 -11.71
C ASP I 48 9.49 44.22 -11.59
N LYS I 49 9.51 44.93 -12.72
CA LYS I 49 9.20 46.35 -12.75
C LYS I 49 7.79 46.63 -12.25
N LEU I 50 6.88 45.71 -12.55
CA LEU I 50 5.48 45.86 -12.15
C LEU I 50 5.35 45.94 -10.64
N SER I 51 5.88 44.93 -9.95
CA SER I 51 5.86 44.90 -8.49
C SER I 51 6.53 46.15 -7.94
N SER I 52 7.78 46.37 -8.34
CA SER I 52 8.57 47.52 -7.90
C SER I 52 7.79 48.81 -7.99
N ARG I 53 7.15 49.04 -9.14
CA ARG I 53 6.30 50.19 -9.33
C ARG I 53 5.21 50.23 -8.26
N ILE I 54 4.35 49.21 -8.27
CA ILE I 54 3.24 49.08 -7.31
C ILE I 54 3.68 49.40 -5.89
N GLN I 55 4.75 48.75 -5.45
CA GLN I 55 5.23 48.91 -4.08
C GLN I 55 5.69 50.34 -3.87
N SER I 56 6.24 50.94 -4.91
CA SER I 56 6.71 52.32 -4.85
C SER I 56 5.54 53.29 -4.71
N MET I 57 4.37 52.91 -5.21
CA MET I 57 3.22 53.82 -5.20
C MET I 57 2.28 53.50 -4.04
N LEU I 58 1.99 52.20 -3.85
CA LEU I 58 1.05 51.81 -2.81
C LEU I 58 1.77 51.56 -1.47
N GLY I 59 3.08 51.40 -1.53
CA GLY I 59 3.88 51.23 -0.33
C GLY I 59 4.14 49.77 0.03
N ASN I 60 4.23 49.51 1.32
CA ASN I 60 4.52 48.18 1.84
C ASN I 60 3.22 47.45 2.18
N TYR I 61 3.01 46.32 1.54
CA TYR I 61 1.74 45.60 1.65
C TYR I 61 1.38 45.16 3.06
N ASP I 62 2.34 44.61 3.79
CA ASP I 62 2.06 44.02 5.09
C ASP I 62 1.61 45.06 6.12
N GLU I 63 2.00 46.31 5.89
CA GLU I 63 1.59 47.41 6.74
C GLU I 63 0.10 47.72 6.58
N MET I 64 -0.49 47.23 5.49
CA MET I 64 -1.86 47.59 5.11
C MET I 64 -2.85 46.43 5.23
N LYS I 65 -2.35 45.21 5.05
CA LYS I 65 -3.21 44.04 4.86
C LYS I 65 -4.27 43.85 5.94
N ASP I 66 -3.96 44.25 7.17
CA ASP I 66 -4.88 44.06 8.30
C ASP I 66 -5.91 45.18 8.42
N PHE I 67 -5.90 46.10 7.46
CA PHE I 67 -6.87 47.18 7.41
C PHE I 67 -7.86 46.92 6.28
N ILE I 68 -7.41 46.14 5.30
CA ILE I 68 -8.28 45.66 4.23
C ILE I 68 -8.95 44.36 4.69
N GLY I 69 -10.24 44.45 5.04
CA GLY I 69 -11.01 43.28 5.43
C GLY I 69 -11.41 43.27 6.90
N ASP I 70 -11.64 42.08 7.43
CA ASP I 70 -12.07 41.88 8.81
C ASP I 70 -11.06 41.06 9.60
N ARG I 71 -11.14 41.11 10.93
CA ARG I 71 -10.19 40.42 11.79
C ARG I 71 -10.65 38.99 12.06
C ACE J 1 -28.83 -19.42 -3.70
O ACE J 1 -28.69 -18.95 -4.83
CH3 ACE J 1 -27.63 -19.87 -2.88
H1 ACE J 1 -27.65 -19.37 -1.92
H2 ACE J 1 -27.68 -20.96 -2.74
H3 ACE J 1 -26.72 -19.62 -3.41
N MET J 2 -29.95 -19.33 -3.00
CA MET J 2 -31.22 -18.96 -3.59
C MET J 2 -31.46 -17.45 -3.53
N GLU J 3 -31.19 -16.87 -2.37
CA GLU J 3 -31.50 -15.46 -2.13
C GLU J 3 -30.27 -14.58 -2.38
N PRO J 4 -30.42 -13.52 -3.19
CA PRO J 4 -29.27 -12.63 -3.47
C PRO J 4 -28.66 -11.98 -2.22
N VAL J 5 -27.37 -11.65 -2.32
CA VAL J 5 -26.66 -10.94 -1.27
C VAL J 5 -25.85 -9.80 -1.87
N ASP J 6 -25.98 -8.61 -1.29
CA ASP J 6 -25.26 -7.44 -1.78
C ASP J 6 -23.75 -7.71 -1.74
N PRO J 7 -23.09 -7.72 -2.92
CA PRO J 7 -21.67 -8.05 -2.91
C PRO J 7 -20.83 -7.01 -2.21
N ARG J 8 -21.36 -5.80 -2.12
CA ARG J 8 -20.66 -4.68 -1.51
C ARG J 8 -20.49 -4.89 0.00
N LEU J 9 -21.19 -5.87 0.55
CA LEU J 9 -20.98 -6.28 1.93
C LEU J 9 -19.61 -6.91 2.08
N GLU J 10 -18.95 -6.61 3.19
CA GLU J 10 -17.67 -7.23 3.51
C GLU J 10 -17.90 -8.71 3.81
N PRO J 11 -16.88 -9.55 3.58
CA PRO J 11 -17.07 -11.00 3.72
C PRO J 11 -17.61 -11.41 5.09
N TRP J 12 -17.13 -10.76 6.14
CA TRP J 12 -17.56 -11.08 7.50
C TRP J 12 -18.97 -10.55 7.79
N LYS J 13 -19.54 -9.82 6.85
CA LYS J 13 -20.88 -9.25 7.00
C LYS J 13 -21.96 -10.12 6.37
N HIS J 14 -21.56 -10.99 5.44
CA HIS J 14 -22.52 -11.80 4.70
C HIS J 14 -23.36 -12.68 5.63
N PRO J 15 -24.68 -12.77 5.35
CA PRO J 15 -25.55 -13.61 6.18
C PRO J 15 -25.23 -15.09 6.00
N GLY J 16 -25.56 -15.90 7.01
CA GLY J 16 -25.32 -17.33 6.94
C GLY J 16 -26.30 -18.01 6.00
N SER J 17 -25.87 -19.15 5.46
CA SER J 17 -26.64 -19.84 4.42
C SER J 17 -27.72 -20.75 5.00
N GLN J 18 -27.67 -21.00 6.30
CA GLN J 18 -28.61 -21.92 6.93
C GLN J 18 -30.05 -21.42 6.80
N PRO J 19 -30.93 -22.24 6.20
CA PRO J 19 -32.32 -21.80 6.09
C PRO J 19 -33.03 -21.69 7.44
N LYS J 20 -34.05 -20.86 7.53
CA LYS J 20 -34.76 -20.62 8.78
C LYS J 20 -35.43 -21.90 9.28
N THR J 21 -35.92 -22.72 8.36
CA THR J 21 -36.59 -23.96 8.71
C THR J 21 -35.75 -25.18 8.32
N ALA J 22 -35.90 -26.26 9.07
CA ALA J 22 -35.14 -27.49 8.84
C ALA J 22 -35.59 -28.18 7.55
N CYS J 23 -34.65 -28.84 6.88
CA CYS J 23 -34.96 -29.58 5.66
C CYS J 23 -35.81 -30.80 5.99
N THR J 24 -36.86 -31.01 5.19
CA THR J 24 -37.78 -32.12 5.40
C THR J 24 -37.53 -33.25 4.40
N ASN J 25 -38.43 -34.22 4.40
CA ASN J 25 -38.41 -35.32 3.43
C ASN J 25 -39.61 -35.24 2.49
N CYS J 26 -40.47 -34.24 2.71
CA CYS J 26 -41.59 -34.00 1.81
C CYS J 26 -41.06 -33.59 0.44
N TYR J 27 -41.79 -34.00 -0.60
CA TYR J 27 -41.39 -33.73 -1.98
C TYR J 27 -42.37 -32.79 -2.68
N CYS J 28 -43.15 -32.06 -1.90
CA CYS J 28 -44.04 -31.06 -2.47
C CYS J 28 -43.21 -29.95 -3.12
N LYS J 29 -43.87 -29.12 -3.92
CA LYS J 29 -43.19 -28.05 -4.65
C LYS J 29 -42.40 -27.14 -3.69
N LYS J 30 -43.05 -26.72 -2.60
CA LYS J 30 -42.40 -25.85 -1.61
C LYS J 30 -41.13 -26.47 -1.04
N CYS J 31 -41.16 -27.77 -0.79
CA CYS J 31 -40.04 -28.43 -0.12
C CYS J 31 -38.91 -28.76 -1.11
N CYS J 32 -39.22 -28.86 -2.39
CA CYS J 32 -38.21 -29.14 -3.39
C CYS J 32 -37.43 -27.88 -3.72
N PHE J 33 -37.98 -26.73 -3.36
CA PHE J 33 -37.32 -25.44 -3.53
C PHE J 33 -37.14 -24.76 -2.18
N HIS J 34 -37.03 -25.59 -1.14
CA HIS J 34 -36.78 -25.11 0.22
C HIS J 34 -35.47 -24.36 0.31
N CYS J 35 -34.43 -24.92 -0.29
CA CYS J 35 -33.11 -24.34 -0.27
C CYS J 35 -32.27 -24.94 -1.38
N GLN J 36 -31.03 -24.49 -1.51
CA GLN J 36 -30.16 -24.96 -2.59
C GLN J 36 -29.95 -26.46 -2.49
N VAL J 37 -29.74 -26.95 -1.27
CA VAL J 37 -29.50 -28.36 -1.04
C VAL J 37 -30.68 -29.19 -1.50
N CYS J 38 -31.88 -28.78 -1.09
CA CYS J 38 -33.10 -29.48 -1.45
C CYS J 38 -33.31 -29.50 -2.96
N PHE J 39 -33.13 -28.35 -3.60
CA PHE J 39 -33.28 -28.26 -5.05
C PHE J 39 -32.33 -29.20 -5.78
N ILE J 40 -31.06 -29.20 -5.38
CA ILE J 40 -30.07 -30.02 -6.05
C ILE J 40 -30.34 -31.50 -5.79
N THR J 41 -30.73 -31.86 -4.57
CA THR J 41 -30.93 -33.25 -4.23
C THR J 41 -32.32 -33.76 -4.61
N LYS J 42 -33.36 -33.05 -4.21
CA LYS J 42 -34.72 -33.50 -4.50
C LYS J 42 -35.10 -33.27 -5.95
N ALA J 43 -35.07 -32.02 -6.41
CA ALA J 43 -35.58 -31.69 -7.73
C ALA J 43 -34.69 -32.22 -8.86
N LEU J 44 -33.38 -32.22 -8.66
CA LEU J 44 -32.43 -32.64 -9.69
C LEU J 44 -31.82 -34.01 -9.41
N GLY J 45 -32.13 -34.60 -8.25
CA GLY J 45 -31.75 -35.97 -7.97
C GLY J 45 -30.27 -36.23 -7.75
N ILE J 46 -29.51 -35.21 -7.36
CA ILE J 46 -28.08 -35.34 -7.12
C ILE J 46 -27.78 -35.58 -5.64
N SER J 47 -27.05 -36.64 -5.33
CA SER J 47 -26.66 -36.91 -3.94
C SER J 47 -25.23 -37.40 -3.83
N TYR J 48 -24.59 -37.09 -2.71
CA TYR J 48 -23.22 -37.51 -2.45
C TYR J 48 -23.23 -38.84 -1.69
N GLY J 49 -24.28 -39.03 -0.90
CA GLY J 49 -24.51 -40.28 -0.19
C GLY J 49 -25.17 -41.32 -1.08
N ARG J 50 -25.16 -42.58 -0.63
CA ARG J 50 -25.69 -43.68 -1.43
C ARG J 50 -27.21 -43.64 -1.44
C ACE K 1 47.25 -28.72 28.73
O ACE K 1 46.30 -29.40 29.12
CH3 ACE K 1 47.95 -29.02 27.43
H1 ACE K 1 47.93 -28.14 26.79
H2 ACE K 1 49.00 -29.29 27.63
H3 ACE K 1 47.47 -29.85 26.93
N MET K 2 47.93 -27.90 29.51
CA MET K 2 47.45 -27.46 30.82
C MET K 2 46.56 -26.22 30.69
N GLU K 3 47.00 -25.26 29.89
CA GLU K 3 46.31 -23.96 29.77
C GLU K 3 45.34 -23.95 28.59
N PRO K 4 44.07 -23.56 28.84
CA PRO K 4 43.10 -23.52 27.74
C PRO K 4 43.51 -22.61 26.59
N VAL K 5 43.03 -22.92 25.39
CA VAL K 5 43.26 -22.09 24.21
C VAL K 5 41.94 -21.89 23.47
N ASP K 6 41.64 -20.64 23.13
CA ASP K 6 40.40 -20.30 22.43
C ASP K 6 40.34 -21.01 21.07
N PRO K 7 39.32 -21.88 20.88
CA PRO K 7 39.26 -22.63 19.61
C PRO K 7 39.01 -21.74 18.40
N ARG K 8 38.46 -20.56 18.63
CA ARG K 8 38.12 -19.65 17.54
C ARG K 8 39.36 -19.11 16.84
N LEU K 9 40.53 -19.31 17.46
CA LEU K 9 41.81 -19.01 16.81
C LEU K 9 42.11 -19.97 15.68
N GLU K 10 42.61 -19.44 14.57
CA GLU K 10 43.08 -20.29 13.48
C GLU K 10 44.39 -20.96 13.90
N PRO K 11 44.68 -22.15 13.32
CA PRO K 11 45.80 -22.98 13.79
C PRO K 11 47.17 -22.28 13.87
N TRP K 12 47.48 -21.43 12.90
CA TRP K 12 48.79 -20.79 12.88
C TRP K 12 48.92 -19.68 13.94
N LYS K 13 47.82 -19.37 14.60
CA LYS K 13 47.82 -18.33 15.64
C LYS K 13 47.94 -18.93 17.05
N HIS K 14 47.68 -20.22 17.18
CA HIS K 14 47.71 -20.88 18.47
C HIS K 14 49.09 -20.71 19.12
N PRO K 15 49.12 -20.45 20.43
CA PRO K 15 50.41 -20.32 21.12
C PRO K 15 51.19 -21.62 21.16
N GLY K 16 52.50 -21.52 21.28
CA GLY K 16 53.34 -22.71 21.36
C GLY K 16 53.19 -23.43 22.68
N SER K 17 53.47 -24.73 22.69
CA SER K 17 53.24 -25.57 23.86
C SER K 17 54.39 -25.52 24.85
N GLN K 18 55.52 -24.95 24.43
CA GLN K 18 56.70 -24.89 25.27
C GLN K 18 56.39 -24.09 26.54
N PRO K 19 56.58 -24.70 27.73
CA PRO K 19 56.27 -23.94 28.93
C PRO K 19 57.21 -22.75 29.13
N LYS K 20 56.72 -21.74 29.83
CA LYS K 20 57.46 -20.48 29.99
C LYS K 20 58.73 -20.69 30.80
N THR K 21 58.66 -21.59 31.79
CA THR K 21 59.80 -21.89 32.65
C THR K 21 60.30 -23.30 32.34
N ALA K 22 61.60 -23.52 32.52
CA ALA K 22 62.19 -24.82 32.21
C ALA K 22 61.72 -25.91 33.18
N CYS K 23 61.59 -27.13 32.66
CA CYS K 23 61.19 -28.28 33.46
C CYS K 23 62.32 -28.67 34.40
N THR K 24 61.98 -29.00 35.65
CA THR K 24 62.99 -29.35 36.64
C THR K 24 63.08 -30.86 36.80
N ASN K 25 63.85 -31.30 37.80
CA ASN K 25 63.98 -32.72 38.12
C ASN K 25 63.35 -33.04 39.47
N CYS K 26 62.86 -32.02 40.16
CA CYS K 26 62.13 -32.20 41.41
C CYS K 26 60.82 -32.93 41.16
N TYR K 27 60.40 -33.74 42.13
CA TYR K 27 59.19 -34.55 41.99
C TYR K 27 58.10 -34.12 42.98
N CYS K 28 58.23 -32.92 43.54
CA CYS K 28 57.22 -32.39 44.45
C CYS K 28 55.93 -32.07 43.73
N LYS K 29 54.89 -31.78 44.52
CA LYS K 29 53.56 -31.44 44.02
C LYS K 29 53.63 -30.35 42.97
N LYS K 30 54.36 -29.28 43.28
CA LYS K 30 54.52 -28.13 42.40
C LYS K 30 55.11 -28.49 41.04
N CYS K 31 56.10 -29.38 41.05
CA CYS K 31 56.84 -29.73 39.85
C CYS K 31 56.10 -30.75 38.99
N CYS K 32 55.18 -31.49 39.60
CA CYS K 32 54.43 -32.52 38.90
C CYS K 32 53.33 -31.91 38.04
N PHE K 33 53.00 -30.64 38.29
CA PHE K 33 52.00 -29.94 37.48
C PHE K 33 52.64 -28.74 36.78
N HIS K 34 53.94 -28.82 36.55
CA HIS K 34 54.65 -27.82 35.79
C HIS K 34 54.11 -27.75 34.37
N CYS K 35 53.97 -28.90 33.74
CA CYS K 35 53.47 -29.01 32.37
C CYS K 35 52.97 -30.42 32.13
N GLN K 36 52.45 -30.65 30.92
CA GLN K 36 51.87 -31.95 30.59
C GLN K 36 52.89 -33.08 30.68
N VAL K 37 54.11 -32.83 30.19
CA VAL K 37 55.15 -33.85 30.23
C VAL K 37 55.52 -34.21 31.65
N CYS K 38 55.69 -33.20 32.51
CA CYS K 38 56.03 -33.45 33.90
C CYS K 38 54.95 -34.29 34.58
N PHE K 39 53.69 -33.93 34.36
CA PHE K 39 52.58 -34.66 34.96
C PHE K 39 52.54 -36.12 34.51
N ILE K 40 52.70 -36.37 33.21
CA ILE K 40 52.64 -37.73 32.70
C ILE K 40 53.81 -38.57 33.20
N THR K 41 55.00 -37.96 33.24
CA THR K 41 56.21 -38.68 33.63
C THR K 41 56.39 -38.74 35.14
N LYS K 42 56.32 -37.58 35.81
CA LYS K 42 56.57 -37.51 37.25
C LYS K 42 55.40 -38.05 38.05
N ALA K 43 54.22 -37.48 37.86
CA ALA K 43 53.06 -37.85 38.67
C ALA K 43 52.51 -39.23 38.30
N LEU K 44 52.49 -39.57 37.01
CA LEU K 44 51.90 -40.83 36.55
C LEU K 44 52.92 -41.90 36.14
N GLY K 45 54.21 -41.55 36.14
CA GLY K 45 55.24 -42.55 35.96
C GLY K 45 55.34 -43.19 34.59
N ILE K 46 54.82 -42.52 33.57
CA ILE K 46 54.87 -43.03 32.21
C ILE K 46 56.05 -42.41 31.45
N SER K 47 56.92 -43.25 30.91
CA SER K 47 58.06 -42.79 30.12
C SER K 47 58.25 -43.66 28.90
N TYR K 48 58.81 -43.08 27.84
CA TYR K 48 59.03 -43.79 26.59
C TYR K 48 60.41 -44.46 26.53
N GLY K 49 61.39 -43.89 27.22
CA GLY K 49 62.69 -44.49 27.35
C GLY K 49 63.50 -44.56 26.06
N ARG K 50 64.81 -44.76 26.21
CA ARG K 50 65.72 -44.74 25.07
C ARG K 50 65.64 -46.04 24.27
C ACE L 1 -14.98 46.06 -0.52
O ACE L 1 -14.15 45.70 -1.37
CH3 ACE L 1 -16.36 46.53 -0.88
H1 ACE L 1 -17.10 45.87 -0.42
H2 ACE L 1 -16.50 47.55 -0.52
H3 ACE L 1 -16.47 46.51 -1.96
N MET L 2 -14.79 45.88 0.79
CA MET L 2 -13.53 45.47 1.39
C MET L 2 -13.49 43.98 1.66
N GLU L 3 -14.58 43.46 2.25
CA GLU L 3 -14.64 42.09 2.73
C GLU L 3 -15.25 41.16 1.69
N PRO L 4 -14.57 40.03 1.38
CA PRO L 4 -15.11 39.10 0.38
C PRO L 4 -16.49 38.54 0.71
N VAL L 5 -17.23 38.18 -0.33
CA VAL L 5 -18.53 37.53 -0.19
C VAL L 5 -18.61 36.34 -1.13
N ASP L 6 -19.01 35.19 -0.60
CA ASP L 6 -19.13 33.97 -1.39
C ASP L 6 -20.10 34.17 -2.55
N PRO L 7 -19.62 34.02 -3.80
CA PRO L 7 -20.54 34.26 -4.93
C PRO L 7 -21.66 33.24 -5.01
N ARG L 8 -21.45 32.06 -4.44
CA ARG L 8 -22.44 30.99 -4.51
C ARG L 8 -23.71 31.32 -3.72
N LEU L 9 -23.63 32.35 -2.87
CA LEU L 9 -24.82 32.85 -2.19
C LEU L 9 -25.78 33.49 -3.18
N GLU L 10 -27.07 33.25 -3.00
CA GLU L 10 -28.08 33.91 -3.80
C GLU L 10 -28.13 35.38 -3.42
N PRO L 11 -28.54 36.25 -4.36
CA PRO L 11 -28.44 37.70 -4.14
C PRO L 11 -29.11 38.20 -2.87
N TRP L 12 -30.26 37.64 -2.51
CA TRP L 12 -30.99 38.08 -1.33
C TRP L 12 -30.32 37.60 -0.04
N LYS L 13 -29.28 36.77 -0.17
CA LYS L 13 -28.58 36.23 0.98
C LYS L 13 -27.34 37.04 1.30
N HIS L 14 -26.86 37.80 0.32
CA HIS L 14 -25.62 38.55 0.48
C HIS L 14 -25.72 39.52 1.67
N PRO L 15 -24.64 39.62 2.47
CA PRO L 15 -24.66 40.53 3.62
C PRO L 15 -24.71 41.99 3.20
N GLY L 16 -25.22 42.85 4.08
CA GLY L 16 -25.28 44.28 3.80
C GLY L 16 -23.90 44.90 3.87
N SER L 17 -23.71 46.02 3.16
CA SER L 17 -22.40 46.65 3.04
C SER L 17 -22.11 47.60 4.20
N GLN L 18 -23.13 47.91 4.99
CA GLN L 18 -22.99 48.88 6.09
C GLN L 18 -21.97 48.39 7.12
N PRO L 19 -20.93 49.19 7.40
CA PRO L 19 -19.91 48.82 8.39
C PRO L 19 -20.45 48.74 9.81
N LYS L 20 -19.77 47.99 10.68
CA LYS L 20 -20.24 47.79 12.05
C LYS L 20 -20.35 49.09 12.81
N THR L 21 -19.38 49.97 12.59
CA THR L 21 -19.33 51.27 13.25
C THR L 21 -19.55 52.40 12.24
N ALA L 22 -20.10 53.52 12.71
CA ALA L 22 -20.35 54.66 11.84
C ALA L 22 -19.04 55.29 11.39
N CYS L 23 -19.04 55.82 10.16
CA CYS L 23 -17.84 56.46 9.61
C CYS L 23 -17.56 57.78 10.31
N THR L 24 -16.28 58.00 10.62
CA THR L 24 -15.85 59.18 11.36
C THR L 24 -15.24 60.24 10.44
N ASN L 25 -14.65 61.26 11.06
CA ASN L 25 -13.96 62.33 10.35
C ASN L 25 -12.46 62.28 10.57
N CYS L 26 -12.02 61.33 11.39
CA CYS L 26 -10.60 61.08 11.62
C CYS L 26 -9.92 60.63 10.33
N TYR L 27 -8.66 61.03 10.17
CA TYR L 27 -7.88 60.70 8.98
C TYR L 27 -6.71 59.79 9.32
N CYS L 28 -6.78 59.16 10.48
CA CYS L 28 -5.75 58.20 10.88
C CYS L 28 -5.83 56.97 9.98
N LYS L 29 -4.79 56.13 10.04
CA LYS L 29 -4.69 54.96 9.18
C LYS L 29 -5.94 54.07 9.29
N LYS L 30 -6.35 53.80 10.51
CA LYS L 30 -7.54 52.98 10.77
C LYS L 30 -8.77 53.58 10.09
N CYS L 31 -8.84 54.90 10.10
CA CYS L 31 -10.03 55.61 9.62
C CYS L 31 -10.06 55.73 8.10
N CYS L 32 -8.88 55.67 7.48
CA CYS L 32 -8.78 55.78 6.02
C CYS L 32 -9.11 54.46 5.34
N PHE L 33 -9.07 53.38 6.10
CA PHE L 33 -9.41 52.05 5.58
C PHE L 33 -10.59 51.48 6.37
N HIS L 34 -11.40 52.37 6.91
CA HIS L 34 -12.62 51.99 7.62
C HIS L 34 -13.56 51.22 6.71
N CYS L 35 -13.75 51.74 5.50
CA CYS L 35 -14.66 51.16 4.53
C CYS L 35 -14.31 51.67 3.14
N GLN L 36 -15.06 51.22 2.14
CA GLN L 36 -14.80 51.60 0.76
C GLN L 36 -14.91 53.12 0.58
N VAL L 37 -15.93 53.71 1.19
CA VAL L 37 -16.15 55.15 1.10
C VAL L 37 -14.99 55.93 1.68
N CYS L 38 -14.57 55.54 2.88
CA CYS L 38 -13.45 56.21 3.55
C CYS L 38 -12.21 56.11 2.68
N PHE L 39 -11.93 54.92 2.16
CA PHE L 39 -10.77 54.73 1.32
C PHE L 39 -10.82 55.61 0.07
N ILE L 40 -11.98 55.63 -0.60
CA ILE L 40 -12.11 56.42 -1.82
C ILE L 40 -12.08 57.93 -1.53
N THR L 41 -12.72 58.34 -0.43
CA THR L 41 -12.83 59.76 -0.11
C THR L 41 -11.61 60.29 0.65
N LYS L 42 -11.25 59.62 1.74
CA LYS L 42 -10.14 60.09 2.57
C LYS L 42 -8.78 59.78 1.93
N ALA L 43 -8.52 58.51 1.66
CA ALA L 43 -7.20 58.10 1.16
C ALA L 43 -6.94 58.54 -0.28
N LEU L 44 -7.98 58.49 -1.13
CA LEU L 44 -7.80 58.79 -2.55
C LEU L 44 -8.37 60.16 -2.95
N GLY L 45 -9.00 60.85 -2.01
CA GLY L 45 -9.40 62.24 -2.20
C GLY L 45 -10.53 62.50 -3.18
N ILE L 46 -11.36 61.49 -3.45
CA ILE L 46 -12.50 61.64 -4.36
C ILE L 46 -13.78 61.94 -3.59
N SER L 47 -14.47 63.01 -3.96
CA SER L 47 -15.73 63.35 -3.33
C SER L 47 -16.75 63.79 -4.37
N TYR L 48 -18.02 63.52 -4.09
CA TYR L 48 -19.10 63.88 -5.00
C TYR L 48 -19.63 65.26 -4.63
N GLY L 49 -19.55 65.59 -3.35
CA GLY L 49 -19.90 66.93 -2.90
C GLY L 49 -18.68 67.82 -3.02
N ARG L 50 -18.91 69.13 -3.01
CA ARG L 50 -17.84 70.10 -3.22
C ARG L 50 -16.99 70.28 -1.97
O5' ADN M . 8.97 -11.39 12.23
C5' ADN M . 9.48 -10.43 13.13
C4' ADN M . 10.97 -10.61 13.38
O4' ADN M . 11.58 -11.14 12.16
C3' ADN M . 11.74 -9.33 13.73
O3' ADN M . 12.78 -9.64 14.64
C2' ADN M . 12.34 -8.93 12.38
O2' ADN M . 13.50 -8.15 12.48
C1' ADN M . 12.63 -10.30 11.76
N9 ADN M . 12.67 -10.29 10.30
C8 ADN M . 11.71 -10.70 9.58
N7 ADN M . 12.05 -10.55 8.29
C5 ADN M . 13.31 -10.01 8.26
C6 ADN M . 14.23 -9.61 7.27
N6 ADN M . 13.89 -9.76 5.86
N1 ADN M . 15.41 -9.10 7.65
C2 ADN M . 15.72 -8.96 8.93
N3 ADN M . 14.89 -9.33 9.92
C4 ADN M . 13.70 -9.84 9.63
O5' ADN N . 44.91 -28.01 -13.28
C5' ADN N . 45.52 -27.22 -14.30
C4' ADN N . 45.37 -27.85 -15.67
O4' ADN N . 44.80 -29.19 -15.52
C3' ADN N . 44.45 -27.11 -16.63
O3' ADN N . 44.94 -27.23 -17.96
C2' ADN N . 43.13 -27.86 -16.50
O2' ADN N . 42.28 -27.76 -17.63
C1' ADN N . 43.63 -29.29 -16.29
N9 ADN N . 42.68 -30.15 -15.57
C8 ADN N . 42.82 -30.46 -14.34
N7 ADN N . 41.78 -31.24 -13.99
C5 ADN N . 40.99 -31.41 -15.10
C6 ADN N . 39.80 -32.09 -15.41
N6 ADN N . 39.11 -32.86 -14.39
N1 ADN N . 39.31 -32.01 -16.65
C2 ADN N . 39.93 -31.30 -17.60
N3 ADN N . 41.06 -30.63 -17.36
C4 ADN N . 41.62 -30.65 -16.15
O5' ADN O . -51.97 37.38 -17.98
C5' ADN O . -53.07 36.48 -17.96
C4' ADN O . -54.09 36.82 -19.02
O4' ADN O . -53.41 37.34 -20.20
C3' ADN O . -54.95 35.65 -19.51
O3' ADN O . -56.28 36.10 -19.76
C2' ADN O . -54.29 35.25 -20.82
O2' ADN O . -55.15 34.62 -21.74
C1' ADN O . -53.81 36.61 -21.34
N9 ADN O . -52.67 36.51 -22.26
C8 ADN O . -51.50 36.94 -21.97
N7 ADN O . -50.71 36.70 -23.02
C5 ADN O . -51.48 36.09 -24.00
C6 ADN O . -51.27 35.59 -25.28
N6 ADN O . -49.94 35.67 -25.90
N1 ADN O . -52.29 35.05 -25.94
C2 ADN O . -53.51 34.97 -25.40
N3 ADN O . -53.76 35.42 -24.17
C4 ADN O . -52.79 35.98 -23.44
ZN ZN P . -33.63 -27.59 2.48
ZN ZN Q . -43.79 -30.03 2.25
ZN ZN R . 57.39 -29.53 32.81
ZN ZN S . 59.84 -28.64 43.20
ZN ZN T . -16.01 54.46 6.36
ZN ZN U . -9.35 57.26 14.27
#